data_2RSF
#
_entry.id   2RSF
#
loop_
_entity.id
_entity.type
_entity.pdbx_description
1 polymer 'E3 ubiquitin-protein ligase RNF146'
2 non-polymer "ADENOSINE-5'-TRIPHOSPHATE"
#
_entity_poly.entity_id   1
_entity_poly.type   'polypeptide(L)'
_entity_poly.pdbx_seq_one_letter_code
;PSSGSSGFLDKPTLLSPEELKAASRGNGEYAWYYEGRNGWWQYDERTSRELEDAFSKGKKNTEMLIAGFLYVADLENMVQ
YRRNEHGRRRKIKRDIIDIPKKGVSGPSSG
;
_entity_poly.pdbx_strand_id   A
#
loop_
_chem_comp.id
_chem_comp.type
_chem_comp.name
_chem_comp.formula
ATP non-polymer ADENOSINE-5'-TRIPHOSPHATE 'C10 H16 N5 O13 P3'
#
# COMPACT_ATOMS: atom_id res chain seq x y z
N PRO A 1 -18.51 -4.67 -27.42
CA PRO A 1 -18.33 -3.42 -26.65
C PRO A 1 -17.14 -3.48 -25.67
N SER A 2 -16.58 -2.32 -25.32
CA SER A 2 -15.39 -2.16 -24.45
C SER A 2 -15.22 -0.71 -23.98
N SER A 3 -14.38 -0.47 -22.97
CA SER A 3 -14.13 0.87 -22.39
C SER A 3 -12.81 0.90 -21.59
N GLY A 4 -12.18 2.07 -21.51
CA GLY A 4 -11.04 2.31 -20.62
C GLY A 4 -11.42 2.27 -19.13
N SER A 5 -12.71 2.39 -18.81
CA SER A 5 -13.25 2.24 -17.45
C SER A 5 -13.42 0.76 -17.02
N SER A 6 -13.21 -0.20 -17.92
CA SER A 6 -13.30 -1.65 -17.61
C SER A 6 -12.03 -2.21 -16.91
N GLY A 7 -10.99 -1.38 -16.72
CA GLY A 7 -9.74 -1.71 -16.02
C GLY A 7 -9.28 -0.62 -15.04
N PHE A 8 -8.23 -0.94 -14.28
CA PHE A 8 -7.58 -0.03 -13.33
C PHE A 8 -6.66 0.99 -14.04
N LEU A 9 -6.21 2.02 -13.29
CA LEU A 9 -5.34 3.09 -13.75
C LEU A 9 -4.40 3.54 -12.61
N ASP A 10 -3.14 3.82 -12.96
CA ASP A 10 -2.07 4.18 -12.02
C ASP A 10 -1.77 5.70 -12.03
N LYS A 11 -1.25 6.18 -10.90
CA LYS A 11 -0.68 7.52 -10.73
C LYS A 11 0.54 7.79 -11.65
N PRO A 12 0.87 9.07 -11.92
CA PRO A 12 1.92 9.46 -12.86
C PRO A 12 3.32 9.08 -12.36
N THR A 13 4.29 9.21 -13.28
CA THR A 13 5.66 8.71 -13.17
C THR A 13 6.51 9.25 -14.34
N LEU A 14 7.77 8.82 -14.36
CA LEU A 14 8.76 9.04 -15.41
C LEU A 14 8.98 7.76 -16.23
N LEU A 15 8.50 6.61 -15.71
CA LEU A 15 8.58 5.29 -16.34
C LEU A 15 7.50 5.07 -17.42
N SER A 16 7.39 3.83 -17.87
CA SER A 16 6.51 3.34 -18.93
C SER A 16 5.46 2.38 -18.39
N PRO A 17 4.35 2.16 -19.12
CA PRO A 17 3.27 1.26 -18.73
C PRO A 17 3.73 -0.19 -18.57
N GLU A 18 4.78 -0.59 -19.29
CA GLU A 18 5.39 -1.92 -19.20
C GLU A 18 6.40 -2.08 -18.03
N GLU A 19 6.82 -0.99 -17.39
CA GLU A 19 7.72 -1.00 -16.22
C GLU A 19 6.93 -1.15 -14.93
N LEU A 20 5.92 -0.30 -14.74
CA LEU A 20 5.03 -0.26 -13.57
C LEU A 20 4.32 -1.61 -13.36
N LYS A 21 3.73 -2.13 -14.44
CA LYS A 21 3.13 -3.47 -14.44
C LYS A 21 4.16 -4.57 -14.10
N ALA A 22 5.40 -4.48 -14.60
CA ALA A 22 6.43 -5.49 -14.33
C ALA A 22 6.96 -5.45 -12.89
N ALA A 23 7.07 -4.25 -12.30
CA ALA A 23 7.44 -4.06 -10.89
C ALA A 23 6.44 -4.69 -9.92
N SER A 24 5.16 -4.77 -10.29
CA SER A 24 4.10 -5.39 -9.51
C SER A 24 3.99 -6.90 -9.76
N ARG A 25 3.76 -7.29 -11.02
CA ARG A 25 3.52 -8.66 -11.45
C ARG A 25 4.75 -9.59 -11.35
N GLY A 26 5.95 -9.03 -11.17
CA GLY A 26 7.20 -9.77 -10.93
C GLY A 26 7.27 -10.42 -9.55
N ASN A 27 6.41 -10.01 -8.60
CA ASN A 27 6.31 -10.61 -7.26
C ASN A 27 4.86 -10.90 -6.82
N GLY A 28 3.93 -9.96 -7.02
CA GLY A 28 2.52 -10.09 -6.62
C GLY A 28 2.27 -9.75 -5.15
N GLU A 29 3.29 -9.21 -4.48
CA GLU A 29 3.27 -8.71 -3.10
C GLU A 29 2.79 -7.24 -3.04
N TYR A 30 2.78 -6.65 -1.84
CA TYR A 30 2.35 -5.27 -1.60
C TYR A 30 2.66 -4.78 -0.16
N ALA A 31 2.88 -3.47 -0.04
CA ALA A 31 3.11 -2.76 1.21
C ALA A 31 2.66 -1.30 1.09
N TRP A 32 2.36 -0.68 2.25
CA TRP A 32 2.07 0.76 2.37
C TRP A 32 3.14 1.45 3.21
N TYR A 33 3.40 2.72 2.89
CA TYR A 33 4.41 3.55 3.55
C TYR A 33 3.92 4.98 3.80
N TYR A 34 4.55 5.69 4.73
CA TYR A 34 4.32 7.10 5.05
C TYR A 34 5.64 7.84 5.33
N GLU A 35 5.72 9.15 5.02
CA GLU A 35 6.95 9.92 5.25
C GLU A 35 7.10 10.34 6.71
N GLY A 36 8.10 9.80 7.39
CA GLY A 36 8.56 10.24 8.72
C GLY A 36 9.76 11.18 8.63
N ARG A 37 10.45 11.38 9.75
CA ARG A 37 11.60 12.30 9.88
C ARG A 37 12.75 11.96 8.91
N ASN A 38 13.08 10.67 8.79
CA ASN A 38 14.28 10.17 8.09
C ASN A 38 14.00 9.53 6.71
N GLY A 39 12.74 9.41 6.31
CA GLY A 39 12.29 8.85 5.02
C GLY A 39 10.95 8.12 5.09
N TRP A 40 10.64 7.34 4.07
CA TRP A 40 9.47 6.45 4.04
C TRP A 40 9.61 5.28 5.04
N TRP A 41 8.57 5.04 5.84
CA TRP A 41 8.49 3.95 6.81
C TRP A 41 7.19 3.15 6.65
N GLN A 42 7.27 1.83 6.81
CA GLN A 42 6.19 0.89 6.47
C GLN A 42 5.12 0.81 7.57
N TYR A 43 3.85 0.71 7.17
CA TYR A 43 2.73 0.40 8.08
C TYR A 43 2.77 -1.04 8.63
N ASP A 44 2.06 -1.28 9.74
CA ASP A 44 1.81 -2.63 10.25
C ASP A 44 0.91 -3.42 9.28
N GLU A 45 1.09 -4.74 9.24
CA GLU A 45 0.23 -5.64 8.43
C GLU A 45 -1.24 -5.67 8.92
N ARG A 46 -1.47 -5.28 10.18
CA ARG A 46 -2.79 -5.04 10.78
C ARG A 46 -3.52 -3.88 10.07
N THR A 47 -2.75 -2.84 9.75
CA THR A 47 -3.18 -1.53 9.26
C THR A 47 -3.17 -1.43 7.74
N SER A 48 -2.08 -1.82 7.08
CA SER A 48 -1.92 -1.66 5.62
C SER A 48 -2.96 -2.44 4.81
N ARG A 49 -3.45 -3.57 5.35
CA ARG A 49 -4.55 -4.34 4.75
C ARG A 49 -5.86 -3.54 4.68
N GLU A 50 -6.07 -2.56 5.56
CA GLU A 50 -7.29 -1.73 5.55
C GLU A 50 -7.22 -0.71 4.41
N LEU A 51 -6.02 -0.15 4.21
CA LEU A 51 -5.69 0.80 3.14
C LEU A 51 -5.76 0.12 1.77
N GLU A 52 -5.20 -1.09 1.67
CA GLU A 52 -5.25 -1.95 0.49
C GLU A 52 -6.67 -2.39 0.11
N ASP A 53 -7.58 -2.53 1.09
CA ASP A 53 -8.97 -2.93 0.83
C ASP A 53 -9.82 -1.74 0.38
N ALA A 54 -9.48 -0.52 0.78
CA ALA A 54 -10.29 0.67 0.52
C ALA A 54 -10.37 1.06 -0.96
N PHE A 55 -9.24 1.08 -1.68
CA PHE A 55 -9.23 1.33 -3.13
C PHE A 55 -9.83 0.15 -3.92
N SER A 56 -9.88 -1.02 -3.30
CA SER A 56 -10.50 -2.24 -3.83
C SER A 56 -12.03 -2.26 -3.63
N LYS A 57 -12.53 -1.66 -2.54
CA LYS A 57 -13.95 -1.46 -2.26
C LYS A 57 -14.56 -0.37 -3.15
N GLY A 58 -13.84 0.74 -3.34
CA GLY A 58 -14.23 1.88 -4.16
C GLY A 58 -14.26 3.21 -3.41
N LYS A 59 -14.08 3.22 -2.09
CA LYS A 59 -13.98 4.46 -1.31
C LYS A 59 -12.74 5.30 -1.67
N LYS A 60 -12.85 6.61 -1.48
CA LYS A 60 -11.84 7.63 -1.80
C LYS A 60 -10.95 8.00 -0.60
N ASN A 61 -11.30 7.51 0.59
CA ASN A 61 -10.60 7.70 1.86
C ASN A 61 -11.11 6.69 2.90
N THR A 62 -10.20 6.19 3.73
CA THR A 62 -10.49 5.25 4.83
C THR A 62 -9.90 5.73 6.16
N GLU A 63 -10.09 4.97 7.23
CA GLU A 63 -9.73 5.31 8.60
C GLU A 63 -8.95 4.18 9.28
N MET A 64 -8.03 4.57 10.15
CA MET A 64 -7.08 3.67 10.83
C MET A 64 -6.66 4.20 12.20
N LEU A 65 -6.43 3.27 13.14
CA LEU A 65 -5.96 3.52 14.49
C LEU A 65 -4.46 3.22 14.60
N ILE A 66 -3.75 4.04 15.36
CA ILE A 66 -2.30 3.94 15.59
C ILE A 66 -1.96 3.79 17.09
N ALA A 67 -0.78 4.25 17.52
CA ALA A 67 -0.33 4.21 18.92
C ALA A 67 -1.22 4.96 19.93
N GLY A 68 -2.11 5.86 19.47
CA GLY A 68 -3.01 6.64 20.33
C GLY A 68 -3.95 7.62 19.62
N PHE A 69 -4.15 7.47 18.30
CA PHE A 69 -4.86 8.45 17.45
C PHE A 69 -5.57 7.77 16.26
N LEU A 70 -6.66 8.39 15.80
CA LEU A 70 -7.34 8.05 14.54
C LEU A 70 -6.78 8.94 13.43
N TYR A 71 -6.28 8.31 12.37
CA TYR A 71 -5.85 8.96 11.13
C TYR A 71 -6.76 8.57 9.96
N VAL A 72 -7.21 9.57 9.22
CA VAL A 72 -7.95 9.43 7.97
C VAL A 72 -6.91 9.33 6.85
N ALA A 73 -6.90 8.22 6.13
CA ALA A 73 -6.05 7.98 4.97
C ALA A 73 -6.81 8.32 3.69
N ASP A 74 -6.45 9.42 3.03
CA ASP A 74 -7.01 9.86 1.75
C ASP A 74 -6.27 9.19 0.59
N LEU A 75 -7.03 8.43 -0.21
CA LEU A 75 -6.52 7.63 -1.32
C LEU A 75 -6.39 8.44 -2.63
N GLU A 76 -7.07 9.57 -2.74
CA GLU A 76 -7.10 10.42 -3.95
C GLU A 76 -5.78 11.18 -4.13
N ASN A 77 -5.30 11.82 -3.06
CA ASN A 77 -4.05 12.58 -3.03
C ASN A 77 -2.89 11.77 -2.42
N MET A 78 -3.20 10.59 -1.86
CA MET A 78 -2.30 9.70 -1.11
C MET A 78 -1.64 10.46 0.06
N VAL A 79 -2.45 10.77 1.09
CA VAL A 79 -2.02 11.45 2.32
C VAL A 79 -2.77 10.93 3.56
N GLN A 80 -2.32 11.30 4.76
CA GLN A 80 -2.98 11.05 6.03
C GLN A 80 -3.17 12.36 6.83
N TYR A 81 -4.19 12.41 7.68
CA TYR A 81 -4.49 13.51 8.60
C TYR A 81 -5.46 13.09 9.73
N ARG A 82 -5.51 13.86 10.84
CA ARG A 82 -6.51 13.66 11.91
C ARG A 82 -7.90 14.14 11.46
N ARG A 83 -8.98 13.50 11.96
CA ARG A 83 -10.38 13.80 11.57
C ARG A 83 -10.79 15.28 11.67
N ASN A 84 -10.24 16.01 12.63
CA ASN A 84 -10.55 17.43 12.88
C ASN A 84 -9.72 18.42 12.01
N GLU A 85 -8.70 17.93 11.30
CA GLU A 85 -7.75 18.75 10.52
C GLU A 85 -8.08 18.69 9.02
N HIS A 86 -8.33 19.84 8.41
CA HIS A 86 -8.65 19.99 6.99
C HIS A 86 -7.41 20.28 6.09
N GLY A 87 -6.42 21.02 6.62
CA GLY A 87 -5.25 21.52 5.89
C GLY A 87 -4.02 20.64 6.04
N ARG A 88 -3.48 20.56 7.27
CA ARG A 88 -2.21 19.89 7.57
C ARG A 88 -2.31 18.38 7.37
N ARG A 89 -1.39 17.81 6.59
CA ARG A 89 -1.42 16.41 6.12
C ARG A 89 -0.02 15.89 5.78
N ARG A 90 0.19 14.59 5.94
CA ARG A 90 1.46 13.87 5.76
C ARG A 90 1.34 12.86 4.62
N LYS A 91 2.36 12.75 3.77
CA LYS A 91 2.36 11.89 2.58
C LYS A 91 2.37 10.38 2.89
N ILE A 92 1.59 9.60 2.11
CA ILE A 92 1.62 8.13 2.09
C ILE A 92 1.82 7.62 0.64
N LYS A 93 2.10 6.32 0.50
CA LYS A 93 2.22 5.63 -0.80
C LYS A 93 1.98 4.11 -0.71
N ARG A 94 1.79 3.47 -1.87
CA ARG A 94 1.83 2.01 -2.05
C ARG A 94 3.19 1.64 -2.65
N ASP A 95 3.66 0.42 -2.36
CA ASP A 95 4.87 -0.18 -2.93
C ASP A 95 4.77 -1.72 -2.95
N ILE A 96 5.83 -2.38 -3.42
CA ILE A 96 5.89 -3.82 -3.68
C ILE A 96 7.18 -4.39 -3.09
N ILE A 97 7.06 -5.57 -2.48
CA ILE A 97 8.21 -6.32 -1.93
C ILE A 97 8.85 -7.20 -3.01
N ASP A 98 10.18 -7.27 -2.99
CA ASP A 98 11.01 -7.98 -3.96
C ASP A 98 11.50 -9.38 -3.50
N ILE A 99 11.44 -9.65 -2.20
CA ILE A 99 11.77 -10.90 -1.48
C ILE A 99 13.30 -11.12 -1.35
N PRO A 100 13.82 -11.37 -0.13
CA PRO A 100 15.26 -11.58 0.11
C PRO A 100 15.70 -13.00 -0.26
N LYS A 101 17.02 -13.21 -0.32
CA LYS A 101 17.62 -14.53 -0.58
C LYS A 101 17.25 -15.59 0.47
N LYS A 102 16.89 -15.17 1.69
CA LYS A 102 16.37 -16.02 2.79
C LYS A 102 15.08 -16.79 2.41
N GLY A 103 14.38 -16.38 1.34
CA GLY A 103 13.23 -17.08 0.74
C GLY A 103 13.60 -18.33 -0.09
N VAL A 104 14.89 -18.57 -0.33
CA VAL A 104 15.43 -19.74 -1.04
C VAL A 104 16.30 -20.55 -0.08
N SER A 105 16.09 -21.86 -0.04
CA SER A 105 16.78 -22.80 0.87
C SER A 105 16.67 -24.27 0.39
N GLY A 106 17.52 -25.15 0.93
CA GLY A 106 17.58 -26.58 0.59
C GLY A 106 16.60 -27.47 1.40
N PRO A 107 16.67 -28.81 1.22
CA PRO A 107 15.85 -29.78 1.94
C PRO A 107 16.02 -29.70 3.47
N SER A 108 15.02 -30.18 4.20
CA SER A 108 14.97 -30.13 5.68
C SER A 108 16.03 -31.00 6.39
N SER A 109 16.76 -31.82 5.64
CA SER A 109 17.88 -32.66 6.13
C SER A 109 19.24 -31.93 6.14
N GLY A 110 19.33 -30.71 5.59
CA GLY A 110 20.55 -29.89 5.54
C GLY A 110 20.34 -28.51 4.91
PG ATP B . 6.21 15.63 12.82
O1G ATP B . 6.07 17.08 13.10
O2G ATP B . 7.53 15.07 13.18
O3G ATP B . 5.75 15.23 11.47
PB ATP B . 3.99 15.27 14.61
O1B ATP B . 3.07 16.10 13.79
O2B ATP B . 4.45 15.79 15.93
O3B ATP B . 5.24 14.89 13.78
PA ATP B . 1.88 13.51 14.77
O1A ATP B . 1.43 13.56 13.36
O2A ATP B . 1.08 14.21 15.80
O3A ATP B . 3.38 13.88 14.87
O5' ATP B . 1.93 11.96 15.17
C5' ATP B . 1.99 11.54 16.53
C4' ATP B . 2.55 10.12 16.69
O4' ATP B . 1.87 9.21 15.83
C3' ATP B . 4.05 10.05 16.38
O3' ATP B . 4.69 9.10 17.23
C2' ATP B . 4.04 9.59 14.92
O2' ATP B . 5.23 8.92 14.51
C1' ATP B . 2.81 8.67 14.90
N9 ATP B . 2.24 8.54 13.55
C8 ATP B . 1.96 9.53 12.64
N7 ATP B . 1.64 9.09 11.44
C5 ATP B . 1.65 7.70 11.62
C6 ATP B . 1.35 6.59 10.78
N6 ATP B . 1.03 6.66 9.51
N1 ATP B . 1.33 5.34 11.26
C2 ATP B . 1.65 5.18 12.54
N3 ATP B . 2.00 6.10 13.42
C4 ATP B . 1.98 7.36 12.90
H5'1 ATP B . 2.59 12.24 17.10
H5'2 ATP B . 0.97 11.56 16.94
H4' ATP B . 2.39 9.83 17.74
H3' ATP B . 4.53 11.03 16.47
HO3' ATP B . 5.50 8.82 16.79
H2' ATP B . 3.86 10.46 14.29
HO2' ATP B . 5.97 9.55 14.48
H1' ATP B . 3.13 7.68 15.26
H8 ATP B . 2.00 10.58 12.90
HN61 ATP B . 1.05 7.54 9.03
HN62 ATP B . 0.85 5.80 9.02
H2 ATP B . 1.58 4.16 12.91
N PRO A 1 -17.53 18.26 -17.79
CA PRO A 1 -16.85 17.85 -16.54
C PRO A 1 -15.88 16.67 -16.73
N SER A 2 -14.94 16.48 -15.79
CA SER A 2 -13.92 15.43 -15.81
C SER A 2 -13.27 15.26 -14.43
N SER A 3 -12.75 14.07 -14.13
CA SER A 3 -11.93 13.79 -12.94
C SER A 3 -10.45 14.21 -13.10
N GLY A 4 -10.01 14.51 -14.33
CA GLY A 4 -8.67 15.03 -14.64
C GLY A 4 -7.55 13.98 -14.67
N SER A 5 -7.87 12.69 -14.55
CA SER A 5 -6.89 11.60 -14.47
C SER A 5 -7.53 10.22 -14.79
N SER A 6 -6.71 9.17 -14.88
CA SER A 6 -7.12 7.79 -15.20
C SER A 6 -5.98 6.80 -14.86
N GLY A 7 -6.33 5.55 -14.52
CA GLY A 7 -5.38 4.48 -14.18
C GLY A 7 -4.77 4.65 -12.78
N PHE A 8 -3.48 4.32 -12.64
CA PHE A 8 -2.71 4.33 -11.40
C PHE A 8 -1.37 5.06 -11.58
N LEU A 9 -0.78 5.52 -10.46
CA LEU A 9 0.47 6.28 -10.43
C LEU A 9 1.68 5.39 -10.75
N ASP A 10 2.60 5.92 -11.57
CA ASP A 10 3.86 5.29 -12.00
C ASP A 10 4.91 6.37 -12.33
N LYS A 11 6.16 5.95 -12.53
CA LYS A 11 7.35 6.81 -12.67
C LYS A 11 8.16 6.52 -13.96
N PRO A 12 9.01 7.48 -14.41
CA PRO A 12 9.82 7.34 -15.61
C PRO A 12 10.96 6.33 -15.43
N THR A 13 11.56 5.97 -16.56
CA THR A 13 12.50 4.85 -16.74
C THR A 13 13.05 4.83 -18.17
N LEU A 14 13.93 3.86 -18.43
CA LEU A 14 14.59 3.58 -19.71
C LEU A 14 14.02 2.29 -20.35
N LEU A 15 13.37 1.44 -19.55
CA LEU A 15 12.83 0.14 -19.97
C LEU A 15 11.50 0.25 -20.72
N SER A 16 10.95 -0.91 -21.08
CA SER A 16 9.68 -1.10 -21.77
C SER A 16 8.51 -1.38 -20.79
N PRO A 17 7.27 -1.13 -21.20
CA PRO A 17 6.07 -1.36 -20.39
C PRO A 17 5.88 -2.83 -20.00
N GLU A 18 6.44 -3.76 -20.76
CA GLU A 18 6.39 -5.21 -20.50
C GLU A 18 7.51 -5.71 -19.56
N GLU A 19 8.53 -4.88 -19.28
CA GLU A 19 9.62 -5.19 -18.34
C GLU A 19 9.23 -4.82 -16.91
N LEU A 20 8.77 -3.58 -16.74
CA LEU A 20 8.41 -2.96 -15.46
C LEU A 20 7.25 -3.72 -14.79
N LYS A 21 6.20 -3.99 -15.58
CA LYS A 21 5.05 -4.78 -15.12
C LYS A 21 5.44 -6.24 -14.81
N ALA A 22 6.42 -6.82 -15.51
CA ALA A 22 6.94 -8.17 -15.23
C ALA A 22 7.81 -8.22 -13.96
N ALA A 23 8.59 -7.17 -13.67
CA ALA A 23 9.34 -7.05 -12.41
C ALA A 23 8.41 -6.99 -11.17
N SER A 24 7.25 -6.33 -11.33
CA SER A 24 6.23 -6.24 -10.29
C SER A 24 5.46 -7.57 -10.13
N ARG A 25 4.91 -8.11 -11.23
CA ARG A 25 4.11 -9.34 -11.25
C ARG A 25 4.92 -10.60 -10.90
N GLY A 26 6.21 -10.63 -11.25
CA GLY A 26 7.15 -11.72 -10.96
C GLY A 26 7.50 -11.83 -9.46
N ASN A 27 7.32 -10.75 -8.70
CA ASN A 27 7.38 -10.75 -7.24
C ASN A 27 5.99 -11.03 -6.64
N GLY A 28 5.02 -10.15 -6.90
CA GLY A 28 3.61 -10.32 -6.48
C GLY A 28 3.34 -9.93 -5.03
N GLU A 29 4.36 -9.43 -4.33
CA GLU A 29 4.28 -8.83 -3.01
C GLU A 29 3.70 -7.40 -3.06
N TYR A 30 3.61 -6.73 -1.91
CA TYR A 30 3.01 -5.40 -1.75
C TYR A 30 3.22 -4.82 -0.35
N ALA A 31 3.33 -3.49 -0.26
CA ALA A 31 3.47 -2.74 0.98
C ALA A 31 2.96 -1.30 0.83
N TRP A 32 2.49 -0.72 1.94
CA TRP A 32 2.17 0.70 2.08
C TRP A 32 3.21 1.39 2.97
N TYR A 33 3.49 2.66 2.68
CA TYR A 33 4.45 3.50 3.43
C TYR A 33 3.89 4.90 3.70
N TYR A 34 4.50 5.60 4.67
CA TYR A 34 4.19 6.98 5.04
C TYR A 34 5.49 7.77 5.36
N GLU A 35 5.52 9.08 5.11
CA GLU A 35 6.70 9.90 5.43
C GLU A 35 6.78 10.22 6.93
N GLY A 36 7.98 10.05 7.49
CA GLY A 36 8.38 10.49 8.82
C GLY A 36 9.69 11.28 8.80
N ARG A 37 10.27 11.51 9.99
CA ARG A 37 11.44 12.38 10.22
C ARG A 37 12.65 12.05 9.34
N ASN A 38 12.96 10.76 9.18
CA ASN A 38 14.17 10.26 8.50
C ASN A 38 13.93 9.65 7.10
N GLY A 39 12.68 9.57 6.63
CA GLY A 39 12.27 9.05 5.32
C GLY A 39 10.93 8.33 5.34
N TRP A 40 10.68 7.51 4.31
CA TRP A 40 9.53 6.60 4.25
C TRP A 40 9.65 5.44 5.25
N TRP A 41 8.55 5.13 5.95
CA TRP A 41 8.43 4.03 6.91
C TRP A 41 7.18 3.20 6.63
N GLN A 42 7.26 1.88 6.82
CA GLN A 42 6.23 0.93 6.38
C GLN A 42 5.10 0.78 7.43
N TYR A 43 3.86 0.65 6.97
CA TYR A 43 2.72 0.28 7.82
C TYR A 43 2.79 -1.19 8.28
N ASP A 44 2.14 -1.49 9.42
CA ASP A 44 1.95 -2.86 9.91
C ASP A 44 0.85 -3.57 9.11
N GLU A 45 0.87 -4.90 9.08
CA GLU A 45 -0.06 -5.73 8.31
C GLU A 45 -1.51 -5.69 8.83
N ARG A 46 -1.71 -5.27 10.10
CA ARG A 46 -3.05 -4.98 10.66
C ARG A 46 -3.69 -3.75 10.01
N THR A 47 -2.82 -2.80 9.66
CA THR A 47 -3.15 -1.44 9.20
C THR A 47 -3.17 -1.33 7.68
N SER A 48 -2.14 -1.80 6.98
CA SER A 48 -2.04 -1.69 5.53
C SER A 48 -3.14 -2.45 4.77
N ARG A 49 -3.69 -3.50 5.38
CA ARG A 49 -4.86 -4.19 4.84
C ARG A 49 -6.10 -3.29 4.76
N GLU A 50 -6.23 -2.29 5.65
CA GLU A 50 -7.38 -1.37 5.61
C GLU A 50 -7.30 -0.47 4.37
N LEU A 51 -6.08 -0.04 4.05
CA LEU A 51 -5.74 0.81 2.90
C LEU A 51 -5.90 0.04 1.58
N GLU A 52 -5.44 -1.22 1.55
CA GLU A 52 -5.65 -2.14 0.42
C GLU A 52 -7.14 -2.50 0.19
N ASP A 53 -7.94 -2.62 1.25
CA ASP A 53 -9.36 -3.02 1.15
C ASP A 53 -10.20 -1.86 0.61
N ALA A 54 -9.86 -0.65 1.03
CA ALA A 54 -10.56 0.58 0.71
C ALA A 54 -10.57 0.94 -0.79
N PHE A 55 -9.42 0.93 -1.47
CA PHE A 55 -9.38 1.19 -2.92
C PHE A 55 -10.07 0.05 -3.71
N SER A 56 -10.12 -1.14 -3.11
CA SER A 56 -10.80 -2.32 -3.67
C SER A 56 -12.33 -2.27 -3.48
N LYS A 57 -12.82 -1.67 -2.39
CA LYS A 57 -14.25 -1.43 -2.13
C LYS A 57 -14.82 -0.32 -3.03
N GLY A 58 -14.04 0.77 -3.21
CA GLY A 58 -14.40 1.92 -4.04
C GLY A 58 -14.37 3.25 -3.30
N LYS A 59 -14.19 3.26 -1.97
CA LYS A 59 -14.01 4.50 -1.22
C LYS A 59 -12.72 5.24 -1.59
N LYS A 60 -12.77 6.57 -1.47
CA LYS A 60 -11.69 7.49 -1.84
C LYS A 60 -10.79 7.89 -0.65
N ASN A 61 -11.14 7.42 0.55
CA ASN A 61 -10.44 7.65 1.82
C ASN A 61 -10.97 6.69 2.89
N THR A 62 -10.08 6.17 3.72
CA THR A 62 -10.40 5.25 4.83
C THR A 62 -9.77 5.69 6.16
N GLU A 63 -10.01 4.92 7.22
CA GLU A 63 -9.67 5.25 8.60
C GLU A 63 -8.88 4.13 9.27
N MET A 64 -7.96 4.52 10.17
CA MET A 64 -7.01 3.62 10.83
C MET A 64 -6.54 4.17 12.19
N LEU A 65 -6.26 3.25 13.11
CA LEU A 65 -5.77 3.53 14.47
C LEU A 65 -4.27 3.25 14.57
N ILE A 66 -3.58 4.07 15.35
CA ILE A 66 -2.12 4.03 15.57
C ILE A 66 -1.75 3.91 17.06
N ALA A 67 -0.60 4.43 17.48
CA ALA A 67 -0.10 4.42 18.87
C ALA A 67 -1.03 5.11 19.89
N GLY A 68 -1.97 5.96 19.44
CA GLY A 68 -2.93 6.65 20.31
C GLY A 68 -3.94 7.58 19.61
N PHE A 69 -4.07 7.51 18.27
CA PHE A 69 -4.82 8.47 17.46
C PHE A 69 -5.47 7.81 16.23
N LEU A 70 -6.52 8.45 15.70
CA LEU A 70 -7.20 8.06 14.46
C LEU A 70 -6.65 8.93 13.33
N TYR A 71 -6.15 8.28 12.28
CA TYR A 71 -5.76 8.91 11.02
C TYR A 71 -6.70 8.52 9.88
N VAL A 72 -7.16 9.54 9.15
CA VAL A 72 -7.90 9.42 7.90
C VAL A 72 -6.86 9.38 6.78
N ALA A 73 -6.79 8.25 6.06
CA ALA A 73 -5.90 8.04 4.92
C ALA A 73 -6.68 8.29 3.62
N ASP A 74 -6.31 9.34 2.88
CA ASP A 74 -6.89 9.72 1.61
C ASP A 74 -6.16 9.03 0.45
N LEU A 75 -6.91 8.22 -0.32
CA LEU A 75 -6.41 7.35 -1.38
C LEU A 75 -6.27 8.08 -2.74
N GLU A 76 -6.77 9.31 -2.86
CA GLU A 76 -6.73 10.10 -4.10
C GLU A 76 -5.51 11.02 -4.16
N ASN A 77 -5.26 11.75 -3.06
CA ASN A 77 -4.14 12.67 -2.87
C ASN A 77 -2.90 11.96 -2.31
N MET A 78 -3.06 10.72 -1.83
CA MET A 78 -2.05 9.90 -1.14
C MET A 78 -1.47 10.63 0.08
N VAL A 79 -2.32 10.98 1.04
CA VAL A 79 -1.93 11.64 2.31
C VAL A 79 -2.72 11.08 3.50
N GLN A 80 -2.24 11.33 4.71
CA GLN A 80 -2.93 11.04 5.97
C GLN A 80 -3.06 12.29 6.84
N TYR A 81 -4.14 12.39 7.62
CA TYR A 81 -4.45 13.49 8.55
C TYR A 81 -5.41 13.06 9.66
N ARG A 82 -5.48 13.82 10.77
CA ARG A 82 -6.42 13.57 11.87
C ARG A 82 -7.84 14.07 11.50
N ARG A 83 -8.89 13.44 12.02
CA ARG A 83 -10.30 13.70 11.61
C ARG A 83 -10.76 15.16 11.65
N ASN A 84 -10.20 15.98 12.55
CA ASN A 84 -10.55 17.41 12.70
C ASN A 84 -9.63 18.37 11.90
N GLU A 85 -8.60 17.84 11.23
CA GLU A 85 -7.56 18.59 10.52
C GLU A 85 -7.77 18.57 8.99
N HIS A 86 -7.26 19.59 8.30
CA HIS A 86 -7.34 19.77 6.85
C HIS A 86 -6.00 20.22 6.20
N GLY A 87 -5.19 21.02 6.91
CA GLY A 87 -3.93 21.60 6.42
C GLY A 87 -2.73 20.71 6.69
N ARG A 88 -2.50 20.37 7.97
CA ARG A 88 -1.45 19.43 8.40
C ARG A 88 -1.79 18.02 7.92
N ARG A 89 -1.00 17.50 6.98
CA ARG A 89 -1.13 16.16 6.38
C ARG A 89 0.23 15.63 5.91
N ARG A 90 0.46 14.32 6.07
CA ARG A 90 1.72 13.64 5.76
C ARG A 90 1.51 12.69 4.57
N LYS A 91 2.44 12.67 3.63
CA LYS A 91 2.38 11.82 2.43
C LYS A 91 2.41 10.31 2.75
N ILE A 92 1.69 9.53 1.93
CA ILE A 92 1.74 8.06 1.90
C ILE A 92 2.07 7.58 0.47
N LYS A 93 2.37 6.29 0.32
CA LYS A 93 2.60 5.64 -0.99
C LYS A 93 2.33 4.12 -0.94
N ARG A 94 2.27 3.51 -2.12
CA ARG A 94 2.23 2.05 -2.33
C ARG A 94 3.52 1.60 -3.02
N ASP A 95 4.00 0.40 -2.70
CA ASP A 95 5.25 -0.18 -3.21
C ASP A 95 5.23 -1.72 -3.21
N ILE A 96 6.30 -2.32 -3.69
CA ILE A 96 6.48 -3.77 -3.88
C ILE A 96 7.79 -4.22 -3.24
N ILE A 97 7.76 -5.37 -2.57
CA ILE A 97 8.95 -6.03 -2.01
C ILE A 97 9.58 -6.99 -3.04
N ASP A 98 10.91 -7.02 -3.09
CA ASP A 98 11.70 -7.85 -4.02
C ASP A 98 12.32 -9.12 -3.41
N ILE A 99 12.39 -9.19 -2.07
CA ILE A 99 12.78 -10.34 -1.21
C ILE A 99 14.32 -10.62 -1.22
N PRO A 100 14.98 -10.72 -0.05
CA PRO A 100 16.40 -11.02 0.06
C PRO A 100 16.69 -12.51 -0.10
N LYS A 101 17.97 -12.84 -0.29
CA LYS A 101 18.43 -14.24 -0.36
C LYS A 101 18.13 -15.04 0.94
N LYS A 102 18.06 -14.35 2.09
CA LYS A 102 17.66 -14.91 3.39
C LYS A 102 16.23 -15.49 3.40
N GLY A 103 15.39 -15.10 2.43
CA GLY A 103 14.03 -15.62 2.22
C GLY A 103 13.94 -16.94 1.46
N VAL A 104 15.05 -17.42 0.88
CA VAL A 104 15.12 -18.71 0.17
C VAL A 104 15.27 -19.85 1.19
N SER A 105 14.27 -20.71 1.26
CA SER A 105 14.13 -21.80 2.24
C SER A 105 13.25 -22.95 1.71
N GLY A 106 13.42 -24.16 2.26
CA GLY A 106 12.59 -25.34 1.93
C GLY A 106 11.19 -25.31 2.60
N PRO A 107 10.25 -26.16 2.14
CA PRO A 107 8.89 -26.22 2.66
C PRO A 107 8.82 -26.89 4.03
N SER A 108 7.78 -26.57 4.81
CA SER A 108 7.54 -27.12 6.15
C SER A 108 7.00 -28.57 6.16
N SER A 109 6.75 -29.15 4.98
CA SER A 109 6.26 -30.52 4.80
C SER A 109 7.37 -31.59 4.78
N GLY A 110 8.64 -31.19 4.79
CA GLY A 110 9.81 -32.08 4.79
C GLY A 110 11.15 -31.34 4.86
PG ATP B . 1.16 14.21 13.38
O1G ATP B . 1.20 15.65 13.05
O2G ATP B . 2.04 13.38 12.54
O3G ATP B . -0.20 13.66 13.58
PB ATP B . 2.72 14.88 15.72
O1B ATP B . 2.03 16.04 16.33
O2B ATP B . 4.01 15.13 15.00
O3B ATP B . 1.76 14.07 14.79
PA ATP B . 2.48 13.42 18.20
O1A ATP B . 1.05 13.77 18.34
O2A ATP B . 3.43 13.83 19.26
O3A ATP B . 3.06 13.84 16.82
O5' ATP B . 2.56 11.81 18.12
C5' ATP B . 1.89 11.08 17.10
C4' ATP B . 2.71 9.85 16.70
O4' ATP B . 2.00 9.11 15.69
C3' ATP B . 4.08 10.24 16.11
O3' ATP B . 5.10 9.32 16.52
C2' ATP B . 3.80 10.10 14.61
O2' ATP B . 4.97 9.95 13.82
C1' ATP B . 2.90 8.86 14.63
N9 ATP B . 2.24 8.61 13.33
C8 ATP B . 1.97 9.49 12.32
N7 ATP B . 1.66 8.94 11.17
C5 ATP B . 1.66 7.57 11.48
C6 ATP B . 1.39 6.39 10.75
N6 ATP B . 1.10 6.33 9.47
N1 ATP B . 1.37 5.20 11.34
C2 ATP B . 1.66 5.15 12.63
N3 ATP B . 1.99 6.16 13.44
C4 ATP B . 1.97 7.36 12.80
H5'1 ATP B . 0.92 10.75 17.47
H5'2 ATP B . 1.72 11.71 16.21
H4' ATP B . 2.85 9.22 17.58
H3' ATP B . 4.36 11.27 16.35
HO3' ATP B . 5.35 9.53 17.45
H2' ATP B . 3.22 10.97 14.29
HO2' ATP B . 5.63 9.47 14.36
H1' ATP B . 3.52 8.00 14.89
H8 ATP B . 2.01 10.56 12.45
HN61 ATP B . 1.12 7.17 8.91
HN62 ATP B . 1.03 5.41 9.05
H2 ATP B . 1.56 4.19 13.09
N PRO A 1 1.17 24.21 -4.06
CA PRO A 1 0.29 23.87 -5.20
C PRO A 1 0.43 22.42 -5.67
N SER A 2 -0.53 21.94 -6.48
CA SER A 2 -0.57 20.58 -7.06
C SER A 2 -1.51 20.55 -8.29
N SER A 3 -1.23 19.69 -9.26
CA SER A 3 -1.95 19.58 -10.55
C SER A 3 -1.60 18.27 -11.30
N GLY A 4 -2.38 17.93 -12.32
CA GLY A 4 -2.19 16.72 -13.15
C GLY A 4 -2.82 15.47 -12.55
N SER A 5 -2.34 14.29 -12.98
CA SER A 5 -2.86 12.98 -12.58
C SER A 5 -2.62 12.65 -11.10
N SER A 6 -3.54 11.89 -10.48
CA SER A 6 -3.45 11.43 -9.08
C SER A 6 -2.54 10.19 -8.89
N GLY A 7 -2.23 9.47 -9.96
CA GLY A 7 -1.35 8.28 -9.97
C GLY A 7 0.14 8.62 -10.10
N PHE A 8 0.97 7.61 -9.86
CA PHE A 8 2.44 7.71 -9.98
C PHE A 8 2.91 7.83 -11.44
N LEU A 9 4.09 8.40 -11.65
CA LEU A 9 4.66 8.68 -12.98
C LEU A 9 5.02 7.39 -13.72
N ASP A 10 4.63 7.31 -15.00
CA ASP A 10 5.05 6.28 -15.94
C ASP A 10 6.29 6.74 -16.74
N LYS A 11 7.23 5.82 -16.96
CA LYS A 11 8.53 6.07 -17.61
C LYS A 11 8.89 4.98 -18.65
N PRO A 12 9.78 5.28 -19.61
CA PRO A 12 10.15 4.38 -20.70
C PRO A 12 11.06 3.24 -20.23
N THR A 13 11.31 2.31 -21.16
CA THR A 13 12.02 1.04 -20.98
C THR A 13 12.43 0.43 -22.31
N LEU A 14 13.31 -0.57 -22.22
CA LEU A 14 13.87 -1.31 -23.35
C LEU A 14 13.28 -2.73 -23.47
N LEU A 15 12.40 -3.10 -22.53
CA LEU A 15 11.77 -4.43 -22.45
C LEU A 15 10.41 -4.48 -23.18
N SER A 16 9.73 -5.61 -23.04
CA SER A 16 8.45 -5.93 -23.63
C SER A 16 7.30 -5.85 -22.59
N PRO A 17 6.04 -5.69 -23.05
CA PRO A 17 4.87 -5.62 -22.18
C PRO A 17 4.66 -6.88 -21.35
N GLU A 18 5.16 -8.03 -21.80
CA GLU A 18 5.10 -9.31 -21.08
C GLU A 18 6.26 -9.52 -20.07
N GLU A 19 7.29 -8.68 -20.09
CA GLU A 19 8.39 -8.69 -19.13
C GLU A 19 8.06 -7.83 -17.90
N LEU A 20 7.64 -6.60 -18.15
CA LEU A 20 7.33 -5.58 -17.14
C LEU A 20 6.19 -6.02 -16.24
N LYS A 21 5.11 -6.51 -16.86
CA LYS A 21 3.98 -7.10 -16.12
C LYS A 21 4.39 -8.36 -15.33
N ALA A 22 5.29 -9.20 -15.86
CA ALA A 22 5.76 -10.41 -15.18
C ALA A 22 6.67 -10.12 -13.98
N ALA A 23 7.43 -9.02 -13.98
CA ALA A 23 8.23 -8.57 -12.84
C ALA A 23 7.38 -8.25 -11.60
N SER A 24 6.14 -7.79 -11.81
CA SER A 24 5.19 -7.50 -10.73
C SER A 24 4.35 -8.73 -10.37
N ARG A 25 3.73 -9.37 -11.37
CA ARG A 25 2.85 -10.55 -11.21
C ARG A 25 3.59 -11.78 -10.65
N GLY A 26 4.88 -11.90 -10.94
CA GLY A 26 5.75 -12.98 -10.44
C GLY A 26 6.07 -12.88 -8.94
N ASN A 27 5.84 -11.72 -8.33
CA ASN A 27 5.88 -11.51 -6.88
C ASN A 27 4.46 -11.53 -6.29
N GLY A 28 3.63 -10.52 -6.61
CA GLY A 28 2.22 -10.45 -6.19
C GLY A 28 2.02 -10.01 -4.74
N GLU A 29 3.10 -9.60 -4.07
CA GLU A 29 3.12 -9.01 -2.74
C GLU A 29 2.71 -7.53 -2.79
N TYR A 30 2.75 -6.85 -1.64
CA TYR A 30 2.41 -5.43 -1.47
C TYR A 30 2.76 -4.91 -0.07
N ALA A 31 3.06 -3.62 0.00
CA ALA A 31 3.35 -2.89 1.24
C ALA A 31 2.94 -1.42 1.09
N TRP A 32 2.51 -0.81 2.19
CA TRP A 32 2.20 0.61 2.28
C TRP A 32 3.26 1.33 3.10
N TYR A 33 3.51 2.60 2.75
CA TYR A 33 4.52 3.45 3.38
C TYR A 33 3.99 4.88 3.58
N TYR A 34 4.55 5.61 4.56
CA TYR A 34 4.30 7.03 4.81
C TYR A 34 5.60 7.79 5.09
N GLU A 35 5.68 9.07 4.72
CA GLU A 35 6.82 9.92 5.07
C GLU A 35 6.72 10.38 6.53
N GLY A 36 7.51 9.75 7.41
CA GLY A 36 7.56 10.03 8.84
C GLY A 36 8.76 10.90 9.24
N ARG A 37 9.42 10.53 10.34
CA ARG A 37 10.49 11.31 10.98
C ARG A 37 11.72 11.64 10.11
N ASN A 38 12.07 10.76 9.17
CA ASN A 38 13.29 10.85 8.35
C ASN A 38 13.15 10.37 6.89
N GLY A 39 12.03 9.72 6.55
CA GLY A 39 11.76 9.12 5.23
C GLY A 39 10.56 8.17 5.24
N TRP A 40 10.47 7.30 4.23
CA TRP A 40 9.44 6.29 4.12
C TRP A 40 9.57 5.20 5.19
N TRP A 41 8.49 4.99 5.96
CA TRP A 41 8.37 3.93 6.97
C TRP A 41 7.14 3.07 6.68
N GLN A 42 7.28 1.75 6.82
CA GLN A 42 6.26 0.77 6.42
C GLN A 42 5.16 0.67 7.50
N TYR A 43 3.90 0.61 7.07
CA TYR A 43 2.75 0.29 7.94
C TYR A 43 2.75 -1.18 8.42
N ASP A 44 2.05 -1.44 9.53
CA ASP A 44 1.86 -2.80 10.06
C ASP A 44 0.86 -3.60 9.20
N GLU A 45 0.86 -4.92 9.32
CA GLU A 45 -0.03 -5.82 8.57
C GLU A 45 -1.50 -5.74 9.03
N ARG A 46 -1.75 -5.22 10.24
CA ARG A 46 -3.11 -4.92 10.74
C ARG A 46 -3.72 -3.72 10.00
N THR A 47 -2.85 -2.74 9.72
CA THR A 47 -3.19 -1.40 9.21
C THR A 47 -3.14 -1.30 7.69
N SER A 48 -2.07 -1.75 7.06
CA SER A 48 -1.86 -1.64 5.61
C SER A 48 -2.93 -2.38 4.79
N ARG A 49 -3.48 -3.48 5.34
CA ARG A 49 -4.59 -4.18 4.71
C ARG A 49 -5.86 -3.32 4.60
N GLU A 50 -6.07 -2.36 5.50
CA GLU A 50 -7.25 -1.48 5.46
C GLU A 50 -7.14 -0.50 4.28
N LEU A 51 -5.91 -0.01 4.05
CA LEU A 51 -5.55 0.89 2.95
C LEU A 51 -5.64 0.19 1.60
N GLU A 52 -5.14 -1.05 1.53
CA GLU A 52 -5.20 -1.92 0.35
C GLU A 52 -6.65 -2.34 -0.02
N ASP A 53 -7.53 -2.50 0.96
CA ASP A 53 -8.92 -2.95 0.76
C ASP A 53 -9.82 -1.81 0.32
N ALA A 54 -9.54 -0.60 0.82
CA ALA A 54 -10.32 0.61 0.58
C ALA A 54 -10.45 0.99 -0.91
N PHE A 55 -9.34 1.04 -1.67
CA PHE A 55 -9.40 1.30 -3.11
C PHE A 55 -10.03 0.14 -3.90
N SER A 56 -10.01 -1.05 -3.31
CA SER A 56 -10.64 -2.26 -3.86
C SER A 56 -12.16 -2.29 -3.60
N LYS A 57 -12.64 -1.66 -2.52
CA LYS A 57 -14.06 -1.49 -2.19
C LYS A 57 -14.73 -0.40 -3.04
N GLY A 58 -14.03 0.73 -3.21
CA GLY A 58 -14.50 1.88 -4.00
C GLY A 58 -14.49 3.20 -3.24
N LYS A 59 -14.24 3.19 -1.92
CA LYS A 59 -14.03 4.42 -1.15
C LYS A 59 -12.76 5.17 -1.57
N LYS A 60 -12.77 6.50 -1.42
CA LYS A 60 -11.67 7.41 -1.79
C LYS A 60 -10.77 7.81 -0.59
N ASN A 61 -11.08 7.30 0.60
CA ASN A 61 -10.38 7.52 1.86
C ASN A 61 -10.92 6.57 2.94
N THR A 62 -10.08 6.22 3.91
CA THR A 62 -10.36 5.25 4.98
C THR A 62 -9.73 5.67 6.30
N GLU A 63 -10.03 4.97 7.38
CA GLU A 63 -9.65 5.32 8.76
C GLU A 63 -8.83 4.21 9.41
N MET A 64 -7.88 4.62 10.26
CA MET A 64 -6.89 3.74 10.90
C MET A 64 -6.44 4.29 12.25
N LEU A 65 -6.12 3.37 13.16
CA LEU A 65 -5.62 3.64 14.51
C LEU A 65 -4.12 3.37 14.57
N ILE A 66 -3.41 4.22 15.30
CA ILE A 66 -1.94 4.16 15.49
C ILE A 66 -1.57 3.97 16.98
N ALA A 67 -0.39 4.44 17.40
CA ALA A 67 0.10 4.38 18.78
C ALA A 67 -0.78 5.12 19.82
N GLY A 68 -1.69 6.00 19.40
CA GLY A 68 -2.59 6.74 20.28
C GLY A 68 -3.58 7.70 19.61
N PHE A 69 -3.80 7.59 18.30
CA PHE A 69 -4.55 8.56 17.49
C PHE A 69 -5.27 7.90 16.30
N LEU A 70 -6.38 8.51 15.87
CA LEU A 70 -7.08 8.17 14.62
C LEU A 70 -6.52 9.05 13.50
N TYR A 71 -6.06 8.41 12.42
CA TYR A 71 -5.68 9.07 11.17
C TYR A 71 -6.56 8.61 10.00
N VAL A 72 -6.95 9.56 9.16
CA VAL A 72 -7.68 9.36 7.90
C VAL A 72 -6.64 9.27 6.79
N ALA A 73 -6.64 8.17 6.05
CA ALA A 73 -5.78 7.93 4.89
C ALA A 73 -6.57 8.18 3.60
N ASP A 74 -6.13 9.13 2.80
CA ASP A 74 -6.79 9.63 1.60
C ASP A 74 -6.12 9.08 0.33
N LEU A 75 -6.89 8.31 -0.45
CA LEU A 75 -6.46 7.70 -1.72
C LEU A 75 -6.44 8.70 -2.88
N GLU A 76 -7.16 9.83 -2.79
CA GLU A 76 -7.24 10.83 -3.88
C GLU A 76 -5.89 11.53 -4.10
N ASN A 77 -5.31 12.05 -3.02
CA ASN A 77 -4.07 12.83 -3.00
C ASN A 77 -2.86 11.99 -2.53
N MET A 78 -3.13 10.76 -2.05
CA MET A 78 -2.18 9.85 -1.39
C MET A 78 -1.51 10.51 -0.17
N VAL A 79 -2.31 10.85 0.84
CA VAL A 79 -1.83 11.48 2.10
C VAL A 79 -2.57 10.90 3.32
N GLN A 80 -2.14 11.24 4.53
CA GLN A 80 -2.79 10.85 5.78
C GLN A 80 -2.69 11.96 6.84
N TYR A 81 -3.77 12.15 7.61
CA TYR A 81 -3.99 13.27 8.53
C TYR A 81 -5.00 12.97 9.66
N ARG A 82 -5.08 13.82 10.69
CA ARG A 82 -6.12 13.77 11.73
C ARG A 82 -7.48 14.23 11.18
N ARG A 83 -8.58 13.61 11.65
CA ARG A 83 -9.97 13.90 11.23
C ARG A 83 -10.33 15.39 11.22
N ASN A 84 -9.83 16.17 12.19
CA ASN A 84 -10.12 17.60 12.34
C ASN A 84 -9.02 18.55 11.79
N GLU A 85 -7.85 18.02 11.40
CA GLU A 85 -6.73 18.81 10.85
C GLU A 85 -6.34 18.32 9.45
N HIS A 86 -7.12 18.73 8.46
CA HIS A 86 -6.83 18.50 7.03
C HIS A 86 -5.57 19.27 6.56
N GLY A 87 -5.12 20.26 7.35
CA GLY A 87 -3.89 21.04 7.14
C GLY A 87 -2.63 20.41 7.74
N ARG A 88 -2.76 19.31 8.51
CA ARG A 88 -1.64 18.57 9.10
C ARG A 88 -1.61 17.15 8.54
N ARG A 89 -0.90 17.02 7.42
CA ARG A 89 -0.88 15.83 6.55
C ARG A 89 0.53 15.40 6.14
N ARG A 90 0.70 14.10 5.94
CA ARG A 90 1.94 13.43 5.50
C ARG A 90 1.65 12.60 4.25
N LYS A 91 2.58 12.60 3.29
CA LYS A 91 2.51 11.77 2.07
C LYS A 91 2.52 10.26 2.38
N ILE A 92 1.76 9.47 1.62
CA ILE A 92 1.79 7.99 1.63
C ILE A 92 2.01 7.43 0.22
N LYS A 93 2.33 6.13 0.12
CA LYS A 93 2.49 5.38 -1.14
C LYS A 93 2.25 3.87 -0.97
N ARG A 94 2.12 3.18 -2.11
CA ARG A 94 2.16 1.72 -2.23
C ARG A 94 3.50 1.29 -2.85
N ASP A 95 3.95 0.09 -2.52
CA ASP A 95 5.12 -0.58 -3.12
C ASP A 95 4.96 -2.10 -3.09
N ILE A 96 5.94 -2.82 -3.66
CA ILE A 96 5.92 -4.28 -3.82
C ILE A 96 7.21 -4.89 -3.27
N ILE A 97 7.07 -6.00 -2.57
CA ILE A 97 8.19 -6.81 -2.04
C ILE A 97 8.65 -7.85 -3.07
N ASP A 98 9.97 -8.07 -3.16
CA ASP A 98 10.60 -9.00 -4.11
C ASP A 98 11.08 -10.34 -3.48
N ILE A 99 11.21 -10.40 -2.14
CA ILE A 99 11.48 -11.58 -1.29
C ILE A 99 12.96 -12.08 -1.40
N PRO A 100 13.67 -12.26 -0.26
CA PRO A 100 15.04 -12.76 -0.23
C PRO A 100 15.09 -14.29 -0.39
N LYS A 101 16.28 -14.83 -0.63
CA LYS A 101 16.49 -16.28 -0.70
C LYS A 101 16.12 -17.01 0.61
N LYS A 102 16.32 -16.36 1.76
CA LYS A 102 15.89 -16.84 3.09
C LYS A 102 14.36 -16.98 3.24
N GLY A 103 13.59 -16.33 2.37
CA GLY A 103 12.11 -16.38 2.31
C GLY A 103 11.54 -17.54 1.48
N VAL A 104 12.38 -18.29 0.76
CA VAL A 104 11.98 -19.48 -0.01
C VAL A 104 11.69 -20.63 0.95
N SER A 105 10.43 -21.09 0.95
CA SER A 105 9.82 -22.07 1.89
C SER A 105 9.58 -21.49 3.31
N GLY A 106 8.41 -21.77 3.89
CA GLY A 106 7.99 -21.28 5.20
C GLY A 106 6.51 -21.53 5.54
N PRO A 107 5.98 -20.92 6.61
CA PRO A 107 4.58 -21.04 7.03
C PRO A 107 3.59 -20.59 5.95
N SER A 108 2.42 -21.24 5.92
CA SER A 108 1.33 -20.99 4.95
C SER A 108 0.00 -21.61 5.43
N SER A 109 -1.10 -21.32 4.73
CA SER A 109 -2.46 -21.76 5.06
C SER A 109 -3.42 -21.60 3.84
N GLY A 110 -4.54 -22.32 3.85
CA GLY A 110 -5.55 -22.34 2.78
C GLY A 110 -6.76 -23.21 3.11
PG ATP B . 1.03 18.45 15.18
O1G ATP B . 0.14 18.42 16.36
O2G ATP B . 2.27 19.23 15.41
O3G ATP B . 0.34 18.76 13.92
PB ATP B . 2.05 16.21 13.82
O1B ATP B . 3.22 16.94 13.26
O2B ATP B . 0.91 15.87 12.93
O3B ATP B . 1.49 16.98 15.05
PA ATP B . 3.59 13.90 14.04
O1A ATP B . 4.82 14.14 14.85
O2A ATP B . 3.71 13.87 12.57
O3A ATP B . 2.50 14.89 14.51
O5' ATP B . 3.04 12.46 14.47
C5' ATP B . 2.59 12.18 15.79
C4' ATP B . 2.85 10.73 16.22
O4' ATP B . 2.08 9.80 15.44
C3' ATP B . 4.33 10.32 16.10
O3' ATP B . 4.68 9.43 17.14
C2' ATP B . 4.36 9.64 14.72
O2' ATP B . 5.40 8.69 14.57
C1' ATP B . 2.96 8.99 14.69
N9 ATP B . 2.47 8.82 13.31
C8 ATP B . 2.22 9.78 12.35
N7 ATP B . 1.85 9.30 11.19
C5 ATP B . 1.82 7.92 11.42
C6 ATP B . 1.47 6.78 10.63
N6 ATP B . 1.09 6.81 9.37
N1 ATP B . 1.48 5.56 11.15
C2 ATP B . 1.83 5.43 12.41
N3 ATP B . 2.19 6.38 13.27
C4 ATP B . 2.18 7.62 12.70
H5'1 ATP B . 3.09 12.85 16.50
H5'2 ATP B . 1.52 12.38 15.85
H4' ATP B . 2.55 10.63 17.26
H3' ATP B . 4.98 11.20 16.11
HO3' ATP B . 5.45 8.91 16.83
H2' ATP B . 4.42 10.41 13.95
HO2' ATP B . 6.26 9.16 14.55
H1' ATP B . 3.05 8.00 15.17
H8 ATP B . 2.31 10.84 12.56
HN61 ATP B . 1.05 7.70 8.91
HN62 ATP B . 0.98 5.93 8.90
H2 ATP B . 1.78 4.42 12.80
N PRO A 1 -3.99 25.41 -11.80
CA PRO A 1 -2.94 26.40 -12.13
C PRO A 1 -1.52 25.81 -12.19
N SER A 2 -0.97 25.37 -11.06
CA SER A 2 0.42 24.89 -10.93
C SER A 2 0.64 24.12 -9.60
N SER A 3 1.80 23.47 -9.44
CA SER A 3 2.20 22.73 -8.23
C SER A 3 3.68 22.96 -7.91
N GLY A 4 4.04 23.02 -6.62
CA GLY A 4 5.37 23.39 -6.12
C GLY A 4 6.41 22.26 -6.18
N SER A 5 6.53 21.61 -7.35
CA SER A 5 7.47 20.51 -7.64
C SER A 5 7.20 19.22 -6.82
N SER A 6 6.00 19.09 -6.23
CA SER A 6 5.61 17.99 -5.34
C SER A 6 5.19 16.70 -6.07
N GLY A 7 4.97 16.74 -7.39
CA GLY A 7 4.66 15.58 -8.24
C GLY A 7 5.92 14.91 -8.79
N PHE A 8 5.88 13.57 -8.91
CA PHE A 8 6.94 12.75 -9.49
C PHE A 8 6.88 12.72 -11.03
N LEU A 9 7.89 12.09 -11.66
CA LEU A 9 8.02 11.96 -13.12
C LEU A 9 8.74 10.64 -13.47
N ASP A 10 8.29 9.99 -14.55
CA ASP A 10 8.84 8.72 -15.04
C ASP A 10 10.28 8.85 -15.57
N LYS A 11 11.04 7.76 -15.48
CA LYS A 11 12.47 7.67 -15.83
C LYS A 11 12.79 6.45 -16.74
N PRO A 12 13.90 6.50 -17.49
CA PRO A 12 14.28 5.49 -18.47
C PRO A 12 14.82 4.20 -17.84
N THR A 13 15.08 3.22 -18.71
CA THR A 13 15.54 1.86 -18.39
C THR A 13 16.25 1.23 -19.59
N LEU A 14 16.99 0.17 -19.32
CA LEU A 14 17.79 -0.59 -20.28
C LEU A 14 17.07 -1.86 -20.76
N LEU A 15 15.89 -2.15 -20.19
CA LEU A 15 15.09 -3.34 -20.47
C LEU A 15 14.02 -3.11 -21.54
N SER A 16 13.20 -4.12 -21.76
CA SER A 16 12.10 -4.18 -22.72
C SER A 16 10.73 -4.03 -22.03
N PRO A 17 9.68 -3.64 -22.77
CA PRO A 17 8.32 -3.47 -22.25
C PRO A 17 7.73 -4.76 -21.68
N GLU A 18 8.21 -5.92 -22.15
CA GLU A 18 7.80 -7.25 -21.65
C GLU A 18 8.59 -7.74 -20.42
N GLU A 19 9.70 -7.07 -20.06
CA GLU A 19 10.50 -7.38 -18.88
C GLU A 19 9.95 -6.67 -17.63
N LEU A 20 9.73 -5.36 -17.76
CA LEU A 20 9.28 -4.47 -16.69
C LEU A 20 7.89 -4.89 -16.19
N LYS A 21 6.97 -5.13 -17.13
CA LYS A 21 5.64 -5.67 -16.85
C LYS A 21 5.70 -7.07 -16.20
N ALA A 22 6.62 -7.95 -16.62
CA ALA A 22 6.79 -9.29 -16.04
C ALA A 22 7.36 -9.26 -14.61
N ALA A 23 8.30 -8.35 -14.33
CA ALA A 23 8.86 -8.15 -12.99
C ALA A 23 7.80 -7.72 -11.97
N SER A 24 6.82 -6.92 -12.40
CA SER A 24 5.70 -6.47 -11.56
C SER A 24 4.61 -7.55 -11.41
N ARG A 25 4.17 -8.12 -12.54
CA ARG A 25 3.07 -9.11 -12.59
C ARG A 25 3.44 -10.46 -11.95
N GLY A 26 4.72 -10.85 -12.03
CA GLY A 26 5.25 -12.13 -11.53
C GLY A 26 5.55 -12.16 -10.03
N ASN A 27 5.57 -10.99 -9.37
CA ASN A 27 5.87 -10.85 -7.95
C ASN A 27 4.63 -11.18 -7.08
N GLY A 28 3.73 -10.22 -6.84
CA GLY A 28 2.42 -10.44 -6.21
C GLY A 28 2.34 -10.09 -4.71
N GLU A 29 3.45 -9.66 -4.10
CA GLU A 29 3.47 -9.08 -2.76
C GLU A 29 2.99 -7.62 -2.76
N TYR A 30 2.93 -6.98 -1.59
CA TYR A 30 2.46 -5.60 -1.39
C TYR A 30 2.68 -5.05 0.03
N ALA A 31 2.88 -3.74 0.11
CA ALA A 31 3.06 -2.98 1.35
C ALA A 31 2.62 -1.52 1.15
N TRP A 32 2.25 -0.86 2.25
CA TRP A 32 2.00 0.58 2.30
C TRP A 32 3.05 1.28 3.18
N TYR A 33 3.35 2.53 2.86
CA TYR A 33 4.33 3.37 3.55
C TYR A 33 3.82 4.81 3.76
N TYR A 34 4.42 5.53 4.70
CA TYR A 34 4.18 6.95 4.98
C TYR A 34 5.50 7.72 5.15
N GLU A 35 5.54 8.99 4.77
CA GLU A 35 6.72 9.85 4.97
C GLU A 35 6.77 10.35 6.43
N GLY A 36 7.76 9.88 7.18
CA GLY A 36 8.11 10.39 8.52
C GLY A 36 9.28 11.37 8.47
N ARG A 37 9.93 11.59 9.62
CA ARG A 37 11.05 12.53 9.79
C ARG A 37 12.26 12.17 8.91
N ASN A 38 12.62 10.89 8.85
CA ASN A 38 13.87 10.39 8.25
C ASN A 38 13.69 9.69 6.88
N GLY A 39 12.46 9.48 6.42
CA GLY A 39 12.11 8.88 5.13
C GLY A 39 10.79 8.10 5.16
N TRP A 40 10.59 7.22 4.17
CA TRP A 40 9.47 6.28 4.14
C TRP A 40 9.56 5.20 5.23
N TRP A 41 8.46 4.97 5.95
CA TRP A 41 8.31 3.93 6.98
C TRP A 41 7.04 3.11 6.73
N GLN A 42 7.12 1.79 6.95
CA GLN A 42 6.09 0.84 6.54
C GLN A 42 4.96 0.74 7.60
N TYR A 43 3.71 0.67 7.14
CA TYR A 43 2.55 0.35 7.99
C TYR A 43 2.55 -1.13 8.44
N ASP A 44 1.89 -1.41 9.58
CA ASP A 44 1.69 -2.76 10.11
C ASP A 44 0.79 -3.61 9.19
N GLU A 45 0.90 -4.95 9.28
CA GLU A 45 0.10 -5.90 8.49
C GLU A 45 -1.40 -5.85 8.82
N ARG A 46 -1.75 -5.28 9.99
CA ARG A 46 -3.13 -5.09 10.45
C ARG A 46 -3.72 -3.74 10.02
N THR A 47 -2.87 -2.80 9.58
CA THR A 47 -3.23 -1.43 9.17
C THR A 47 -3.17 -1.27 7.67
N SER A 48 -2.08 -1.69 7.03
CA SER A 48 -1.91 -1.61 5.56
C SER A 48 -2.98 -2.38 4.79
N ARG A 49 -3.52 -3.46 5.39
CA ARG A 49 -4.63 -4.21 4.80
C ARG A 49 -5.90 -3.37 4.67
N GLU A 50 -6.11 -2.38 5.54
CA GLU A 50 -7.29 -1.50 5.49
C GLU A 50 -7.19 -0.56 4.28
N LEU A 51 -5.97 -0.06 4.04
CA LEU A 51 -5.63 0.83 2.93
C LEU A 51 -5.72 0.09 1.58
N GLU A 52 -5.17 -1.13 1.54
CA GLU A 52 -5.20 -2.04 0.39
C GLU A 52 -6.63 -2.48 0.02
N ASP A 53 -7.54 -2.60 1.00
CA ASP A 53 -8.92 -3.01 0.80
C ASP A 53 -9.78 -1.85 0.32
N ALA A 54 -9.53 -0.65 0.86
CA ALA A 54 -10.29 0.56 0.59
C ALA A 54 -10.27 1.00 -0.88
N PHE A 55 -9.09 1.07 -1.53
CA PHE A 55 -9.00 1.42 -2.95
C PHE A 55 -9.58 0.30 -3.85
N SER A 56 -9.68 -0.91 -3.30
CA SER A 56 -10.28 -2.08 -3.96
C SER A 56 -11.81 -2.12 -3.83
N LYS A 57 -12.36 -1.59 -2.73
CA LYS A 57 -13.81 -1.46 -2.47
C LYS A 57 -14.43 -0.35 -3.34
N GLY A 58 -13.74 0.78 -3.46
CA GLY A 58 -14.16 1.95 -4.24
C GLY A 58 -14.21 3.25 -3.43
N LYS A 59 -14.03 3.20 -2.10
CA LYS A 59 -13.90 4.43 -1.30
C LYS A 59 -12.63 5.22 -1.65
N LYS A 60 -12.71 6.54 -1.45
CA LYS A 60 -11.67 7.52 -1.80
C LYS A 60 -10.82 7.94 -0.59
N ASN A 61 -11.10 7.38 0.58
CA ASN A 61 -10.42 7.60 1.85
C ASN A 61 -10.93 6.61 2.90
N THR A 62 -10.05 6.18 3.81
CA THR A 62 -10.40 5.26 4.92
C THR A 62 -9.77 5.68 6.25
N GLU A 63 -10.11 4.98 7.33
CA GLU A 63 -9.75 5.32 8.71
C GLU A 63 -8.95 4.21 9.38
N MET A 64 -8.01 4.58 10.24
CA MET A 64 -7.02 3.69 10.87
C MET A 64 -6.53 4.22 12.23
N LEU A 65 -6.19 3.30 13.13
CA LEU A 65 -5.70 3.55 14.48
C LEU A 65 -4.19 3.31 14.55
N ILE A 66 -3.51 4.14 15.34
CA ILE A 66 -2.05 4.10 15.55
C ILE A 66 -1.68 3.94 17.04
N ALA A 67 -0.51 4.42 17.48
CA ALA A 67 -0.03 4.39 18.85
C ALA A 67 -0.93 5.11 19.90
N GLY A 68 -1.85 5.96 19.45
CA GLY A 68 -2.78 6.69 20.34
C GLY A 68 -3.79 7.63 19.66
N PHE A 69 -4.00 7.51 18.34
CA PHE A 69 -4.76 8.46 17.51
C PHE A 69 -5.45 7.78 16.32
N LEU A 70 -6.56 8.37 15.86
CA LEU A 70 -7.23 7.99 14.61
C LEU A 70 -6.72 8.92 13.50
N TYR A 71 -6.20 8.32 12.44
CA TYR A 71 -5.81 9.00 11.20
C TYR A 71 -6.70 8.58 10.02
N VAL A 72 -7.13 9.57 9.25
CA VAL A 72 -7.82 9.39 7.96
C VAL A 72 -6.73 9.28 6.90
N ALA A 73 -6.68 8.15 6.19
CA ALA A 73 -5.85 7.96 5.02
C ALA A 73 -6.66 8.36 3.78
N ASP A 74 -6.26 9.45 3.13
CA ASP A 74 -6.85 9.97 1.91
C ASP A 74 -6.21 9.29 0.69
N LEU A 75 -7.01 8.46 0.01
CA LEU A 75 -6.60 7.67 -1.15
C LEU A 75 -6.68 8.50 -2.46
N GLU A 76 -7.27 9.69 -2.45
CA GLU A 76 -7.30 10.60 -3.61
C GLU A 76 -5.93 11.22 -3.89
N ASN A 77 -5.34 11.85 -2.88
CA ASN A 77 -4.11 12.64 -2.96
C ASN A 77 -2.87 11.88 -2.43
N MET A 78 -3.10 10.68 -1.86
CA MET A 78 -2.11 9.84 -1.17
C MET A 78 -1.47 10.59 0.00
N VAL A 79 -2.29 10.97 0.99
CA VAL A 79 -1.86 11.58 2.26
C VAL A 79 -2.64 11.00 3.44
N GLN A 80 -2.26 11.35 4.67
CA GLN A 80 -2.95 10.93 5.89
C GLN A 80 -2.88 12.01 6.98
N TYR A 81 -3.95 12.18 7.75
CA TYR A 81 -4.14 13.26 8.75
C TYR A 81 -5.13 12.90 9.86
N ARG A 82 -5.09 13.65 10.97
CA ARG A 82 -6.08 13.58 12.06
C ARG A 82 -7.45 14.11 11.62
N ARG A 83 -8.54 13.48 12.07
CA ARG A 83 -9.92 13.78 11.61
C ARG A 83 -10.34 15.25 11.74
N ASN A 84 -9.81 15.95 12.75
CA ASN A 84 -10.22 17.31 13.11
C ASN A 84 -9.57 18.42 12.24
N GLU A 85 -8.48 18.13 11.52
CA GLU A 85 -7.82 19.10 10.62
C GLU A 85 -7.00 18.41 9.52
N HIS A 86 -7.29 18.77 8.27
CA HIS A 86 -6.65 18.20 7.07
C HIS A 86 -5.25 18.78 6.79
N GLY A 87 -4.90 19.91 7.42
CA GLY A 87 -3.62 20.61 7.29
C GLY A 87 -2.46 19.92 8.01
N ARG A 88 -2.75 19.08 9.02
CA ARG A 88 -1.77 18.26 9.75
C ARG A 88 -1.59 16.91 9.04
N ARG A 89 -1.12 16.96 7.78
CA ARG A 89 -1.02 15.81 6.87
C ARG A 89 0.42 15.39 6.55
N ARG A 90 0.58 14.09 6.24
CA ARG A 90 1.81 13.44 5.79
C ARG A 90 1.53 12.57 4.57
N LYS A 91 2.46 12.51 3.62
CA LYS A 91 2.39 11.68 2.41
C LYS A 91 2.34 10.17 2.70
N ILE A 92 1.65 9.40 1.85
CA ILE A 92 1.66 7.92 1.85
C ILE A 92 1.91 7.36 0.43
N LYS A 93 2.14 6.05 0.31
CA LYS A 93 2.30 5.33 -0.96
C LYS A 93 2.02 3.82 -0.84
N ARG A 94 1.87 3.16 -1.99
CA ARG A 94 1.91 1.69 -2.15
C ARG A 94 3.28 1.29 -2.69
N ASP A 95 3.75 0.09 -2.33
CA ASP A 95 4.98 -0.52 -2.83
C ASP A 95 4.90 -2.06 -2.80
N ILE A 96 5.96 -2.72 -3.23
CA ILE A 96 6.05 -4.17 -3.44
C ILE A 96 7.33 -4.71 -2.81
N ILE A 97 7.20 -5.85 -2.14
CA ILE A 97 8.32 -6.58 -1.52
C ILE A 97 8.98 -7.54 -2.52
N ASP A 98 10.30 -7.63 -2.49
CA ASP A 98 11.10 -8.46 -3.40
C ASP A 98 11.65 -9.77 -2.78
N ILE A 99 11.63 -9.86 -1.43
CA ILE A 99 12.04 -10.99 -0.57
C ILE A 99 13.58 -11.12 -0.47
N PRO A 100 14.17 -11.18 0.75
CA PRO A 100 15.61 -11.25 0.95
C PRO A 100 16.17 -12.64 0.66
N LYS A 101 17.50 -12.70 0.45
CA LYS A 101 18.23 -13.94 0.13
C LYS A 101 18.22 -15.00 1.24
N LYS A 102 17.92 -14.61 2.48
CA LYS A 102 17.71 -15.49 3.64
C LYS A 102 16.24 -15.96 3.77
N GLY A 103 15.29 -15.17 3.25
CA GLY A 103 13.84 -15.43 3.32
C GLY A 103 13.33 -16.29 2.15
N VAL A 104 13.89 -16.11 0.95
CA VAL A 104 13.58 -16.93 -0.24
C VAL A 104 14.11 -18.36 -0.07
N SER A 105 13.30 -19.36 -0.45
CA SER A 105 13.60 -20.79 -0.32
C SER A 105 12.65 -21.64 -1.19
N GLY A 106 13.00 -22.91 -1.43
CA GLY A 106 12.21 -23.86 -2.25
C GLY A 106 11.00 -24.46 -1.51
N PRO A 107 10.01 -24.99 -2.25
CA PRO A 107 8.81 -25.60 -1.69
C PRO A 107 9.11 -26.99 -1.10
N SER A 108 8.22 -27.46 -0.20
CA SER A 108 8.36 -28.75 0.49
C SER A 108 8.00 -29.97 -0.38
N SER A 109 7.54 -29.77 -1.61
CA SER A 109 7.08 -30.79 -2.56
C SER A 109 6.97 -30.25 -4.00
N GLY A 110 6.89 -31.15 -4.99
CA GLY A 110 6.81 -30.82 -6.41
C GLY A 110 6.67 -32.05 -7.31
PG ATP B . 2.42 17.92 15.02
O1G ATP B . 2.23 19.01 16.00
O2G ATP B . 3.72 17.95 14.31
O3G ATP B . 1.28 17.76 14.10
PB ATP B . 2.87 16.21 17.25
O1B ATP B . 1.75 16.50 18.19
O2B ATP B . 4.22 16.77 17.55
O3B ATP B . 2.43 16.60 15.82
PA ATP B . 3.89 13.69 17.90
O1A ATP B . 4.03 14.09 19.33
O2A ATP B . 5.13 13.45 17.10
O3A ATP B . 2.96 14.65 17.12
O5' ATP B . 3.08 12.29 17.92
C5' ATP B . 2.59 11.70 16.71
C4' ATP B . 2.76 10.17 16.78
O4' ATP B . 1.98 9.56 15.76
C3' ATP B . 4.22 9.75 16.58
O3' ATP B . 4.54 8.60 17.38
C2' ATP B . 4.21 9.37 15.08
O2' ATP B . 5.26 8.49 14.72
C1' ATP B . 2.83 8.74 14.98
N9 ATP B . 2.34 8.61 13.59
C8 ATP B . 2.14 9.59 12.64
N7 ATP B . 1.86 9.15 11.44
C5 ATP B . 1.81 7.75 11.63
C6 ATP B . 1.54 6.63 10.81
N6 ATP B . 1.24 6.68 9.53
N1 ATP B . 1.48 5.40 11.31
C2 ATP B . 1.73 5.25 12.60
N3 ATP B . 2.04 6.18 13.49
C4 ATP B . 2.07 7.43 12.94
H5'1 ATP B . 1.53 11.93 16.62
H5'2 ATP B . 3.11 12.08 15.84
H4' ATP B . 2.40 9.83 17.76
H3' ATP B . 4.91 10.56 16.77
HO3' ATP B . 4.67 8.90 18.30
H2' ATP B . 4.25 10.28 14.49
HO2' ATP B . 5.47 7.94 15.51
H1' ATP B . 2.87 7.74 15.44
H8 ATP B . 2.20 10.65 12.87
HN61 ATP B . 0.95 7.56 9.14
HN62 ATP B . 1.08 5.80 9.06
H2 ATP B . 1.59 4.26 12.97
N PRO A 1 -14.67 5.74 -6.42
CA PRO A 1 -13.76 5.10 -7.39
C PRO A 1 -14.25 3.72 -7.87
N SER A 2 -13.80 3.28 -9.04
CA SER A 2 -14.32 2.10 -9.77
C SER A 2 -13.82 0.74 -9.24
N SER A 3 -13.46 0.67 -7.96
CA SER A 3 -13.09 -0.56 -7.21
C SER A 3 -11.80 -1.26 -7.73
N GLY A 4 -11.08 -0.63 -8.69
CA GLY A 4 -9.98 -1.26 -9.42
C GLY A 4 -10.44 -2.41 -10.32
N SER A 5 -11.73 -2.47 -10.67
CA SER A 5 -12.35 -3.64 -11.32
C SER A 5 -13.58 -3.30 -12.19
N SER A 6 -14.38 -2.30 -11.82
CA SER A 6 -15.45 -1.76 -12.69
C SER A 6 -14.90 -0.76 -13.74
N GLY A 7 -13.65 -0.31 -13.55
CA GLY A 7 -12.88 0.55 -14.46
C GLY A 7 -11.40 0.60 -14.08
N PHE A 8 -10.56 1.03 -15.03
CA PHE A 8 -9.11 1.15 -14.84
C PHE A 8 -8.71 2.39 -14.03
N LEU A 9 -7.48 2.37 -13.51
CA LEU A 9 -6.87 3.45 -12.71
C LEU A 9 -5.34 3.37 -12.81
N ASP A 10 -4.69 4.52 -13.00
CA ASP A 10 -3.24 4.68 -13.17
C ASP A 10 -2.78 6.01 -12.53
N LYS A 11 -1.56 6.02 -11.99
CA LYS A 11 -0.98 7.11 -11.19
C LYS A 11 0.48 7.44 -11.61
N PRO A 12 0.96 8.66 -11.31
CA PRO A 12 2.23 9.18 -11.81
C PRO A 12 3.45 8.55 -11.12
N THR A 13 4.61 8.83 -11.69
CA THR A 13 5.93 8.23 -11.42
C THR A 13 7.01 8.94 -12.24
N LEU A 14 8.23 8.44 -12.12
CA LEU A 14 9.42 8.79 -12.90
C LEU A 14 9.76 7.70 -13.92
N LEU A 15 9.15 6.50 -13.75
CA LEU A 15 9.33 5.31 -14.61
C LEU A 15 8.38 5.29 -15.81
N SER A 16 8.28 4.12 -16.43
CA SER A 16 7.52 3.80 -17.63
C SER A 16 6.38 2.80 -17.32
N PRO A 17 5.33 2.75 -18.17
CA PRO A 17 4.20 1.85 -17.98
C PRO A 17 4.58 0.36 -18.00
N GLU A 18 5.69 0.01 -18.65
CA GLU A 18 6.23 -1.35 -18.70
C GLU A 18 7.16 -1.70 -17.52
N GLU A 19 7.59 -0.72 -16.71
CA GLU A 19 8.41 -0.93 -15.52
C GLU A 19 7.55 -1.26 -14.29
N LEU A 20 6.54 -0.42 -14.04
CA LEU A 20 5.62 -0.51 -12.91
C LEU A 20 4.89 -1.85 -12.91
N LYS A 21 4.32 -2.21 -14.06
CA LYS A 21 3.62 -3.48 -14.27
C LYS A 21 4.56 -4.69 -14.13
N ALA A 22 5.82 -4.57 -14.54
CA ALA A 22 6.82 -5.64 -14.38
C ALA A 22 7.26 -5.82 -12.92
N ALA A 23 7.50 -4.73 -12.19
CA ALA A 23 7.83 -4.73 -10.77
C ALA A 23 6.69 -5.33 -9.91
N SER A 24 5.45 -4.95 -10.22
CA SER A 24 4.26 -5.46 -9.52
C SER A 24 4.01 -6.96 -9.80
N ARG A 25 4.02 -7.36 -11.08
CA ARG A 25 3.76 -8.74 -11.51
C ARG A 25 4.87 -9.73 -11.11
N GLY A 26 6.10 -9.25 -10.97
CA GLY A 26 7.30 -10.06 -10.73
C GLY A 26 7.27 -10.86 -9.42
N ASN A 27 6.65 -10.32 -8.36
CA ASN A 27 6.37 -11.04 -7.11
C ASN A 27 4.87 -11.11 -6.76
N GLY A 28 4.10 -10.03 -6.97
CA GLY A 28 2.67 -9.96 -6.60
C GLY A 28 2.44 -9.61 -5.13
N GLU A 29 3.51 -9.22 -4.42
CA GLU A 29 3.48 -8.66 -3.06
C GLU A 29 2.97 -7.21 -3.06
N TYR A 30 2.93 -6.57 -1.89
CA TYR A 30 2.49 -5.18 -1.69
C TYR A 30 2.76 -4.68 -0.27
N ALA A 31 2.97 -3.38 -0.13
CA ALA A 31 3.18 -2.68 1.13
C ALA A 31 2.74 -1.20 1.03
N TRP A 32 2.43 -0.61 2.18
CA TRP A 32 2.13 0.81 2.35
C TRP A 32 3.21 1.49 3.18
N TYR A 33 3.47 2.76 2.87
CA TYR A 33 4.49 3.59 3.52
C TYR A 33 4.00 5.01 3.80
N TYR A 34 4.62 5.70 4.74
CA TYR A 34 4.39 7.10 5.10
C TYR A 34 5.71 7.84 5.41
N GLU A 35 5.78 9.15 5.20
CA GLU A 35 6.98 9.93 5.52
C GLU A 35 7.11 10.23 7.02
N GLY A 36 8.19 9.72 7.63
CA GLY A 36 8.63 10.04 9.00
C GLY A 36 9.85 10.96 9.03
N ARG A 37 10.66 10.84 10.09
CA ARG A 37 11.78 11.75 10.40
C ARG A 37 12.93 11.67 9.38
N ASN A 38 13.24 10.46 8.91
CA ASN A 38 14.43 10.16 8.07
C ASN A 38 14.09 9.65 6.65
N GLY A 39 12.82 9.40 6.33
CA GLY A 39 12.34 8.93 5.02
C GLY A 39 11.01 8.18 5.10
N TRP A 40 10.71 7.37 4.08
CA TRP A 40 9.54 6.49 4.04
C TRP A 40 9.71 5.29 5.00
N TRP A 41 8.67 5.02 5.81
CA TRP A 41 8.61 3.89 6.75
C TRP A 41 7.29 3.11 6.59
N GLN A 42 7.35 1.80 6.75
CA GLN A 42 6.26 0.88 6.41
C GLN A 42 5.18 0.82 7.52
N TYR A 43 3.91 0.72 7.12
CA TYR A 43 2.79 0.43 8.01
C TYR A 43 2.80 -1.02 8.55
N ASP A 44 2.09 -1.24 9.66
CA ASP A 44 1.83 -2.58 10.21
C ASP A 44 0.91 -3.42 9.28
N GLU A 45 1.09 -4.74 9.29
CA GLU A 45 0.41 -5.67 8.38
C GLU A 45 -1.11 -5.77 8.64
N ARG A 46 -1.58 -5.37 9.82
CA ARG A 46 -3.01 -5.32 10.17
C ARG A 46 -3.61 -3.93 9.89
N THR A 47 -2.77 -2.93 9.64
CA THR A 47 -3.18 -1.55 9.28
C THR A 47 -3.16 -1.36 7.76
N SER A 48 -2.05 -1.68 7.09
CA SER A 48 -1.88 -1.51 5.63
C SER A 48 -2.93 -2.27 4.81
N ARG A 49 -3.39 -3.43 5.33
CA ARG A 49 -4.44 -4.24 4.71
C ARG A 49 -5.78 -3.49 4.63
N GLU A 50 -6.04 -2.52 5.53
CA GLU A 50 -7.28 -1.74 5.50
C GLU A 50 -7.22 -0.70 4.37
N LEU A 51 -6.03 -0.16 4.13
CA LEU A 51 -5.75 0.84 3.08
C LEU A 51 -5.80 0.19 1.70
N GLU A 52 -5.21 -1.01 1.58
CA GLU A 52 -5.25 -1.86 0.40
C GLU A 52 -6.68 -2.32 0.04
N ASP A 53 -7.57 -2.49 1.01
CA ASP A 53 -8.95 -2.93 0.79
C ASP A 53 -9.85 -1.77 0.37
N ALA A 54 -9.53 -0.53 0.77
CA ALA A 54 -10.37 0.64 0.54
C ALA A 54 -10.54 0.99 -0.95
N PHE A 55 -9.45 1.02 -1.73
CA PHE A 55 -9.54 1.24 -3.17
C PHE A 55 -10.16 0.04 -3.91
N SER A 56 -10.13 -1.13 -3.28
CA SER A 56 -10.76 -2.36 -3.77
C SER A 56 -12.27 -2.40 -3.46
N LYS A 57 -12.73 -1.71 -2.41
CA LYS A 57 -14.15 -1.54 -2.07
C LYS A 57 -14.82 -0.45 -2.94
N GLY A 58 -14.08 0.61 -3.27
CA GLY A 58 -14.52 1.72 -4.12
C GLY A 58 -14.53 3.07 -3.41
N LYS A 59 -14.29 3.12 -2.10
CA LYS A 59 -14.13 4.38 -1.37
C LYS A 59 -12.85 5.14 -1.77
N LYS A 60 -12.86 6.47 -1.58
CA LYS A 60 -11.73 7.37 -1.87
C LYS A 60 -10.89 7.74 -0.63
N ASN A 61 -11.30 7.27 0.55
CA ASN A 61 -10.63 7.48 1.84
C ASN A 61 -11.20 6.53 2.92
N THR A 62 -10.37 6.18 3.89
CA THR A 62 -10.63 5.18 4.94
C THR A 62 -9.99 5.61 6.26
N GLU A 63 -10.19 4.83 7.32
CA GLU A 63 -9.83 5.16 8.70
C GLU A 63 -8.98 4.05 9.35
N MET A 64 -8.06 4.47 10.22
CA MET A 64 -7.10 3.60 10.91
C MET A 64 -6.65 4.19 12.26
N LEU A 65 -6.32 3.30 13.19
CA LEU A 65 -5.84 3.62 14.55
C LEU A 65 -4.33 3.40 14.64
N ILE A 66 -3.66 4.25 15.41
CA ILE A 66 -2.20 4.23 15.64
C ILE A 66 -1.85 4.13 17.13
N ALA A 67 -0.69 4.65 17.55
CA ALA A 67 -0.22 4.67 18.94
C ALA A 67 -1.13 5.42 19.93
N GLY A 68 -2.07 6.25 19.45
CA GLY A 68 -3.00 7.01 20.29
C GLY A 68 -4.00 7.92 19.58
N PHE A 69 -4.19 7.75 18.25
CA PHE A 69 -4.96 8.68 17.40
C PHE A 69 -5.63 7.94 16.23
N LEU A 70 -6.74 8.52 15.74
CA LEU A 70 -7.40 8.10 14.50
C LEU A 70 -6.84 8.95 13.34
N TYR A 71 -6.32 8.29 12.32
CA TYR A 71 -5.92 8.90 11.05
C TYR A 71 -6.84 8.45 9.90
N VAL A 72 -7.33 9.43 9.14
CA VAL A 72 -8.03 9.26 7.87
C VAL A 72 -6.96 9.17 6.79
N ALA A 73 -6.93 8.07 6.05
CA ALA A 73 -6.04 7.85 4.91
C ALA A 73 -6.80 8.11 3.61
N ASP A 74 -6.33 9.08 2.82
CA ASP A 74 -6.96 9.57 1.59
C ASP A 74 -6.26 8.99 0.35
N LEU A 75 -7.02 8.26 -0.48
CA LEU A 75 -6.56 7.65 -1.72
C LEU A 75 -6.44 8.65 -2.88
N GLU A 76 -7.14 9.79 -2.81
CA GLU A 76 -7.12 10.79 -3.89
C GLU A 76 -5.74 11.44 -4.04
N ASN A 77 -5.25 12.03 -2.95
CA ASN A 77 -4.01 12.81 -2.88
C ASN A 77 -2.83 12.00 -2.29
N MET A 78 -3.14 10.81 -1.75
CA MET A 78 -2.21 9.92 -1.02
C MET A 78 -1.56 10.65 0.18
N VAL A 79 -2.38 10.96 1.18
CA VAL A 79 -1.97 11.55 2.47
C VAL A 79 -2.76 10.93 3.63
N GLN A 80 -2.30 11.17 4.86
CA GLN A 80 -2.99 10.85 6.11
C GLN A 80 -3.22 12.14 6.94
N TYR A 81 -4.29 12.20 7.73
CA TYR A 81 -4.63 13.31 8.64
C TYR A 81 -5.67 12.94 9.70
N ARG A 82 -5.80 13.71 10.79
CA ARG A 82 -6.83 13.51 11.81
C ARG A 82 -8.23 13.94 11.32
N ARG A 83 -9.29 13.30 11.81
CA ARG A 83 -10.69 13.66 11.51
C ARG A 83 -11.05 15.12 11.88
N ASN A 84 -10.34 15.72 12.85
CA ASN A 84 -10.59 17.08 13.34
C ASN A 84 -9.83 18.19 12.59
N GLU A 85 -8.85 17.85 11.73
CA GLU A 85 -7.99 18.84 11.06
C GLU A 85 -7.35 18.29 9.76
N HIS A 86 -7.58 18.98 8.65
CA HIS A 86 -6.96 18.70 7.34
C HIS A 86 -5.64 19.46 7.10
N GLY A 87 -5.40 20.51 7.90
CA GLY A 87 -4.20 21.37 7.85
C GLY A 87 -2.93 20.70 8.38
N ARG A 88 -3.08 19.62 9.16
CA ARG A 88 -2.01 18.71 9.57
C ARG A 88 -2.16 17.38 8.86
N ARG A 89 -1.39 17.21 7.78
CA ARG A 89 -1.35 16.01 6.94
C ARG A 89 0.09 15.59 6.60
N ARG A 90 0.30 14.28 6.47
CA ARG A 90 1.59 13.65 6.10
C ARG A 90 1.41 12.79 4.85
N LYS A 91 2.42 12.75 3.99
CA LYS A 91 2.43 11.96 2.75
C LYS A 91 2.44 10.44 2.99
N ILE A 92 1.70 9.69 2.18
CA ILE A 92 1.72 8.22 2.13
C ILE A 92 1.90 7.73 0.68
N LYS A 93 2.21 6.43 0.51
CA LYS A 93 2.32 5.76 -0.79
C LYS A 93 2.08 4.23 -0.70
N ARG A 94 1.89 3.61 -1.87
CA ARG A 94 1.92 2.15 -2.06
C ARG A 94 3.27 1.75 -2.70
N ASP A 95 3.72 0.54 -2.44
CA ASP A 95 4.93 -0.07 -3.01
C ASP A 95 4.82 -1.61 -3.09
N ILE A 96 5.88 -2.25 -3.59
CA ILE A 96 5.98 -3.69 -3.81
C ILE A 96 7.29 -4.21 -3.20
N ILE A 97 7.21 -5.37 -2.57
CA ILE A 97 8.38 -6.04 -1.99
C ILE A 97 9.13 -6.86 -3.06
N ASP A 98 10.46 -6.81 -2.99
CA ASP A 98 11.37 -7.47 -3.91
C ASP A 98 11.91 -8.84 -3.42
N ILE A 99 11.89 -9.05 -2.09
CA ILE A 99 12.28 -10.27 -1.34
C ILE A 99 13.82 -10.40 -1.22
N PRO A 100 14.38 -10.56 0.00
CA PRO A 100 15.82 -10.68 0.24
C PRO A 100 16.34 -12.09 -0.05
N LYS A 101 17.66 -12.22 -0.12
CA LYS A 101 18.34 -13.52 -0.30
C LYS A 101 18.03 -14.53 0.83
N LYS A 102 17.70 -14.04 2.03
CA LYS A 102 17.25 -14.84 3.19
C LYS A 102 15.99 -15.69 2.90
N GLY A 103 15.21 -15.32 1.87
CA GLY A 103 14.04 -16.07 1.37
C GLY A 103 14.37 -17.27 0.49
N VAL A 104 15.62 -17.43 0.05
CA VAL A 104 16.08 -18.57 -0.78
C VAL A 104 16.37 -19.77 0.13
N SER A 105 15.70 -20.89 -0.16
CA SER A 105 15.77 -22.17 0.57
C SER A 105 15.19 -23.31 -0.30
N GLY A 106 15.54 -24.57 0.02
CA GLY A 106 15.03 -25.76 -0.69
C GLY A 106 13.55 -26.04 -0.41
N PRO A 107 12.80 -26.62 -1.38
CA PRO A 107 11.37 -26.87 -1.26
C PRO A 107 11.07 -28.06 -0.33
N SER A 108 9.93 -27.99 0.37
CA SER A 108 9.43 -29.06 1.25
C SER A 108 8.51 -30.08 0.52
N SER A 109 8.30 -29.91 -0.79
CA SER A 109 7.42 -30.72 -1.63
C SER A 109 7.90 -32.19 -1.78
N GLY A 110 6.96 -33.14 -1.75
CA GLY A 110 7.21 -34.59 -1.92
C GLY A 110 5.94 -35.42 -1.80
PG ATP B . 5.84 17.46 14.25
O1G ATP B . 6.43 16.53 13.26
O2G ATP B . 5.25 18.66 13.63
O3G ATP B . 6.69 17.73 15.42
PB ATP B . 4.17 15.53 15.66
O1B ATP B . 4.31 15.93 17.09
O2B ATP B . 4.84 14.29 15.21
O3B ATP B . 4.59 16.73 14.75
PA ATP B . 1.68 14.70 14.46
O1A ATP B . 2.02 15.01 13.05
O2A ATP B . 0.31 15.04 14.91
O3A ATP B . 2.65 15.43 15.40
O5' ATP B . 1.87 13.11 14.65
C5' ATP B . 1.83 12.52 15.93
C4' ATP B . 2.51 11.14 15.97
O4' ATP B . 1.69 10.09 15.48
C3' ATP B . 3.83 11.07 15.18
O3' ATP B . 4.93 11.70 15.80
C2' ATP B . 3.98 9.54 15.07
O2' ATP B . 4.55 8.97 16.25
C1' ATP B . 2.53 9.06 14.95
N9 ATP B . 2.16 8.81 13.54
C8 ATP B . 1.96 9.71 12.53
N7 ATP B . 1.76 9.16 11.36
C5 ATP B . 1.75 7.79 11.64
C6 ATP B . 1.51 6.61 10.89
N6 ATP B . 1.26 6.57 9.60
N1 ATP B . 1.45 5.41 11.47
C2 ATP B . 1.66 5.36 12.77
N3 ATP B . 1.93 6.36 13.61
C4 ATP B . 1.96 7.56 12.97
H5'1 ATP B . 2.35 13.17 16.65
H5'2 ATP B . 0.80 12.42 16.26
H4' ATP B . 2.75 10.92 17.02
H3' ATP B . 3.68 11.47 14.17
HO3' ATP B . 4.85 12.67 15.61
H2' ATP B . 4.57 9.27 14.19
HO2' ATP B . 5.30 9.55 16.51
H1' ATP B . 2.41 8.14 15.53
H8 ATP B . 1.95 10.78 12.69
HN61 ATP B . 1.26 7.42 9.05
HN62 ATP B . 1.10 5.67 9.18
H2 ATP B . 1.55 4.38 13.22
N PRO A 1 9.41 -38.52 -1.55
CA PRO A 1 10.68 -37.76 -1.44
C PRO A 1 11.92 -38.66 -1.33
N SER A 2 13.08 -38.17 -1.76
CA SER A 2 14.36 -38.91 -1.75
C SER A 2 15.55 -37.94 -1.94
N SER A 3 15.88 -37.57 -3.17
CA SER A 3 16.88 -36.53 -3.51
C SER A 3 16.31 -35.11 -3.49
N GLY A 4 14.97 -34.98 -3.42
CA GLY A 4 14.23 -33.71 -3.31
C GLY A 4 12.73 -33.93 -3.13
N SER A 5 11.96 -32.86 -3.32
CA SER A 5 10.50 -32.79 -3.14
C SER A 5 9.88 -31.79 -4.14
N SER A 6 8.64 -32.05 -4.61
CA SER A 6 8.00 -31.30 -5.71
C SER A 6 6.56 -30.85 -5.40
N GLY A 7 6.13 -30.90 -4.12
CA GLY A 7 4.79 -30.54 -3.67
C GLY A 7 4.65 -29.03 -3.41
N PHE A 8 3.53 -28.45 -3.87
CA PHE A 8 3.20 -27.03 -3.80
C PHE A 8 1.69 -26.82 -3.57
N LEU A 9 1.30 -25.59 -3.22
CA LEU A 9 -0.07 -25.19 -2.86
C LEU A 9 -0.30 -23.69 -3.13
N ASP A 10 -1.54 -23.32 -3.41
CA ASP A 10 -1.99 -21.94 -3.65
C ASP A 10 -3.42 -21.72 -3.12
N LYS A 11 -3.87 -20.47 -3.11
CA LYS A 11 -5.08 -19.98 -2.46
C LYS A 11 -5.85 -18.92 -3.28
N PRO A 12 -7.15 -18.68 -2.98
CA PRO A 12 -8.02 -17.78 -3.73
C PRO A 12 -7.68 -16.29 -3.51
N THR A 13 -8.41 -15.43 -4.23
CA THR A 13 -8.19 -13.98 -4.32
C THR A 13 -9.44 -13.24 -4.79
N LEU A 14 -9.41 -11.92 -4.65
CA LEU A 14 -10.49 -10.99 -4.98
C LEU A 14 -10.16 -10.15 -6.22
N LEU A 15 -8.93 -10.30 -6.77
CA LEU A 15 -8.43 -9.53 -7.91
C LEU A 15 -8.72 -10.22 -9.26
N SER A 16 -8.20 -9.62 -10.32
CA SER A 16 -8.33 -10.04 -11.70
C SER A 16 -7.07 -10.76 -12.22
N PRO A 17 -7.19 -11.58 -13.28
CA PRO A 17 -6.07 -12.33 -13.87
C PRO A 17 -4.95 -11.42 -14.39
N GLU A 18 -5.27 -10.16 -14.74
CA GLU A 18 -4.30 -9.16 -15.20
C GLU A 18 -3.64 -8.37 -14.06
N GLU A 19 -4.13 -8.48 -12.81
CA GLU A 19 -3.52 -7.89 -11.62
C GLU A 19 -2.46 -8.83 -11.03
N LEU A 20 -2.86 -10.08 -10.82
CA LEU A 20 -2.06 -11.13 -10.19
C LEU A 20 -0.79 -11.40 -11.02
N LYS A 21 -0.97 -11.62 -12.33
CA LYS A 21 0.15 -11.79 -13.26
C LYS A 21 1.07 -10.55 -13.32
N ALA A 22 0.53 -9.33 -13.18
CA ALA A 22 1.32 -8.10 -13.15
C ALA A 22 2.14 -7.94 -11.87
N ALA A 23 1.56 -8.28 -10.71
CA ALA A 23 2.25 -8.29 -9.42
C ALA A 23 3.32 -9.40 -9.35
N SER A 24 2.98 -10.61 -9.82
CA SER A 24 3.86 -11.77 -9.82
C SER A 24 5.09 -11.61 -10.74
N ARG A 25 4.97 -10.82 -11.81
CA ARG A 25 6.10 -10.43 -12.68
C ARG A 25 7.19 -9.64 -11.93
N GLY A 26 6.81 -8.93 -10.86
CA GLY A 26 7.72 -8.29 -9.90
C GLY A 26 8.15 -9.29 -8.82
N ASN A 27 7.19 -9.73 -7.99
CA ASN A 27 7.35 -10.81 -7.01
C ASN A 27 6.01 -11.37 -6.47
N GLY A 28 4.96 -10.54 -6.39
CA GLY A 28 3.61 -10.91 -5.93
C GLY A 28 3.27 -10.45 -4.50
N GLU A 29 4.22 -9.84 -3.81
CA GLU A 29 4.04 -9.20 -2.49
C GLU A 29 3.58 -7.74 -2.61
N TYR A 30 3.40 -7.06 -1.47
CA TYR A 30 2.99 -5.66 -1.35
C TYR A 30 3.09 -5.14 0.09
N ALA A 31 3.28 -3.83 0.22
CA ALA A 31 3.35 -3.08 1.47
C ALA A 31 2.94 -1.61 1.24
N TRP A 32 2.49 -0.96 2.31
CA TRP A 32 2.24 0.49 2.33
C TRP A 32 3.28 1.22 3.20
N TYR A 33 3.56 2.47 2.87
CA TYR A 33 4.53 3.35 3.55
C TYR A 33 3.98 4.78 3.71
N TYR A 34 4.53 5.54 4.66
CA TYR A 34 4.23 6.95 4.92
C TYR A 34 5.51 7.78 5.12
N GLU A 35 5.49 9.04 4.71
CA GLU A 35 6.57 9.99 4.98
C GLU A 35 6.54 10.41 6.46
N GLY A 36 7.51 9.88 7.21
CA GLY A 36 7.80 10.29 8.58
C GLY A 36 8.92 11.33 8.62
N ARG A 37 9.41 11.62 9.83
CA ARG A 37 10.35 12.72 10.10
C ARG A 37 11.79 12.45 9.60
N ASN A 38 12.16 11.16 9.47
CA ASN A 38 13.48 10.71 8.97
C ASN A 38 13.46 10.02 7.58
N GLY A 39 12.27 9.76 7.02
CA GLY A 39 12.07 9.14 5.69
C GLY A 39 10.77 8.31 5.61
N TRP A 40 10.63 7.52 4.54
CA TRP A 40 9.54 6.56 4.38
C TRP A 40 9.63 5.43 5.42
N TRP A 41 8.52 5.17 6.13
CA TRP A 41 8.38 4.09 7.12
C TRP A 41 7.15 3.21 6.82
N GLN A 42 7.27 1.91 7.03
CA GLN A 42 6.26 0.92 6.64
C GLN A 42 5.10 0.86 7.64
N TYR A 43 3.87 0.73 7.15
CA TYR A 43 2.68 0.43 7.96
C TYR A 43 2.66 -1.03 8.47
N ASP A 44 1.95 -1.25 9.59
CA ASP A 44 1.68 -2.58 10.15
C ASP A 44 0.77 -3.43 9.23
N GLU A 45 0.84 -4.76 9.34
CA GLU A 45 0.10 -5.71 8.50
C GLU A 45 -1.41 -5.68 8.73
N ARG A 46 -1.87 -5.18 9.89
CA ARG A 46 -3.29 -5.04 10.23
C ARG A 46 -3.82 -3.64 9.87
N THR A 47 -2.92 -2.68 9.58
CA THR A 47 -3.25 -1.31 9.14
C THR A 47 -3.21 -1.19 7.63
N SER A 48 -2.10 -1.58 7.00
CA SER A 48 -1.92 -1.49 5.54
C SER A 48 -2.97 -2.27 4.74
N ARG A 49 -3.49 -3.37 5.31
CA ARG A 49 -4.59 -4.13 4.72
C ARG A 49 -5.87 -3.30 4.59
N GLU A 50 -6.11 -2.32 5.48
CA GLU A 50 -7.30 -1.47 5.44
C GLU A 50 -7.22 -0.51 4.25
N LEU A 51 -6.02 0.00 3.97
CA LEU A 51 -5.69 0.93 2.89
C LEU A 51 -5.80 0.23 1.53
N GLU A 52 -5.30 -1.00 1.45
CA GLU A 52 -5.41 -1.85 0.27
C GLU A 52 -6.85 -2.37 0.02
N ASP A 53 -7.69 -2.48 1.05
CA ASP A 53 -9.08 -2.94 0.92
C ASP A 53 -10.00 -1.80 0.49
N ALA A 54 -9.74 -0.60 0.99
CA ALA A 54 -10.52 0.62 0.76
C ALA A 54 -10.69 0.99 -0.73
N PHE A 55 -9.60 1.06 -1.49
CA PHE A 55 -9.67 1.34 -2.93
C PHE A 55 -10.33 0.18 -3.71
N SER A 56 -10.26 -1.02 -3.16
CA SER A 56 -10.90 -2.23 -3.69
C SER A 56 -12.43 -2.24 -3.43
N LYS A 57 -12.88 -1.63 -2.33
CA LYS A 57 -14.30 -1.45 -2.00
C LYS A 57 -14.95 -0.34 -2.84
N GLY A 58 -14.24 0.77 -3.05
CA GLY A 58 -14.66 1.92 -3.86
C GLY A 58 -14.61 3.26 -3.14
N LYS A 59 -14.34 3.28 -1.82
CA LYS A 59 -14.11 4.53 -1.08
C LYS A 59 -12.80 5.22 -1.51
N LYS A 60 -12.77 6.56 -1.40
CA LYS A 60 -11.64 7.42 -1.79
C LYS A 60 -10.73 7.80 -0.61
N ASN A 61 -11.07 7.36 0.59
CA ASN A 61 -10.33 7.57 1.84
C ASN A 61 -10.92 6.69 2.95
N THR A 62 -10.10 6.33 3.94
CA THR A 62 -10.44 5.41 5.04
C THR A 62 -9.79 5.85 6.35
N GLU A 63 -10.25 5.31 7.46
CA GLU A 63 -9.81 5.65 8.81
C GLU A 63 -9.07 4.47 9.46
N MET A 64 -8.03 4.80 10.22
CA MET A 64 -7.11 3.83 10.82
C MET A 64 -6.61 4.29 12.19
N LEU A 65 -6.43 3.32 13.09
CA LEU A 65 -5.88 3.49 14.43
C LEU A 65 -4.41 3.07 14.43
N ILE A 66 -3.60 3.82 15.19
CA ILE A 66 -2.15 3.62 15.31
C ILE A 66 -1.74 3.38 16.79
N ALA A 67 -0.50 3.70 17.17
CA ALA A 67 0.01 3.59 18.54
C ALA A 67 -0.73 4.41 19.60
N GLY A 68 -1.58 5.39 19.20
CA GLY A 68 -2.36 6.21 20.13
C GLY A 68 -3.25 7.30 19.50
N PHE A 69 -3.54 7.22 18.20
CA PHE A 69 -4.21 8.29 17.43
C PHE A 69 -5.04 7.72 16.27
N LEU A 70 -6.05 8.49 15.83
CA LEU A 70 -6.85 8.20 14.64
C LEU A 70 -6.29 9.06 13.50
N TYR A 71 -5.93 8.40 12.40
CA TYR A 71 -5.52 9.03 11.15
C TYR A 71 -6.46 8.65 9.99
N VAL A 72 -6.79 9.64 9.16
CA VAL A 72 -7.51 9.48 7.89
C VAL A 72 -6.46 9.30 6.80
N ALA A 73 -6.59 8.26 5.98
CA ALA A 73 -5.74 7.94 4.85
C ALA A 73 -6.52 8.15 3.54
N ASP A 74 -6.04 9.05 2.69
CA ASP A 74 -6.69 9.53 1.47
C ASP A 74 -6.02 8.95 0.22
N LEU A 75 -6.82 8.22 -0.59
CA LEU A 75 -6.41 7.57 -1.83
C LEU A 75 -6.36 8.52 -3.03
N GLU A 76 -7.05 9.67 -2.98
CA GLU A 76 -7.08 10.63 -4.09
C GLU A 76 -5.72 11.31 -4.29
N ASN A 77 -5.15 11.83 -3.20
CA ASN A 77 -3.91 12.62 -3.17
C ASN A 77 -2.71 11.78 -2.68
N MET A 78 -2.98 10.57 -2.16
CA MET A 78 -2.03 9.67 -1.47
C MET A 78 -1.39 10.35 -0.25
N VAL A 79 -2.18 10.61 0.79
CA VAL A 79 -1.75 11.34 2.01
C VAL A 79 -2.46 10.85 3.27
N GLN A 80 -1.93 11.16 4.45
CA GLN A 80 -2.54 10.91 5.76
C GLN A 80 -2.55 12.16 6.64
N TYR A 81 -3.58 12.26 7.51
CA TYR A 81 -3.88 13.42 8.36
C TYR A 81 -4.83 13.08 9.52
N ARG A 82 -4.91 13.93 10.55
CA ARG A 82 -5.90 13.84 11.64
C ARG A 82 -7.26 14.44 11.20
N ARG A 83 -8.38 13.89 11.69
CA ARG A 83 -9.74 14.19 11.20
C ARG A 83 -10.11 15.69 11.20
N ASN A 84 -9.66 16.44 12.21
CA ASN A 84 -9.93 17.88 12.36
C ASN A 84 -8.82 18.79 11.78
N GLU A 85 -7.71 18.20 11.30
CA GLU A 85 -6.49 18.89 10.83
C GLU A 85 -6.43 18.93 9.29
N HIS A 86 -7.58 19.00 8.64
CA HIS A 86 -7.78 18.83 7.19
C HIS A 86 -6.96 19.79 6.28
N GLY A 87 -6.50 20.91 6.83
CA GLY A 87 -5.63 21.90 6.16
C GLY A 87 -4.15 21.48 6.05
N ARG A 88 -3.75 20.35 6.65
CA ARG A 88 -2.37 19.85 6.72
C ARG A 88 -2.33 18.31 6.63
N ARG A 89 -1.34 17.77 5.92
CA ARG A 89 -1.27 16.34 5.54
C ARG A 89 0.14 15.91 5.11
N ARG A 90 0.42 14.60 5.18
CA ARG A 90 1.74 13.99 4.96
C ARG A 90 1.62 12.81 3.98
N LYS A 91 2.54 12.68 3.02
CA LYS A 91 2.50 11.70 1.93
C LYS A 91 2.46 10.21 2.37
N ILE A 92 1.79 9.37 1.58
CA ILE A 92 1.81 7.89 1.67
C ILE A 92 2.07 7.28 0.29
N LYS A 93 2.42 5.99 0.24
CA LYS A 93 2.67 5.23 -1.00
C LYS A 93 2.47 3.72 -0.83
N ARG A 94 2.48 2.99 -1.95
CA ARG A 94 2.61 1.54 -2.01
C ARG A 94 4.03 1.16 -2.46
N ASP A 95 4.49 -0.02 -2.05
CA ASP A 95 5.74 -0.64 -2.50
C ASP A 95 5.62 -2.17 -2.50
N ILE A 96 6.70 -2.86 -2.90
CA ILE A 96 6.77 -4.32 -3.08
C ILE A 96 7.96 -4.90 -2.32
N ILE A 97 7.73 -6.03 -1.67
CA ILE A 97 8.78 -6.85 -1.04
C ILE A 97 9.30 -7.89 -2.03
N ASP A 98 10.62 -8.13 -2.00
CA ASP A 98 11.29 -9.09 -2.90
C ASP A 98 11.63 -10.45 -2.25
N ILE A 99 11.78 -10.50 -0.92
CA ILE A 99 12.02 -11.68 -0.05
C ILE A 99 13.47 -12.22 -0.20
N PRO A 100 14.23 -12.40 0.92
CA PRO A 100 15.58 -12.94 0.90
C PRO A 100 15.57 -14.46 0.75
N LYS A 101 16.74 -15.02 0.42
CA LYS A 101 16.92 -16.47 0.29
C LYS A 101 16.63 -17.23 1.60
N LYS A 102 16.91 -16.60 2.75
CA LYS A 102 16.59 -17.11 4.10
C LYS A 102 15.07 -17.23 4.36
N GLY A 103 14.24 -16.48 3.62
CA GLY A 103 12.77 -16.47 3.72
C GLY A 103 12.05 -17.54 2.90
N VAL A 104 12.76 -18.21 1.98
CA VAL A 104 12.19 -19.26 1.11
C VAL A 104 11.93 -20.52 1.94
N SER A 105 10.65 -20.85 2.12
CA SER A 105 10.18 -21.91 3.05
C SER A 105 9.04 -22.78 2.48
N GLY A 106 8.74 -22.67 1.18
CA GLY A 106 7.57 -23.28 0.53
C GLY A 106 6.27 -22.47 0.73
N PRO A 107 5.10 -23.05 0.43
CA PRO A 107 3.81 -22.37 0.55
C PRO A 107 3.42 -22.20 2.03
N SER A 108 3.06 -20.97 2.41
CA SER A 108 2.75 -20.54 3.78
C SER A 108 2.11 -19.12 3.80
N SER A 109 1.90 -18.55 4.99
CA SER A 109 1.43 -17.17 5.23
C SER A 109 -0.03 -16.88 4.82
N GLY A 110 -0.83 -17.94 4.55
CA GLY A 110 -2.25 -17.85 4.16
C GLY A 110 -3.01 -19.17 4.33
PG ATP B . 3.52 16.84 13.40
O1G ATP B . 4.24 17.92 14.10
O2G ATP B . 4.07 16.53 12.06
O3G ATP B . 2.05 17.01 13.38
PB ATP B . 3.86 15.18 15.72
O1B ATP B . 2.80 15.86 16.52
O2B ATP B . 5.27 15.37 16.18
O3B ATP B . 3.75 15.55 14.21
PA ATP B . 3.82 12.62 14.77
O1A ATP B . 5.14 12.82 14.13
O2A ATP B . 2.62 12.52 13.91
O3A ATP B . 3.56 13.66 15.88
O5' ATP B . 3.94 11.23 15.57
C5' ATP B . 2.98 10.85 16.55
C4' ATP B . 2.92 9.32 16.75
O4' ATP B . 2.12 8.75 15.72
C3' ATP B . 4.30 8.64 16.71
O3' ATP B . 4.31 7.52 17.58
C2' ATP B . 4.39 8.21 15.24
O2' ATP B . 5.27 7.09 15.04
C1' ATP B . 2.93 7.86 14.95
N9 ATP B . 2.55 7.96 13.52
C8 ATP B . 2.34 9.09 12.77
N7 ATP B . 1.97 8.85 11.53
C5 ATP B . 1.89 7.45 11.50
C6 ATP B . 1.47 6.49 10.54
N6 ATP B . 1.06 6.80 9.33
N1 ATP B . 1.38 5.20 10.84
C2 ATP B . 1.75 4.83 12.06
N3 ATP B . 2.18 5.59 13.06
C4 ATP B . 2.23 6.90 12.71
H5'1 ATP B . 3.25 11.31 17.51
H5'2 ATP B . 1.98 11.21 16.27
H4' ATP B . 2.45 9.13 17.72
H3' ATP B . 5.10 9.34 16.96
HO3' ATP B . 5.01 6.92 17.26
H2' ATP B . 4.69 9.06 14.62
HO2' ATP B . 5.32 6.88 14.09
H1' ATP B . 2.76 6.84 15.30
H8 ATP B . 2.44 10.09 13.16
HN61 ATP B . 1.10 7.77 9.03
HN62 ATP B . 0.81 6.05 8.70
H2 ATP B . 1.66 3.77 12.28
N PRO A 1 2.65 -39.68 -11.78
CA PRO A 1 3.02 -39.89 -10.36
C PRO A 1 1.97 -39.34 -9.38
N SER A 2 1.78 -40.01 -8.24
CA SER A 2 0.73 -39.70 -7.25
C SER A 2 1.06 -38.48 -6.34
N SER A 3 2.24 -37.88 -6.47
CA SER A 3 2.72 -36.73 -5.69
C SER A 3 3.88 -36.01 -6.41
N GLY A 4 4.27 -34.84 -5.91
CA GLY A 4 5.28 -33.95 -6.51
C GLY A 4 4.65 -32.93 -7.46
N SER A 5 5.32 -32.65 -8.58
CA SER A 5 4.93 -31.62 -9.55
C SER A 5 3.69 -31.95 -10.40
N SER A 6 3.01 -33.06 -10.14
CA SER A 6 1.77 -33.48 -10.83
C SER A 6 0.51 -32.70 -10.37
N GLY A 7 0.60 -31.90 -9.31
CA GLY A 7 -0.48 -31.04 -8.81
C GLY A 7 0.00 -29.86 -7.96
N PHE A 8 -0.73 -28.74 -8.04
CA PHE A 8 -0.47 -27.47 -7.37
C PHE A 8 -1.79 -26.76 -7.01
N LEU A 9 -1.73 -25.80 -6.08
CA LEU A 9 -2.88 -25.07 -5.54
C LEU A 9 -2.46 -23.70 -4.97
N ASP A 10 -3.39 -22.74 -5.01
CA ASP A 10 -3.23 -21.36 -4.51
C ASP A 10 -4.57 -20.80 -3.99
N LYS A 11 -4.49 -19.66 -3.32
CA LYS A 11 -5.58 -19.02 -2.57
C LYS A 11 -6.45 -18.06 -3.43
N PRO A 12 -7.68 -17.76 -2.98
CA PRO A 12 -8.63 -16.88 -3.69
C PRO A 12 -8.25 -15.40 -3.59
N THR A 13 -9.05 -14.56 -4.27
CA THR A 13 -8.84 -13.12 -4.42
C THR A 13 -10.13 -12.39 -4.84
N LEU A 14 -10.07 -11.07 -4.78
CA LEU A 14 -11.15 -10.14 -5.10
C LEU A 14 -10.84 -9.30 -6.36
N LEU A 15 -9.62 -9.45 -6.92
CA LEU A 15 -9.14 -8.69 -8.09
C LEU A 15 -9.49 -9.35 -9.42
N SER A 16 -9.00 -8.76 -10.50
CA SER A 16 -9.17 -9.17 -11.88
C SER A 16 -7.96 -9.98 -12.40
N PRO A 17 -8.15 -10.80 -13.44
CA PRO A 17 -7.08 -11.61 -14.05
C PRO A 17 -5.94 -10.77 -14.61
N GLU A 18 -6.19 -9.50 -14.96
CA GLU A 18 -5.18 -8.55 -15.47
C GLU A 18 -4.44 -7.79 -14.36
N GLU A 19 -4.91 -7.85 -13.11
CA GLU A 19 -4.24 -7.28 -11.93
C GLU A 19 -3.23 -8.26 -11.35
N LEU A 20 -3.69 -9.49 -11.11
CA LEU A 20 -2.93 -10.58 -10.50
C LEU A 20 -1.71 -10.94 -11.34
N LYS A 21 -1.93 -11.16 -12.64
CA LYS A 21 -0.84 -11.41 -13.60
C LYS A 21 0.14 -10.22 -13.72
N ALA A 22 -0.31 -8.98 -13.54
CA ALA A 22 0.55 -7.78 -13.55
C ALA A 22 1.40 -7.67 -12.27
N ALA A 23 0.82 -7.96 -11.10
CA ALA A 23 1.55 -8.00 -9.82
C ALA A 23 2.55 -9.17 -9.76
N SER A 24 2.14 -10.34 -10.22
CA SER A 24 2.96 -11.57 -10.24
C SER A 24 4.14 -11.49 -11.23
N ARG A 25 4.07 -10.60 -12.24
CA ARG A 25 5.19 -10.29 -13.14
C ARG A 25 6.36 -9.61 -12.40
N GLY A 26 6.06 -8.90 -11.30
CA GLY A 26 7.04 -8.36 -10.34
C GLY A 26 7.40 -9.41 -9.30
N ASN A 27 6.43 -9.77 -8.45
CA ASN A 27 6.53 -10.87 -7.47
C ASN A 27 5.16 -11.33 -6.90
N GLY A 28 4.18 -10.42 -6.79
CA GLY A 28 2.82 -10.68 -6.29
C GLY A 28 2.58 -10.24 -4.83
N GLU A 29 3.61 -9.71 -4.16
CA GLU A 29 3.52 -9.08 -2.84
C GLU A 29 3.14 -7.59 -2.93
N TYR A 30 3.06 -6.92 -1.78
CA TYR A 30 2.73 -5.49 -1.64
C TYR A 30 2.93 -4.98 -0.20
N ALA A 31 3.20 -3.68 -0.08
CA ALA A 31 3.38 -2.96 1.18
C ALA A 31 3.03 -1.48 1.00
N TRP A 32 2.59 -0.84 2.10
CA TRP A 32 2.34 0.60 2.17
C TRP A 32 3.42 1.30 3.02
N TYR A 33 3.70 2.56 2.69
CA TYR A 33 4.72 3.40 3.33
C TYR A 33 4.25 4.85 3.53
N TYR A 34 4.75 5.53 4.56
CA TYR A 34 4.42 6.91 4.91
C TYR A 34 5.67 7.73 5.28
N GLU A 35 5.65 9.04 5.05
CA GLU A 35 6.73 9.93 5.51
C GLU A 35 6.61 10.20 7.02
N GLY A 36 7.58 9.71 7.78
CA GLY A 36 7.77 10.00 9.21
C GLY A 36 8.74 11.17 9.43
N ARG A 37 9.51 11.11 10.53
CA ARG A 37 10.51 12.13 10.86
C ARG A 37 11.79 12.01 10.01
N ASN A 38 12.27 10.77 9.81
CA ASN A 38 13.58 10.47 9.20
C ASN A 38 13.52 9.91 7.76
N GLY A 39 12.33 9.59 7.24
CA GLY A 39 12.13 9.05 5.88
C GLY A 39 10.84 8.24 5.74
N TRP A 40 10.78 7.39 4.72
CA TRP A 40 9.68 6.46 4.48
C TRP A 40 9.74 5.25 5.42
N TRP A 41 8.61 4.93 6.07
CA TRP A 41 8.47 3.81 7.01
C TRP A 41 7.24 2.97 6.69
N GLN A 42 7.36 1.64 6.87
CA GLN A 42 6.31 0.69 6.50
C GLN A 42 5.24 0.58 7.58
N TYR A 43 3.97 0.46 7.18
CA TYR A 43 2.84 0.13 8.08
C TYR A 43 2.88 -1.33 8.59
N ASP A 44 2.13 -1.59 9.66
CA ASP A 44 1.86 -2.95 10.14
C ASP A 44 0.82 -3.64 9.25
N GLU A 45 0.85 -4.97 9.20
CA GLU A 45 -0.03 -5.78 8.36
C GLU A 45 -1.51 -5.75 8.79
N ARG A 46 -1.78 -5.36 10.04
CA ARG A 46 -3.14 -5.09 10.55
C ARG A 46 -3.74 -3.86 9.88
N THR A 47 -2.89 -2.86 9.65
CA THR A 47 -3.22 -1.52 9.16
C THR A 47 -3.18 -1.44 7.64
N SER A 48 -2.10 -1.85 6.99
CA SER A 48 -1.92 -1.69 5.53
C SER A 48 -3.00 -2.40 4.70
N ARG A 49 -3.53 -3.51 5.21
CA ARG A 49 -4.63 -4.22 4.58
C ARG A 49 -5.91 -3.38 4.50
N GLU A 50 -6.14 -2.46 5.44
CA GLU A 50 -7.34 -1.61 5.43
C GLU A 50 -7.27 -0.60 4.27
N LEU A 51 -6.06 -0.13 3.99
CA LEU A 51 -5.74 0.86 2.97
C LEU A 51 -5.81 0.24 1.57
N GLU A 52 -5.28 -0.98 1.42
CA GLU A 52 -5.37 -1.76 0.19
C GLU A 52 -6.80 -2.28 -0.11
N ASP A 53 -7.64 -2.47 0.91
CA ASP A 53 -9.01 -2.96 0.73
C ASP A 53 -9.96 -1.84 0.31
N ALA A 54 -9.73 -0.64 0.84
CA ALA A 54 -10.55 0.55 0.63
C ALA A 54 -10.72 0.95 -0.86
N PHE A 55 -9.62 1.08 -1.61
CA PHE A 55 -9.71 1.40 -3.05
C PHE A 55 -10.30 0.25 -3.86
N SER A 56 -10.21 -0.98 -3.33
CA SER A 56 -10.81 -2.19 -3.89
C SER A 56 -12.33 -2.26 -3.65
N LYS A 57 -12.81 -1.71 -2.52
CA LYS A 57 -14.24 -1.58 -2.20
C LYS A 57 -14.93 -0.48 -3.02
N GLY A 58 -14.25 0.66 -3.20
CA GLY A 58 -14.71 1.80 -3.99
C GLY A 58 -14.72 3.13 -3.23
N LYS A 59 -14.45 3.12 -1.91
CA LYS A 59 -14.26 4.37 -1.15
C LYS A 59 -12.98 5.11 -1.58
N LYS A 60 -12.99 6.44 -1.45
CA LYS A 60 -11.88 7.35 -1.80
C LYS A 60 -11.00 7.75 -0.60
N ASN A 61 -11.35 7.27 0.60
CA ASN A 61 -10.63 7.48 1.85
C ASN A 61 -11.15 6.54 2.94
N THR A 62 -10.28 6.16 3.87
CA THR A 62 -10.54 5.21 4.97
C THR A 62 -9.88 5.67 6.27
N GLU A 63 -10.03 4.92 7.34
CA GLU A 63 -9.62 5.29 8.70
C GLU A 63 -8.80 4.18 9.37
N MET A 64 -7.83 4.60 10.18
CA MET A 64 -6.85 3.72 10.84
C MET A 64 -6.31 4.33 12.15
N LEU A 65 -5.93 3.45 13.07
CA LEU A 65 -5.35 3.78 14.37
C LEU A 65 -3.85 3.52 14.36
N ILE A 66 -3.11 4.40 15.03
CA ILE A 66 -1.63 4.34 15.16
C ILE A 66 -1.19 4.21 16.63
N ALA A 67 -0.01 4.71 17.00
CA ALA A 67 0.53 4.71 18.36
C ALA A 67 -0.33 5.46 19.41
N GLY A 68 -1.28 6.29 18.99
CA GLY A 68 -2.16 7.04 19.90
C GLY A 68 -3.21 7.95 19.24
N PHE A 69 -3.45 7.82 17.93
CA PHE A 69 -4.26 8.76 17.13
C PHE A 69 -4.99 8.06 15.97
N LEU A 70 -6.15 8.60 15.59
CA LEU A 70 -6.89 8.22 14.38
C LEU A 70 -6.42 9.11 13.22
N TYR A 71 -5.98 8.48 12.13
CA TYR A 71 -5.63 9.14 10.87
C TYR A 71 -6.53 8.70 9.71
N VAL A 72 -6.98 9.68 8.92
CA VAL A 72 -7.82 9.50 7.74
C VAL A 72 -6.92 9.35 6.52
N ALA A 73 -6.87 8.12 5.99
CA ALA A 73 -6.11 7.73 4.81
C ALA A 73 -6.86 8.08 3.53
N ASP A 74 -6.48 9.19 2.90
CA ASP A 74 -7.04 9.68 1.65
C ASP A 74 -6.32 9.09 0.43
N LEU A 75 -7.05 8.32 -0.37
CA LEU A 75 -6.57 7.69 -1.61
C LEU A 75 -6.46 8.67 -2.78
N GLU A 76 -7.20 9.79 -2.76
CA GLU A 76 -7.24 10.76 -3.87
C GLU A 76 -5.91 11.49 -4.04
N ASN A 77 -5.36 11.99 -2.94
CA ASN A 77 -4.11 12.76 -2.86
C ASN A 77 -2.93 11.89 -2.39
N MET A 78 -3.23 10.67 -1.92
CA MET A 78 -2.32 9.73 -1.23
C MET A 78 -1.73 10.37 0.04
N VAL A 79 -2.56 10.64 1.06
CA VAL A 79 -2.11 11.36 2.28
C VAL A 79 -2.84 10.91 3.55
N GLN A 80 -2.21 11.16 4.71
CA GLN A 80 -2.75 10.96 6.05
C GLN A 80 -2.92 12.29 6.79
N TYR A 81 -4.02 12.43 7.53
CA TYR A 81 -4.28 13.54 8.44
C TYR A 81 -5.22 13.15 9.59
N ARG A 82 -5.13 13.84 10.73
CA ARG A 82 -6.03 13.66 11.88
C ARG A 82 -7.42 14.24 11.56
N ARG A 83 -8.50 13.57 11.99
CA ARG A 83 -9.91 13.92 11.66
C ARG A 83 -10.27 15.41 11.82
N ASN A 84 -9.72 16.08 12.85
CA ASN A 84 -10.01 17.48 13.18
C ASN A 84 -8.97 18.49 12.63
N GLU A 85 -7.88 18.02 12.00
CA GLU A 85 -6.77 18.85 11.51
C GLU A 85 -6.84 19.06 10.00
N HIS A 86 -7.16 20.30 9.58
CA HIS A 86 -7.23 20.71 8.17
C HIS A 86 -5.91 21.33 7.65
N GLY A 87 -5.06 21.83 8.57
CA GLY A 87 -3.85 22.62 8.26
C GLY A 87 -2.62 21.81 7.83
N ARG A 88 -2.64 20.48 8.01
CA ARG A 88 -1.53 19.57 7.69
C ARG A 88 -1.98 18.24 7.08
N ARG A 89 -1.01 17.54 6.50
CA ARG A 89 -1.07 16.14 6.02
C ARG A 89 0.33 15.56 5.74
N ARG A 90 0.45 14.23 5.76
CA ARG A 90 1.68 13.47 5.47
C ARG A 90 1.48 12.55 4.25
N LYS A 91 2.36 12.65 3.25
CA LYS A 91 2.32 11.83 2.03
C LYS A 91 2.58 10.33 2.28
N ILE A 92 1.91 9.48 1.49
CA ILE A 92 2.05 8.01 1.51
C ILE A 92 2.24 7.43 0.11
N LYS A 93 2.64 6.17 0.04
CA LYS A 93 2.91 5.43 -1.20
C LYS A 93 2.77 3.91 -1.03
N ARG A 94 2.73 3.18 -2.15
CA ARG A 94 2.83 1.71 -2.20
C ARG A 94 4.20 1.27 -2.71
N ASP A 95 4.63 0.07 -2.33
CA ASP A 95 5.79 -0.65 -2.86
C ASP A 95 5.55 -2.17 -2.87
N ILE A 96 6.54 -2.93 -3.31
CA ILE A 96 6.50 -4.38 -3.50
C ILE A 96 7.69 -5.04 -2.80
N ILE A 97 7.42 -6.16 -2.14
CA ILE A 97 8.44 -7.05 -1.56
C ILE A 97 8.87 -8.10 -2.58
N ASP A 98 10.16 -8.41 -2.62
CA ASP A 98 10.75 -9.40 -3.55
C ASP A 98 11.06 -10.77 -2.94
N ILE A 99 11.23 -10.85 -1.61
CA ILE A 99 11.46 -12.06 -0.77
C ILE A 99 12.89 -12.64 -0.95
N PRO A 100 13.65 -12.88 0.14
CA PRO A 100 15.00 -13.44 0.07
C PRO A 100 14.97 -14.94 -0.20
N LYS A 101 16.11 -15.49 -0.60
CA LYS A 101 16.26 -16.93 -0.90
C LYS A 101 15.92 -17.85 0.28
N LYS A 102 16.13 -17.36 1.52
CA LYS A 102 15.76 -18.05 2.78
C LYS A 102 14.23 -18.13 3.00
N GLY A 103 13.45 -17.23 2.38
CA GLY A 103 11.99 -17.12 2.50
C GLY A 103 11.18 -17.90 1.46
N VAL A 104 11.84 -18.45 0.43
CA VAL A 104 11.20 -19.23 -0.65
C VAL A 104 10.82 -20.63 -0.12
N SER A 105 9.53 -20.95 -0.18
CA SER A 105 8.91 -22.23 0.23
C SER A 105 7.51 -22.40 -0.38
N GLY A 106 7.18 -23.60 -0.85
CA GLY A 106 5.86 -23.96 -1.41
C GLY A 106 4.97 -24.74 -0.42
N PRO A 107 3.67 -24.96 -0.76
CA PRO A 107 2.74 -25.73 0.05
C PRO A 107 3.04 -27.23 -0.02
N SER A 108 2.68 -27.97 1.03
CA SER A 108 2.97 -29.41 1.18
C SER A 108 2.07 -30.34 0.35
N SER A 109 1.08 -29.80 -0.37
CA SER A 109 0.07 -30.52 -1.17
C SER A 109 -0.69 -29.54 -2.10
N GLY A 110 -1.36 -30.08 -3.13
CA GLY A 110 -2.19 -29.32 -4.09
C GLY A 110 -3.01 -30.23 -5.00
PG ATP B . 6.13 17.09 16.99
O1G ATP B . 5.38 18.27 17.49
O2G ATP B . 6.51 16.14 18.06
O3G ATP B . 7.25 17.45 16.08
PB ATP B . 4.81 15.98 14.66
O1B ATP B . 5.77 14.94 14.21
O2B ATP B . 4.68 17.25 13.89
O3B ATP B . 5.08 16.31 16.17
PA ATP B . 2.57 14.57 13.76
O1A ATP B . 3.04 14.86 12.39
O2A ATP B . 1.15 14.83 14.05
O3A ATP B . 3.39 15.34 14.80
O5' ATP B . 2.85 13.01 14.05
C5' ATP B . 2.61 12.46 15.35
C4' ATP B . 3.16 11.04 15.53
O4' ATP B . 2.40 10.11 14.75
C3' ATP B . 4.63 10.91 15.12
O3' ATP B . 5.30 9.98 15.99
C2' ATP B . 4.52 10.37 13.70
O2' ATP B . 5.67 9.64 13.25
C1' ATP B . 3.28 9.47 13.82
N9 ATP B . 2.60 9.26 12.53
C8 ATP B . 2.18 10.21 11.62
N7 ATP B . 1.68 9.71 10.51
C5 ATP B . 1.76 8.32 10.73
C6 ATP B . 1.38 7.18 10.00
N6 ATP B . 0.83 7.22 8.81
N1 ATP B . 1.52 5.95 10.51
C2 ATP B . 2.07 5.84 11.71
N3 ATP B . 2.50 6.81 12.51
C4 ATP B . 2.31 8.04 11.96
H5'1 ATP B . 3.09 13.09 16.10
H5'2 ATP B . 1.54 12.46 15.55
H4' ATP B . 3.05 10.77 16.58
H3' ATP B . 5.14 11.87 15.14
HO3' ATP B . 6.07 9.64 15.51
H2' ATP B . 4.31 11.19 13.02
HO2' ATP B . 6.43 10.25 13.19
H1' ATP B . 3.60 8.51 14.22
H8 ATP B . 2.23 11.27 11.82
HN61 ATP B . 0.72 8.10 8.37
HN62 ATP B . 0.64 6.35 8.34
H2 ATP B . 2.18 4.83 12.09
N PRO A 1 -22.78 13.08 -15.31
CA PRO A 1 -22.17 11.95 -14.57
C PRO A 1 -22.81 10.59 -14.90
N SER A 2 -24.07 10.37 -14.47
CA SER A 2 -24.91 9.22 -14.87
C SER A 2 -24.46 7.84 -14.32
N SER A 3 -23.48 7.81 -13.42
CA SER A 3 -22.89 6.62 -12.81
C SER A 3 -22.08 6.98 -11.54
N GLY A 4 -21.82 6.00 -10.67
CA GLY A 4 -21.12 6.18 -9.39
C GLY A 4 -19.60 6.16 -9.53
N SER A 5 -18.92 6.78 -8.55
CA SER A 5 -17.44 6.91 -8.51
C SER A 5 -16.73 5.69 -7.88
N SER A 6 -17.45 4.61 -7.60
CA SER A 6 -17.02 3.43 -6.82
C SER A 6 -16.02 2.47 -7.52
N GLY A 7 -15.27 2.96 -8.51
CA GLY A 7 -14.21 2.21 -9.20
C GLY A 7 -12.86 2.22 -8.47
N PHE A 8 -11.87 1.56 -9.07
CA PHE A 8 -10.47 1.58 -8.60
C PHE A 8 -9.78 2.93 -8.88
N LEU A 9 -8.57 3.11 -8.34
CA LEU A 9 -7.74 4.31 -8.52
C LEU A 9 -6.38 3.94 -9.12
N ASP A 10 -5.92 4.76 -10.08
CA ASP A 10 -4.60 4.71 -10.71
C ASP A 10 -4.16 6.12 -11.15
N LYS A 11 -2.91 6.26 -11.55
CA LYS A 11 -2.20 7.51 -11.80
C LYS A 11 -1.26 7.44 -13.03
N PRO A 12 -0.89 8.60 -13.61
CA PRO A 12 -0.10 8.68 -14.84
C PRO A 12 1.36 8.29 -14.63
N THR A 13 2.08 8.17 -15.75
CA THR A 13 3.44 7.61 -15.87
C THR A 13 4.02 7.86 -17.27
N LEU A 14 5.29 7.51 -17.43
CA LEU A 14 6.09 7.59 -18.65
C LEU A 14 6.31 6.21 -19.29
N LEU A 15 6.12 5.14 -18.49
CA LEU A 15 6.40 3.75 -18.89
C LEU A 15 5.31 3.13 -19.77
N SER A 16 5.54 1.89 -20.15
CA SER A 16 4.66 1.04 -20.94
C SER A 16 3.66 0.27 -20.06
N PRO A 17 2.50 -0.14 -20.61
CA PRO A 17 1.47 -0.91 -19.91
C PRO A 17 1.97 -2.29 -19.46
N GLU A 18 3.06 -2.80 -20.04
CA GLU A 18 3.67 -4.08 -19.65
C GLU A 18 4.62 -3.91 -18.44
N GLU A 19 5.29 -2.77 -18.31
CA GLU A 19 6.29 -2.49 -17.27
C GLU A 19 5.64 -2.36 -15.88
N LEU A 20 4.58 -1.56 -15.83
CA LEU A 20 3.82 -1.22 -14.61
C LEU A 20 3.14 -2.46 -14.04
N LYS A 21 2.54 -3.26 -14.93
CA LYS A 21 2.01 -4.58 -14.59
C LYS A 21 3.13 -5.55 -14.13
N ALA A 22 4.27 -5.60 -14.81
CA ALA A 22 5.38 -6.51 -14.45
C ALA A 22 6.03 -6.18 -13.10
N ALA A 23 6.08 -4.90 -12.71
CA ALA A 23 6.57 -4.44 -11.40
C ALA A 23 5.79 -5.03 -10.21
N SER A 24 4.50 -5.33 -10.41
CA SER A 24 3.66 -5.97 -9.40
C SER A 24 3.60 -7.50 -9.58
N ARG A 25 3.26 -7.94 -10.80
CA ARG A 25 3.06 -9.36 -11.18
C ARG A 25 4.33 -10.23 -11.03
N GLY A 26 5.50 -9.61 -11.03
CA GLY A 26 6.81 -10.26 -10.86
C GLY A 26 7.00 -10.98 -9.51
N ASN A 27 6.18 -10.67 -8.51
CA ASN A 27 6.10 -11.43 -7.25
C ASN A 27 4.69 -11.47 -6.62
N GLY A 28 3.89 -10.40 -6.73
CA GLY A 28 2.48 -10.37 -6.32
C GLY A 28 2.24 -9.98 -4.86
N GLU A 29 3.29 -9.52 -4.17
CA GLU A 29 3.25 -8.95 -2.83
C GLU A 29 2.75 -7.49 -2.85
N TYR A 30 2.74 -6.83 -1.69
CA TYR A 30 2.34 -5.43 -1.50
C TYR A 30 2.67 -4.91 -0.09
N ALA A 31 2.87 -3.59 0.00
CA ALA A 31 3.14 -2.86 1.23
C ALA A 31 2.69 -1.41 1.11
N TRP A 32 2.43 -0.80 2.27
CA TRP A 32 2.14 0.63 2.42
C TRP A 32 3.22 1.30 3.27
N TYR A 33 3.50 2.57 2.97
CA TYR A 33 4.53 3.39 3.64
C TYR A 33 4.01 4.81 3.92
N TYR A 34 4.60 5.47 4.92
CA TYR A 34 4.35 6.87 5.29
C TYR A 34 5.66 7.68 5.40
N GLU A 35 5.62 8.98 5.11
CA GLU A 35 6.77 9.87 5.34
C GLU A 35 6.83 10.27 6.82
N GLY A 36 7.83 9.73 7.54
CA GLY A 36 8.17 10.11 8.91
C GLY A 36 9.29 11.16 8.96
N ARG A 37 9.98 11.24 10.11
CA ARG A 37 11.06 12.22 10.36
C ARG A 37 12.24 12.07 9.37
N ASN A 38 12.67 10.82 9.13
CA ASN A 38 13.90 10.51 8.39
C ASN A 38 13.70 9.93 6.96
N GLY A 39 12.45 9.59 6.58
CA GLY A 39 12.09 9.05 5.26
C GLY A 39 10.83 8.18 5.28
N TRP A 40 10.67 7.32 4.27
CA TRP A 40 9.60 6.33 4.18
C TRP A 40 9.76 5.20 5.21
N TRP A 41 8.66 4.88 5.92
CA TRP A 41 8.59 3.80 6.91
C TRP A 41 7.32 2.96 6.69
N GLN A 42 7.44 1.63 6.83
CA GLN A 42 6.39 0.69 6.45
C GLN A 42 5.32 0.54 7.56
N TYR A 43 4.04 0.42 7.17
CA TYR A 43 2.92 0.10 8.06
C TYR A 43 2.92 -1.36 8.55
N ASP A 44 2.17 -1.62 9.63
CA ASP A 44 1.88 -2.98 10.12
C ASP A 44 0.79 -3.64 9.26
N GLU A 45 0.85 -4.96 9.12
CA GLU A 45 -0.08 -5.75 8.30
C GLU A 45 -1.55 -5.72 8.81
N ARG A 46 -1.74 -5.36 10.09
CA ARG A 46 -3.06 -5.07 10.68
C ARG A 46 -3.72 -3.86 10.02
N THR A 47 -2.90 -2.85 9.75
CA THR A 47 -3.26 -1.51 9.25
C THR A 47 -3.23 -1.44 7.74
N SER A 48 -2.13 -1.84 7.09
CA SER A 48 -1.95 -1.66 5.64
C SER A 48 -3.01 -2.41 4.80
N ARG A 49 -3.54 -3.53 5.32
CA ARG A 49 -4.63 -4.25 4.67
C ARG A 49 -5.91 -3.41 4.58
N GLU A 50 -6.15 -2.49 5.52
CA GLU A 50 -7.36 -1.64 5.51
C GLU A 50 -7.27 -0.62 4.36
N LEU A 51 -6.06 -0.15 4.09
CA LEU A 51 -5.72 0.84 3.06
C LEU A 51 -5.76 0.18 1.67
N GLU A 52 -5.20 -1.02 1.56
CA GLU A 52 -5.21 -1.86 0.35
C GLU A 52 -6.64 -2.31 -0.06
N ASP A 53 -7.55 -2.48 0.90
CA ASP A 53 -8.92 -2.95 0.65
C ASP A 53 -9.82 -1.81 0.17
N ALA A 54 -9.58 -0.60 0.67
CA ALA A 54 -10.39 0.59 0.44
C ALA A 54 -10.52 0.99 -1.03
N PHE A 55 -9.40 1.11 -1.76
CA PHE A 55 -9.45 1.42 -3.21
C PHE A 55 -10.02 0.25 -4.03
N SER A 56 -9.96 -0.96 -3.47
CA SER A 56 -10.52 -2.18 -4.05
C SER A 56 -12.05 -2.28 -3.82
N LYS A 57 -12.57 -1.70 -2.73
CA LYS A 57 -14.01 -1.60 -2.43
C LYS A 57 -14.69 -0.50 -3.25
N GLY A 58 -14.03 0.64 -3.43
CA GLY A 58 -14.51 1.79 -4.20
C GLY A 58 -14.56 3.10 -3.43
N LYS A 59 -14.32 3.09 -2.11
CA LYS A 59 -14.16 4.32 -1.33
C LYS A 59 -12.89 5.11 -1.72
N LYS A 60 -12.93 6.43 -1.55
CA LYS A 60 -11.82 7.36 -1.86
C LYS A 60 -10.97 7.74 -0.64
N ASN A 61 -11.35 7.25 0.54
CA ASN A 61 -10.67 7.45 1.82
C ASN A 61 -11.20 6.48 2.89
N THR A 62 -10.35 6.12 3.85
CA THR A 62 -10.63 5.14 4.92
C THR A 62 -10.01 5.59 6.24
N GLU A 63 -10.17 4.81 7.30
CA GLU A 63 -9.78 5.15 8.67
C GLU A 63 -8.95 4.06 9.33
N MET A 64 -8.03 4.46 10.20
CA MET A 64 -7.06 3.60 10.89
C MET A 64 -6.54 4.23 12.19
N LEU A 65 -6.10 3.37 13.11
CA LEU A 65 -5.53 3.72 14.40
C LEU A 65 -4.02 3.51 14.38
N ILE A 66 -3.29 4.41 15.04
CA ILE A 66 -1.82 4.40 15.16
C ILE A 66 -1.35 4.30 16.62
N ALA A 67 -0.17 4.81 16.95
CA ALA A 67 0.41 4.84 18.29
C ALA A 67 -0.43 5.56 19.38
N GLY A 68 -1.42 6.38 18.98
CA GLY A 68 -2.30 7.11 19.91
C GLY A 68 -3.37 8.00 19.27
N PHE A 69 -3.67 7.84 17.98
CA PHE A 69 -4.52 8.75 17.19
C PHE A 69 -5.26 8.03 16.06
N LEU A 70 -6.42 8.57 15.67
CA LEU A 70 -7.16 8.17 14.46
C LEU A 70 -6.69 9.07 13.31
N TYR A 71 -6.25 8.44 12.22
CA TYR A 71 -5.93 9.12 10.96
C TYR A 71 -6.82 8.64 9.80
N VAL A 72 -7.33 9.61 9.04
CA VAL A 72 -8.10 9.41 7.81
C VAL A 72 -7.12 9.28 6.64
N ALA A 73 -7.03 8.07 6.10
CA ALA A 73 -6.23 7.73 4.93
C ALA A 73 -6.95 8.10 3.64
N ASP A 74 -6.58 9.24 3.06
CA ASP A 74 -7.07 9.73 1.77
C ASP A 74 -6.27 9.14 0.61
N LEU A 75 -6.95 8.35 -0.24
CA LEU A 75 -6.38 7.73 -1.44
C LEU A 75 -6.11 8.75 -2.56
N GLU A 76 -6.93 9.81 -2.66
CA GLU A 76 -6.92 10.77 -3.77
C GLU A 76 -5.59 11.55 -3.86
N ASN A 77 -5.13 12.09 -2.73
CA ASN A 77 -3.88 12.86 -2.60
C ASN A 77 -2.75 12.00 -2.00
N MET A 78 -3.07 10.78 -1.55
CA MET A 78 -2.18 9.85 -0.83
C MET A 78 -1.65 10.46 0.49
N VAL A 79 -2.55 10.74 1.45
CA VAL A 79 -2.21 11.42 2.72
C VAL A 79 -3.00 10.92 3.93
N GLN A 80 -2.48 11.20 5.13
CA GLN A 80 -3.02 10.88 6.45
C GLN A 80 -3.24 12.15 7.26
N TYR A 81 -4.41 12.31 7.88
CA TYR A 81 -4.73 13.45 8.76
C TYR A 81 -5.78 13.12 9.83
N ARG A 82 -5.84 13.92 10.90
CA ARG A 82 -6.85 13.81 11.97
C ARG A 82 -8.23 14.26 11.47
N ARG A 83 -9.30 13.54 11.87
CA ARG A 83 -10.69 13.77 11.41
C ARG A 83 -11.17 15.24 11.49
N ASN A 84 -10.77 15.96 12.54
CA ASN A 84 -11.18 17.35 12.81
C ASN A 84 -10.15 18.40 12.35
N GLU A 85 -9.02 17.97 11.78
CA GLU A 85 -7.85 18.81 11.48
C GLU A 85 -7.15 18.32 10.20
N HIS A 86 -7.88 18.33 9.08
CA HIS A 86 -7.41 17.83 7.78
C HIS A 86 -6.18 18.58 7.21
N GLY A 87 -5.93 19.80 7.69
CA GLY A 87 -4.78 20.64 7.31
C GLY A 87 -3.43 20.17 7.88
N ARG A 88 -3.43 19.23 8.83
CA ARG A 88 -2.22 18.63 9.42
C ARG A 88 -1.63 17.46 8.60
N ARG A 89 -2.07 17.30 7.33
CA ARG A 89 -1.81 16.13 6.49
C ARG A 89 -0.34 15.73 6.28
N ARG A 90 -0.08 14.42 6.17
CA ARG A 90 1.23 13.77 6.02
C ARG A 90 1.18 12.68 4.95
N LYS A 91 2.20 12.60 4.10
CA LYS A 91 2.25 11.73 2.90
C LYS A 91 2.32 10.23 3.16
N ILE A 92 1.72 9.43 2.26
CA ILE A 92 1.81 7.97 2.17
C ILE A 92 2.02 7.50 0.73
N LYS A 93 2.30 6.20 0.54
CA LYS A 93 2.41 5.53 -0.76
C LYS A 93 2.15 4.02 -0.68
N ARG A 94 1.94 3.38 -1.84
CA ARG A 94 1.94 1.93 -2.03
C ARG A 94 3.28 1.49 -2.64
N ASP A 95 3.69 0.26 -2.37
CA ASP A 95 4.88 -0.38 -2.96
C ASP A 95 4.75 -1.92 -2.99
N ILE A 96 5.74 -2.59 -3.54
CA ILE A 96 5.79 -4.05 -3.75
C ILE A 96 7.08 -4.64 -3.17
N ILE A 97 6.96 -5.80 -2.54
CA ILE A 97 8.10 -6.61 -2.08
C ILE A 97 8.47 -7.65 -3.14
N ASP A 98 9.77 -7.87 -3.33
CA ASP A 98 10.32 -8.85 -4.28
C ASP A 98 10.85 -10.15 -3.64
N ILE A 99 11.20 -10.11 -2.35
CA ILE A 99 11.67 -11.21 -1.46
C ILE A 99 13.14 -11.59 -1.74
N PRO A 100 14.02 -11.62 -0.71
CA PRO A 100 15.43 -11.97 -0.86
C PRO A 100 15.62 -13.48 -1.02
N LYS A 101 16.83 -13.89 -1.43
CA LYS A 101 17.18 -15.31 -1.60
C LYS A 101 17.02 -16.13 -0.31
N LYS A 102 17.28 -15.53 0.86
CA LYS A 102 17.08 -16.13 2.19
C LYS A 102 15.59 -16.44 2.50
N GLY A 103 14.65 -15.75 1.83
CA GLY A 103 13.20 -15.91 1.96
C GLY A 103 12.58 -16.96 1.03
N VAL A 104 13.34 -17.50 0.08
CA VAL A 104 12.88 -18.52 -0.88
C VAL A 104 12.81 -19.89 -0.17
N SER A 105 11.60 -20.44 -0.07
CA SER A 105 11.25 -21.72 0.58
C SER A 105 9.83 -22.14 0.17
N GLY A 106 9.51 -23.45 0.26
CA GLY A 106 8.19 -23.99 -0.08
C GLY A 106 7.14 -23.64 1.01
N PRO A 107 5.92 -23.19 0.62
CA PRO A 107 4.87 -22.82 1.56
C PRO A 107 4.16 -24.05 2.15
N SER A 108 3.52 -23.88 3.31
CA SER A 108 2.82 -24.96 4.03
C SER A 108 1.46 -25.37 3.42
N SER A 109 1.00 -24.67 2.38
CA SER A 109 -0.27 -24.88 1.68
C SER A 109 -0.28 -24.17 0.31
N GLY A 110 -1.19 -24.57 -0.59
CA GLY A 110 -1.32 -24.04 -1.95
C GLY A 110 -2.49 -24.65 -2.72
PG ATP B . 6.06 17.62 13.50
O1G ATP B . 5.46 18.97 13.64
O2G ATP B . 7.13 17.36 14.48
O3G ATP B . 6.47 17.28 12.13
PB ATP B . 3.45 16.48 13.60
O1B ATP B . 3.23 16.45 12.13
O2B ATP B . 2.70 17.51 14.39
O3B ATP B . 4.97 16.59 13.88
PA ATP B . 2.30 14.67 15.37
O1A ATP B . 0.84 14.91 15.17
O2A ATP B . 2.95 15.18 16.61
O3A ATP B . 3.10 15.06 14.11
O5' ATP B . 2.49 13.07 15.39
C5' ATP B . 2.01 12.28 16.48
C4' ATP B . 2.54 10.84 16.46
O4' ATP B . 1.86 10.07 15.47
C3' ATP B . 4.04 10.75 16.16
O3' ATP B . 4.61 9.67 16.91
C2' ATP B . 4.05 10.45 14.66
O2' ATP B . 5.22 9.80 14.19
C1' ATP B . 2.80 9.58 14.52
N9 ATP B . 2.25 9.58 13.15
C8 ATP B . 1.82 10.63 12.38
N7 ATP B . 1.57 10.34 11.14
C5 ATP B . 1.76 8.94 11.11
C6 ATP B . 1.62 7.93 10.14
N6 ATP B . 1.30 8.15 8.87
N1 ATP B . 1.76 6.64 10.44
C2 ATP B . 2.11 6.34 11.69
N3 ATP B . 2.33 7.17 12.70
C4 ATP B . 2.14 8.47 12.35
H5'1 ATP B . 2.32 12.74 17.41
H5'2 ATP B . 0.92 12.26 16.46
H4' ATP B . 2.34 10.40 17.43
H3' ATP B . 4.55 11.69 16.39
HO3' ATP B . 5.45 9.42 16.46
H2' ATP B . 3.90 11.39 14.11
HO2' ATP B . 5.98 10.41 14.24
H1' ATP B . 3.07 8.56 14.81
H8 ATP B . 1.69 11.63 12.78
HN61 ATP B . 1.18 9.10 8.56
HN62 ATP B . 1.28 7.36 8.25
H2 ATP B . 2.20 5.30 11.93
N PRO A 1 5.76 -25.32 -31.57
CA PRO A 1 5.66 -26.56 -30.77
C PRO A 1 6.85 -26.78 -29.83
N SER A 2 6.70 -27.66 -28.84
CA SER A 2 7.74 -28.00 -27.83
C SER A 2 7.41 -29.32 -27.12
N SER A 3 8.43 -30.03 -26.64
CA SER A 3 8.30 -31.23 -25.80
C SER A 3 8.23 -30.93 -24.29
N GLY A 4 8.43 -29.66 -23.89
CA GLY A 4 8.42 -29.20 -22.49
C GLY A 4 7.00 -29.01 -21.94
N SER A 5 6.83 -29.23 -20.63
CA SER A 5 5.58 -29.09 -19.88
C SER A 5 5.84 -29.08 -18.36
N SER A 6 4.84 -28.71 -17.56
CA SER A 6 4.89 -28.61 -16.09
C SER A 6 3.47 -28.44 -15.50
N GLY A 7 3.27 -28.90 -14.25
CA GLY A 7 2.03 -28.71 -13.47
C GLY A 7 2.12 -27.45 -12.60
N PHE A 8 0.97 -26.80 -12.38
CA PHE A 8 0.83 -25.52 -11.69
C PHE A 8 -0.44 -25.46 -10.82
N LEU A 9 -0.45 -24.54 -9.85
CA LEU A 9 -1.52 -24.34 -8.86
C LEU A 9 -1.48 -22.89 -8.32
N ASP A 10 -2.65 -22.34 -7.99
CA ASP A 10 -2.84 -20.96 -7.53
C ASP A 10 -4.06 -20.84 -6.60
N LYS A 11 -4.25 -19.65 -6.03
CA LYS A 11 -5.25 -19.33 -4.99
C LYS A 11 -6.12 -18.10 -5.36
N PRO A 12 -7.32 -17.96 -4.75
CA PRO A 12 -8.28 -16.91 -5.07
C PRO A 12 -7.85 -15.53 -4.53
N THR A 13 -8.63 -14.51 -4.89
CA THR A 13 -8.38 -13.08 -4.68
C THR A 13 -9.64 -12.25 -4.92
N LEU A 14 -9.56 -10.98 -4.53
CA LEU A 14 -10.60 -9.96 -4.66
C LEU A 14 -10.30 -8.99 -5.82
N LEU A 15 -9.02 -8.94 -6.25
CA LEU A 15 -8.52 -7.99 -7.24
C LEU A 15 -8.88 -8.38 -8.70
N SER A 16 -8.45 -7.52 -9.62
CA SER A 16 -8.60 -7.65 -11.06
C SER A 16 -7.43 -8.41 -11.70
N PRO A 17 -7.64 -9.02 -12.88
CA PRO A 17 -6.62 -9.74 -13.63
C PRO A 17 -5.44 -8.85 -14.07
N GLU A 18 -5.64 -7.53 -14.11
CA GLU A 18 -4.59 -6.56 -14.43
C GLU A 18 -3.71 -6.21 -13.23
N GLU A 19 -4.28 -6.21 -12.01
CA GLU A 19 -3.61 -5.86 -10.76
C GLU A 19 -2.59 -6.95 -10.36
N LEU A 20 -3.04 -8.20 -10.40
CA LEU A 20 -2.28 -9.39 -10.03
C LEU A 20 -1.09 -9.57 -10.97
N LYS A 21 -1.34 -9.48 -12.27
CA LYS A 21 -0.29 -9.45 -13.29
C LYS A 21 0.69 -8.27 -13.11
N ALA A 22 0.21 -7.06 -12.78
CA ALA A 22 1.09 -5.91 -12.53
C ALA A 22 1.98 -6.10 -11.29
N ALA A 23 1.44 -6.64 -10.20
CA ALA A 23 2.18 -7.00 -8.99
C ALA A 23 3.21 -8.11 -9.27
N SER A 24 2.82 -9.15 -10.00
CA SER A 24 3.67 -10.30 -10.35
C SER A 24 4.85 -9.92 -11.25
N ARG A 25 4.65 -9.00 -12.20
CA ARG A 25 5.69 -8.41 -13.04
C ARG A 25 6.67 -7.50 -12.26
N GLY A 26 6.30 -7.07 -11.05
CA GLY A 26 7.18 -6.39 -10.10
C GLY A 26 7.97 -7.43 -9.27
N ASN A 27 7.24 -8.29 -8.56
CA ASN A 27 7.78 -9.45 -7.82
C ASN A 27 6.71 -10.48 -7.41
N GLY A 28 5.47 -10.04 -7.17
CA GLY A 28 4.38 -10.84 -6.56
C GLY A 28 4.13 -10.52 -5.09
N GLU A 29 4.42 -9.29 -4.66
CA GLU A 29 4.24 -8.77 -3.29
C GLU A 29 3.74 -7.32 -3.34
N TYR A 30 3.59 -6.67 -2.19
CA TYR A 30 3.12 -5.28 -2.04
C TYR A 30 3.24 -4.75 -0.60
N ALA A 31 3.42 -3.43 -0.46
CA ALA A 31 3.52 -2.73 0.82
C ALA A 31 3.09 -1.25 0.71
N TRP A 32 2.63 -0.71 1.84
CA TRP A 32 2.35 0.71 2.05
C TRP A 32 3.49 1.36 2.85
N TYR A 33 3.76 2.65 2.58
CA TYR A 33 4.75 3.47 3.29
C TYR A 33 4.26 4.90 3.53
N TYR A 34 4.72 5.54 4.60
CA TYR A 34 4.43 6.94 4.95
C TYR A 34 5.71 7.72 5.29
N GLU A 35 5.72 9.03 5.02
CA GLU A 35 6.82 9.90 5.47
C GLU A 35 6.70 10.21 6.96
N GLY A 36 7.62 9.66 7.76
CA GLY A 36 7.80 9.97 9.19
C GLY A 36 8.80 11.11 9.40
N ARG A 37 9.55 11.07 10.51
CA ARG A 37 10.55 12.10 10.84
C ARG A 37 11.82 11.99 9.97
N ASN A 38 12.28 10.76 9.71
CA ASN A 38 13.58 10.47 9.07
C ASN A 38 13.50 9.94 7.62
N GLY A 39 12.31 9.58 7.13
CA GLY A 39 12.08 9.05 5.77
C GLY A 39 10.82 8.20 5.65
N TRP A 40 10.74 7.37 4.60
CA TRP A 40 9.67 6.40 4.40
C TRP A 40 9.75 5.23 5.38
N TRP A 41 8.63 4.90 6.03
CA TRP A 41 8.49 3.78 6.97
C TRP A 41 7.27 2.92 6.64
N GLN A 42 7.40 1.60 6.78
CA GLN A 42 6.39 0.63 6.36
C GLN A 42 5.30 0.46 7.43
N TYR A 43 4.04 0.30 6.99
CA TYR A 43 2.89 0.03 7.86
C TYR A 43 2.87 -1.40 8.45
N ASP A 44 2.07 -1.58 9.51
CA ASP A 44 1.74 -2.88 10.10
C ASP A 44 0.78 -3.69 9.20
N GLU A 45 0.81 -5.03 9.30
CA GLU A 45 0.03 -5.94 8.46
C GLU A 45 -1.48 -5.91 8.74
N ARG A 46 -1.90 -5.39 9.91
CA ARG A 46 -3.30 -5.23 10.28
C ARG A 46 -3.83 -3.83 9.97
N THR A 47 -2.93 -2.87 9.69
CA THR A 47 -3.25 -1.50 9.27
C THR A 47 -3.25 -1.37 7.76
N SER A 48 -2.16 -1.76 7.10
CA SER A 48 -2.02 -1.65 5.63
C SER A 48 -3.10 -2.41 4.86
N ARG A 49 -3.63 -3.50 5.42
CA ARG A 49 -4.73 -4.25 4.83
C ARG A 49 -6.02 -3.42 4.72
N GLU A 50 -6.24 -2.44 5.61
CA GLU A 50 -7.43 -1.58 5.57
C GLU A 50 -7.34 -0.62 4.38
N LEU A 51 -6.12 -0.15 4.10
CA LEU A 51 -5.78 0.77 3.01
C LEU A 51 -5.86 0.04 1.66
N GLU A 52 -5.35 -1.20 1.61
CA GLU A 52 -5.46 -2.11 0.46
C GLU A 52 -6.91 -2.47 0.11
N ASP A 53 -7.80 -2.56 1.10
CA ASP A 53 -9.20 -2.99 0.92
C ASP A 53 -10.07 -1.84 0.43
N ALA A 54 -9.78 -0.62 0.88
CA ALA A 54 -10.56 0.58 0.62
C ALA A 54 -10.68 0.94 -0.88
N PHE A 55 -9.56 0.99 -1.62
CA PHE A 55 -9.62 1.24 -3.07
C PHE A 55 -10.27 0.08 -3.84
N SER A 56 -10.23 -1.12 -3.25
CA SER A 56 -10.86 -2.34 -3.77
C SER A 56 -12.38 -2.36 -3.53
N LYS A 57 -12.86 -1.73 -2.45
CA LYS A 57 -14.29 -1.55 -2.14
C LYS A 57 -14.93 -0.46 -3.01
N GLY A 58 -14.22 0.65 -3.22
CA GLY A 58 -14.65 1.80 -4.03
C GLY A 58 -14.65 3.13 -3.29
N LYS A 59 -14.42 3.13 -1.97
CA LYS A 59 -14.25 4.38 -1.22
C LYS A 59 -12.97 5.14 -1.62
N LYS A 60 -13.02 6.47 -1.48
CA LYS A 60 -11.92 7.39 -1.85
C LYS A 60 -11.02 7.78 -0.67
N ASN A 61 -11.34 7.29 0.54
CA ASN A 61 -10.61 7.50 1.78
C ASN A 61 -11.15 6.56 2.88
N THR A 62 -10.28 6.21 3.84
CA THR A 62 -10.57 5.27 4.94
C THR A 62 -9.90 5.72 6.23
N GLU A 63 -10.05 4.96 7.31
CA GLU A 63 -9.66 5.31 8.67
C GLU A 63 -8.84 4.20 9.34
N MET A 64 -7.89 4.62 10.19
CA MET A 64 -6.92 3.73 10.85
C MET A 64 -6.39 4.34 12.16
N LEU A 65 -5.98 3.46 13.07
CA LEU A 65 -5.43 3.80 14.39
C LEU A 65 -3.91 3.56 14.40
N ILE A 66 -3.20 4.44 15.10
CA ILE A 66 -1.72 4.39 15.26
C ILE A 66 -1.30 4.28 16.74
N ALA A 67 -0.12 4.78 17.10
CA ALA A 67 0.42 4.80 18.47
C ALA A 67 -0.44 5.55 19.51
N GLY A 68 -1.39 6.38 19.08
CA GLY A 68 -2.28 7.14 19.97
C GLY A 68 -3.33 8.04 19.30
N PHE A 69 -3.59 7.88 17.99
CA PHE A 69 -4.39 8.79 17.17
C PHE A 69 -5.11 8.08 16.03
N LEU A 70 -6.27 8.61 15.62
CA LEU A 70 -6.99 8.21 14.42
C LEU A 70 -6.51 9.10 13.26
N TYR A 71 -6.08 8.47 12.18
CA TYR A 71 -5.71 9.13 10.91
C TYR A 71 -6.59 8.68 9.74
N VAL A 72 -6.99 9.66 8.92
CA VAL A 72 -7.82 9.50 7.72
C VAL A 72 -6.90 9.34 6.51
N ALA A 73 -6.87 8.12 5.96
CA ALA A 73 -6.11 7.75 4.78
C ALA A 73 -6.84 8.14 3.50
N ASP A 74 -6.42 9.23 2.87
CA ASP A 74 -6.98 9.73 1.61
C ASP A 74 -6.24 9.11 0.42
N LEU A 75 -6.94 8.26 -0.34
CA LEU A 75 -6.45 7.57 -1.53
C LEU A 75 -6.24 8.50 -2.74
N GLU A 76 -6.99 9.61 -2.80
CA GLU A 76 -7.00 10.51 -3.96
C GLU A 76 -5.73 11.35 -4.07
N ASN A 77 -5.30 11.94 -2.95
CA ASN A 77 -4.11 12.79 -2.84
C ASN A 77 -2.90 12.03 -2.23
N MET A 78 -3.13 10.79 -1.77
CA MET A 78 -2.17 9.91 -1.08
C MET A 78 -1.62 10.58 0.19
N VAL A 79 -2.46 10.82 1.19
CA VAL A 79 -2.07 11.50 2.45
C VAL A 79 -2.81 10.98 3.69
N GLN A 80 -2.20 11.20 4.87
CA GLN A 80 -2.70 10.87 6.20
C GLN A 80 -2.82 12.12 7.06
N TYR A 81 -3.98 12.34 7.69
CA TYR A 81 -4.23 13.44 8.61
C TYR A 81 -5.24 13.08 9.71
N ARG A 82 -5.21 13.82 10.83
CA ARG A 82 -6.15 13.68 11.95
C ARG A 82 -7.53 14.25 11.58
N ARG A 83 -8.62 13.62 12.04
CA ARG A 83 -10.01 13.95 11.67
C ARG A 83 -10.39 15.43 11.84
N ASN A 84 -9.82 16.12 12.83
CA ASN A 84 -10.19 17.51 13.18
C ASN A 84 -9.43 18.58 12.36
N GLU A 85 -8.28 18.27 11.74
CA GLU A 85 -7.48 19.22 10.96
C GLU A 85 -6.59 18.57 9.91
N HIS A 86 -6.70 19.06 8.67
CA HIS A 86 -5.97 18.55 7.49
C HIS A 86 -4.54 19.12 7.36
N GLY A 87 -4.23 20.21 8.08
CA GLY A 87 -2.95 20.95 8.00
C GLY A 87 -1.72 20.15 8.49
N ARG A 88 -1.93 19.03 9.18
CA ARG A 88 -0.90 18.07 9.61
C ARG A 88 -0.56 17.01 8.54
N ARG A 89 -1.19 17.05 7.35
CA ARG A 89 -1.14 15.96 6.37
C ARG A 89 0.28 15.52 5.94
N ARG A 90 0.52 14.20 6.02
CA ARG A 90 1.77 13.50 5.65
C ARG A 90 1.54 12.62 4.42
N LYS A 91 2.44 12.70 3.44
CA LYS A 91 2.40 11.91 2.19
C LYS A 91 2.64 10.41 2.42
N ILE A 92 1.96 9.58 1.62
CA ILE A 92 2.12 8.10 1.58
C ILE A 92 2.35 7.60 0.16
N LYS A 93 2.69 6.32 0.02
CA LYS A 93 2.91 5.65 -1.26
C LYS A 93 2.62 4.13 -1.20
N ARG A 94 2.51 3.53 -2.38
CA ARG A 94 2.45 2.08 -2.62
C ARG A 94 3.79 1.61 -3.19
N ASP A 95 4.25 0.43 -2.80
CA ASP A 95 5.52 -0.16 -3.24
C ASP A 95 5.48 -1.70 -3.26
N ILE A 96 6.60 -2.32 -3.65
CA ILE A 96 6.76 -3.77 -3.84
C ILE A 96 7.99 -4.28 -3.08
N ILE A 97 7.86 -5.44 -2.46
CA ILE A 97 8.97 -6.17 -1.82
C ILE A 97 9.63 -7.13 -2.83
N ASP A 98 10.96 -7.26 -2.77
CA ASP A 98 11.73 -8.13 -3.66
C ASP A 98 12.15 -9.49 -3.06
N ILE A 99 12.21 -9.58 -1.72
CA ILE A 99 12.49 -10.77 -0.87
C ILE A 99 13.99 -11.19 -0.92
N PRO A 100 14.66 -11.34 0.24
CA PRO A 100 16.05 -11.78 0.33
C PRO A 100 16.17 -13.30 0.19
N LYS A 101 17.40 -13.76 -0.05
CA LYS A 101 17.71 -15.21 -0.10
C LYS A 101 17.39 -15.93 1.23
N LYS A 102 17.55 -15.24 2.36
CA LYS A 102 17.18 -15.71 3.70
C LYS A 102 15.66 -15.96 3.88
N GLY A 103 14.83 -15.38 3.01
CA GLY A 103 13.36 -15.53 2.99
C GLY A 103 12.86 -16.77 2.25
N VAL A 104 13.71 -17.46 1.48
CA VAL A 104 13.38 -18.69 0.76
C VAL A 104 13.19 -19.83 1.76
N SER A 105 11.97 -20.36 1.83
CA SER A 105 11.53 -21.31 2.88
C SER A 105 10.83 -22.57 2.32
N GLY A 106 10.79 -22.75 1.00
CA GLY A 106 10.10 -23.87 0.32
C GLY A 106 8.59 -23.64 0.14
N PRO A 107 7.83 -24.68 -0.28
CA PRO A 107 6.40 -24.59 -0.54
C PRO A 107 5.59 -24.53 0.77
N SER A 108 4.38 -23.97 0.70
CA SER A 108 3.45 -23.79 1.83
C SER A 108 2.03 -23.45 1.32
N SER A 109 1.05 -23.33 2.22
CA SER A 109 -0.35 -23.04 1.92
C SER A 109 -1.09 -22.51 3.17
N GLY A 110 -1.97 -21.51 2.97
CA GLY A 110 -2.82 -20.89 4.01
C GLY A 110 -3.77 -19.84 3.46
PG ATP B . 1.32 18.61 16.53
O1G ATP B . 0.22 19.34 15.88
O2G ATP B . 0.90 17.94 17.79
O3G ATP B . 2.57 19.39 16.66
PB ATP B . 2.88 16.71 15.05
O1B ATP B . 3.71 16.29 16.22
O2B ATP B . 3.50 17.52 13.98
O3B ATP B . 1.60 17.44 15.56
PA ATP B . 2.96 14.40 13.49
O1A ATP B . 4.43 14.39 13.67
O2A ATP B . 2.42 14.57 12.12
O3A ATP B . 2.26 15.42 14.43
O5' ATP B . 2.43 12.96 13.98
C5' ATP B . 2.45 12.59 15.35
C4' ATP B . 3.01 11.18 15.59
O4' ATP B . 2.27 10.19 14.86
C3' ATP B . 4.49 11.06 15.20
O3' ATP B . 5.17 10.16 16.08
C2' ATP B . 4.39 10.47 13.78
O2' ATP B . 5.54 9.77 13.35
C1' ATP B . 3.16 9.57 13.92
N9 ATP B . 2.49 9.35 12.63
C8 ATP B . 2.06 10.28 11.72
N7 ATP B . 1.58 9.77 10.60
C5 ATP B . 1.69 8.39 10.82
C6 ATP B . 1.32 7.24 10.09
N6 ATP B . 0.80 7.26 8.89
N1 ATP B . 1.50 6.01 10.59
C2 ATP B . 2.02 5.91 11.81
N3 ATP B . 2.42 6.90 12.62
C4 ATP B . 2.22 8.13 12.06
H5'1 ATP B . 3.03 13.30 15.93
H5'2 ATP B . 1.42 12.62 15.73
H4' ATP B . 2.92 10.95 16.66
H3' ATP B . 4.98 12.03 15.18
HO3' ATP B . 5.95 9.83 15.60
H2' ATP B . 4.16 11.29 13.09
HO2' ATP B . 6.29 10.39 13.26
H1' ATP B . 3.49 8.61 14.33
H8 ATP B . 2.09 11.34 11.90
HN61 ATP B . 0.66 8.15 8.43
HN62 ATP B . 0.62 6.38 8.42
H2 ATP B . 2.13 4.92 12.20
N PRO A 1 -15.72 -3.16 -5.29
CA PRO A 1 -16.24 -3.25 -6.66
C PRO A 1 -16.13 -1.94 -7.45
N SER A 2 -16.55 -1.94 -8.72
CA SER A 2 -16.57 -0.79 -9.64
C SER A 2 -17.49 -1.07 -10.84
N SER A 3 -17.97 -0.04 -11.53
CA SER A 3 -18.96 -0.14 -12.62
C SER A 3 -18.40 -0.60 -13.99
N GLY A 4 -17.09 -0.86 -14.05
CA GLY A 4 -16.37 -1.32 -15.26
C GLY A 4 -16.36 -2.85 -15.40
N SER A 5 -15.23 -3.40 -15.86
CA SER A 5 -15.04 -4.84 -16.09
C SER A 5 -13.54 -5.22 -16.16
N SER A 6 -12.71 -4.39 -16.78
CA SER A 6 -11.25 -4.56 -16.89
C SER A 6 -10.53 -3.22 -17.14
N GLY A 7 -9.21 -3.18 -16.86
CA GLY A 7 -8.38 -1.97 -16.95
C GLY A 7 -8.40 -1.12 -15.67
N PHE A 8 -7.45 -0.18 -15.59
CA PHE A 8 -7.15 0.64 -14.43
C PHE A 8 -6.71 2.06 -14.82
N LEU A 9 -6.57 2.95 -13.83
CA LEU A 9 -6.15 4.35 -13.99
C LEU A 9 -5.17 4.74 -12.86
N ASP A 10 -4.08 5.42 -13.22
CA ASP A 10 -2.94 5.74 -12.36
C ASP A 10 -2.15 6.95 -12.89
N LYS A 11 -1.25 7.43 -12.03
CA LYS A 11 -0.31 8.52 -12.29
C LYS A 11 0.76 8.16 -13.36
N PRO A 12 1.39 9.18 -13.99
CA PRO A 12 2.33 9.00 -15.09
C PRO A 12 3.68 8.41 -14.63
N THR A 13 4.49 8.08 -15.63
CA THR A 13 5.74 7.30 -15.52
C THR A 13 6.57 7.39 -16.80
N LEU A 14 7.79 6.87 -16.73
CA LEU A 14 8.79 6.85 -17.80
C LEU A 14 8.97 5.43 -18.38
N LEU A 15 8.30 4.43 -17.79
CA LEU A 15 8.41 3.01 -18.18
C LEU A 15 7.36 2.62 -19.24
N SER A 16 7.40 1.34 -19.60
CA SER A 16 6.46 0.68 -20.49
C SER A 16 5.27 0.08 -19.72
N PRO A 17 4.12 -0.13 -20.38
CA PRO A 17 2.92 -0.72 -19.78
C PRO A 17 3.14 -2.16 -19.29
N GLU A 18 4.16 -2.86 -19.82
CA GLU A 18 4.54 -4.21 -19.40
C GLU A 18 5.37 -4.21 -18.11
N GLU A 19 6.19 -3.18 -17.88
CA GLU A 19 7.13 -3.07 -16.75
C GLU A 19 6.39 -2.90 -15.41
N LEU A 20 5.44 -1.96 -15.40
CA LEU A 20 4.65 -1.55 -14.24
C LEU A 20 3.76 -2.71 -13.77
N LYS A 21 3.17 -3.41 -14.74
CA LYS A 21 2.45 -4.67 -14.49
C LYS A 21 3.40 -5.77 -13.98
N ALA A 22 4.57 -5.97 -14.59
CA ALA A 22 5.52 -7.02 -14.20
C ALA A 22 6.10 -6.82 -12.79
N ALA A 23 6.28 -5.58 -12.34
CA ALA A 23 6.71 -5.23 -10.98
C ALA A 23 5.75 -5.76 -9.89
N SER A 24 4.47 -5.90 -10.21
CA SER A 24 3.45 -6.47 -9.31
C SER A 24 3.28 -7.98 -9.54
N ARG A 25 3.06 -8.38 -10.80
CA ARG A 25 2.80 -9.75 -11.25
C ARG A 25 3.93 -10.75 -10.92
N GLY A 26 5.15 -10.25 -10.72
CA GLY A 26 6.36 -11.06 -10.41
C GLY A 26 6.31 -11.79 -9.06
N ASN A 27 5.44 -11.37 -8.13
CA ASN A 27 5.24 -12.05 -6.85
C ASN A 27 3.83 -11.88 -6.23
N GLY A 28 3.17 -10.73 -6.40
CA GLY A 28 1.77 -10.50 -5.97
C GLY A 28 1.59 -10.06 -4.51
N GLU A 29 2.69 -9.69 -3.85
CA GLU A 29 2.72 -9.06 -2.53
C GLU A 29 2.35 -7.57 -2.61
N TYR A 30 2.45 -6.86 -1.47
CA TYR A 30 2.19 -5.42 -1.34
C TYR A 30 2.60 -4.89 0.05
N ALA A 31 2.95 -3.61 0.09
CA ALA A 31 3.29 -2.86 1.30
C ALA A 31 2.95 -1.38 1.11
N TRP A 32 2.53 -0.74 2.19
CA TRP A 32 2.26 0.69 2.26
C TRP A 32 3.35 1.39 3.07
N TYR A 33 3.65 2.64 2.70
CA TYR A 33 4.68 3.47 3.34
C TYR A 33 4.20 4.93 3.52
N TYR A 34 4.71 5.60 4.55
CA TYR A 34 4.38 6.99 4.91
C TYR A 34 5.63 7.79 5.31
N GLU A 35 5.58 9.12 5.18
CA GLU A 35 6.67 10.00 5.62
C GLU A 35 6.68 10.18 7.14
N GLY A 36 7.77 9.75 7.80
CA GLY A 36 8.08 10.02 9.20
C GLY A 36 9.19 11.06 9.36
N ARG A 37 9.81 11.12 10.55
CA ARG A 37 10.89 12.08 10.87
C ARG A 37 12.13 11.91 9.97
N ASN A 38 12.57 10.67 9.76
CA ASN A 38 13.85 10.33 9.11
C ASN A 38 13.75 9.78 7.67
N GLY A 39 12.53 9.51 7.18
CA GLY A 39 12.28 8.98 5.82
C GLY A 39 10.95 8.22 5.71
N TRP A 40 10.84 7.37 4.68
CA TRP A 40 9.69 6.49 4.46
C TRP A 40 9.75 5.26 5.40
N TRP A 41 8.62 4.95 6.04
CA TRP A 41 8.48 3.82 6.98
C TRP A 41 7.23 3.00 6.67
N GLN A 42 7.31 1.68 6.87
CA GLN A 42 6.26 0.73 6.49
C GLN A 42 5.18 0.63 7.58
N TYR A 43 3.92 0.50 7.18
CA TYR A 43 2.80 0.18 8.08
C TYR A 43 2.82 -1.28 8.59
N ASP A 44 2.09 -1.54 9.68
CA ASP A 44 1.82 -2.89 10.16
C ASP A 44 0.79 -3.61 9.28
N GLU A 45 0.88 -4.94 9.21
CA GLU A 45 0.03 -5.78 8.37
C GLU A 45 -1.47 -5.77 8.76
N ARG A 46 -1.81 -5.42 10.00
CA ARG A 46 -3.21 -5.16 10.43
C ARG A 46 -3.77 -3.89 9.78
N THR A 47 -2.91 -2.88 9.68
CA THR A 47 -3.23 -1.53 9.18
C THR A 47 -3.20 -1.46 7.65
N SER A 48 -2.10 -1.88 7.01
CA SER A 48 -1.89 -1.69 5.57
C SER A 48 -2.95 -2.39 4.71
N ARG A 49 -3.48 -3.53 5.18
CA ARG A 49 -4.56 -4.24 4.49
C ARG A 49 -5.85 -3.41 4.43
N GLU A 50 -6.09 -2.50 5.38
CA GLU A 50 -7.30 -1.66 5.37
C GLU A 50 -7.22 -0.63 4.23
N LEU A 51 -6.01 -0.13 4.00
CA LEU A 51 -5.67 0.86 2.97
C LEU A 51 -5.74 0.21 1.57
N GLU A 52 -5.20 -1.00 1.46
CA GLU A 52 -5.25 -1.85 0.26
C GLU A 52 -6.68 -2.28 -0.12
N ASP A 53 -7.57 -2.48 0.86
CA ASP A 53 -8.94 -2.96 0.64
C ASP A 53 -9.88 -1.83 0.23
N ALA A 54 -9.62 -0.63 0.75
CA ALA A 54 -10.43 0.57 0.52
C ALA A 54 -10.56 0.96 -0.97
N PHE A 55 -9.45 1.01 -1.72
CA PHE A 55 -9.50 1.28 -3.16
C PHE A 55 -10.11 0.12 -3.96
N SER A 56 -10.09 -1.07 -3.37
CA SER A 56 -10.72 -2.28 -3.92
C SER A 56 -12.25 -2.33 -3.67
N LYS A 57 -12.71 -1.75 -2.56
CA LYS A 57 -14.13 -1.64 -2.19
C LYS A 57 -14.84 -0.58 -3.04
N GLY A 58 -14.22 0.59 -3.20
CA GLY A 58 -14.74 1.72 -3.98
C GLY A 58 -14.76 3.05 -3.21
N LYS A 59 -14.47 3.04 -1.90
CA LYS A 59 -14.31 4.28 -1.13
C LYS A 59 -13.06 5.08 -1.57
N LYS A 60 -13.13 6.41 -1.39
CA LYS A 60 -12.06 7.36 -1.77
C LYS A 60 -11.14 7.74 -0.59
N ASN A 61 -11.44 7.23 0.60
CA ASN A 61 -10.69 7.44 1.84
C ASN A 61 -11.18 6.48 2.93
N THR A 62 -10.28 6.11 3.85
CA THR A 62 -10.52 5.17 4.95
C THR A 62 -9.86 5.64 6.24
N GLU A 63 -10.01 4.88 7.32
CA GLU A 63 -9.61 5.26 8.67
C GLU A 63 -8.81 4.16 9.36
N MET A 64 -7.84 4.58 10.19
CA MET A 64 -6.88 3.70 10.86
C MET A 64 -6.35 4.31 12.16
N LEU A 65 -5.99 3.45 13.11
CA LEU A 65 -5.41 3.78 14.40
C LEU A 65 -3.91 3.51 14.39
N ILE A 66 -3.16 4.39 15.05
CA ILE A 66 -1.69 4.31 15.16
C ILE A 66 -1.24 4.17 16.64
N ALA A 67 -0.06 4.68 17.00
CA ALA A 67 0.47 4.66 18.36
C ALA A 67 -0.38 5.40 19.42
N GLY A 68 -1.34 6.25 19.00
CA GLY A 68 -2.23 6.98 19.91
C GLY A 68 -3.27 7.90 19.26
N PHE A 69 -3.50 7.79 17.94
CA PHE A 69 -4.30 8.73 17.15
C PHE A 69 -5.02 8.05 15.97
N LEU A 70 -6.17 8.59 15.58
CA LEU A 70 -6.90 8.23 14.36
C LEU A 70 -6.40 9.12 13.21
N TYR A 71 -5.96 8.49 12.12
CA TYR A 71 -5.61 9.15 10.87
C TYR A 71 -6.50 8.70 9.71
N VAL A 72 -6.96 9.67 8.92
CA VAL A 72 -7.83 9.49 7.74
C VAL A 72 -6.94 9.35 6.51
N ALA A 73 -6.90 8.15 5.95
CA ALA A 73 -6.16 7.78 4.77
C ALA A 73 -6.91 8.15 3.49
N ASP A 74 -6.55 9.28 2.89
CA ASP A 74 -7.13 9.77 1.64
C ASP A 74 -6.38 9.17 0.43
N LEU A 75 -7.08 8.33 -0.34
CA LEU A 75 -6.58 7.68 -1.56
C LEU A 75 -6.43 8.65 -2.74
N GLU A 76 -7.22 9.74 -2.77
CA GLU A 76 -7.28 10.67 -3.90
C GLU A 76 -6.00 11.49 -4.08
N ASN A 77 -5.49 12.05 -2.98
CA ASN A 77 -4.26 12.84 -2.92
C ASN A 77 -3.07 12.04 -2.38
N MET A 78 -3.32 10.80 -1.90
CA MET A 78 -2.38 9.90 -1.22
C MET A 78 -1.81 10.55 0.06
N VAL A 79 -2.65 10.85 1.05
CA VAL A 79 -2.21 11.52 2.29
C VAL A 79 -2.93 11.03 3.54
N GLN A 80 -2.25 11.15 4.69
CA GLN A 80 -2.80 10.96 6.03
C GLN A 80 -2.98 12.30 6.73
N TYR A 81 -4.07 12.45 7.48
CA TYR A 81 -4.33 13.57 8.39
C TYR A 81 -5.26 13.18 9.56
N ARG A 82 -5.19 13.90 10.67
CA ARG A 82 -6.04 13.72 11.85
C ARG A 82 -7.45 14.27 11.59
N ARG A 83 -8.50 13.61 12.10
CA ARG A 83 -9.91 14.00 11.92
C ARG A 83 -10.22 15.46 12.31
N ASN A 84 -9.45 16.04 13.24
CA ASN A 84 -9.66 17.41 13.74
C ASN A 84 -9.28 18.52 12.74
N GLU A 85 -8.38 18.24 11.77
CA GLU A 85 -8.01 19.17 10.69
C GLU A 85 -7.27 18.46 9.54
N HIS A 86 -7.73 18.66 8.31
CA HIS A 86 -7.16 18.06 7.10
C HIS A 86 -5.90 18.79 6.56
N GLY A 87 -5.66 20.02 7.03
CA GLY A 87 -4.60 20.93 6.57
C GLY A 87 -3.21 20.34 6.76
N ARG A 88 -2.80 20.12 8.02
CA ARG A 88 -1.59 19.34 8.33
C ARG A 88 -1.80 17.89 7.90
N ARG A 89 -0.95 17.43 6.98
CA ARG A 89 -1.05 16.12 6.31
C ARG A 89 0.33 15.58 5.88
N ARG A 90 0.40 14.28 5.59
CA ARG A 90 1.63 13.54 5.26
C ARG A 90 1.41 12.62 4.07
N LYS A 91 2.26 12.72 3.04
CA LYS A 91 2.21 11.88 1.85
C LYS A 91 2.49 10.39 2.15
N ILE A 92 1.83 9.50 1.40
CA ILE A 92 1.98 8.04 1.47
C ILE A 92 2.15 7.44 0.06
N LYS A 93 2.50 6.16 0.01
CA LYS A 93 2.72 5.40 -1.23
C LYS A 93 2.52 3.89 -1.05
N ARG A 94 2.41 3.17 -2.17
CA ARG A 94 2.43 1.70 -2.25
C ARG A 94 3.72 1.19 -2.91
N ASP A 95 4.15 -0.01 -2.52
CA ASP A 95 5.29 -0.75 -3.04
C ASP A 95 5.00 -2.26 -3.02
N ILE A 96 5.84 -3.05 -3.70
CA ILE A 96 5.70 -4.52 -3.85
C ILE A 96 6.95 -5.21 -3.30
N ILE A 97 6.73 -6.27 -2.53
CA ILE A 97 7.80 -7.18 -2.06
C ILE A 97 8.01 -8.32 -3.05
N ASP A 98 9.27 -8.70 -3.26
CA ASP A 98 9.66 -9.79 -4.17
C ASP A 98 10.04 -11.11 -3.46
N ILE A 99 10.47 -11.04 -2.19
CA ILE A 99 10.84 -12.15 -1.27
C ILE A 99 12.23 -12.76 -1.62
N PRO A 100 13.16 -12.90 -0.65
CA PRO A 100 14.51 -13.41 -0.89
C PRO A 100 14.52 -14.94 -1.07
N LYS A 101 15.66 -15.48 -1.48
CA LYS A 101 15.89 -16.92 -1.66
C LYS A 101 15.76 -17.77 -0.37
N LYS A 102 15.74 -17.11 0.81
CA LYS A 102 15.42 -17.74 2.10
C LYS A 102 13.92 -18.07 2.25
N GLY A 103 13.05 -17.27 1.61
CA GLY A 103 11.60 -17.51 1.50
C GLY A 103 11.23 -18.28 0.22
N VAL A 104 11.80 -17.87 -0.93
CA VAL A 104 11.70 -18.59 -2.22
C VAL A 104 12.79 -19.68 -2.25
N SER A 105 12.62 -20.70 -1.42
CA SER A 105 13.63 -21.72 -1.12
C SER A 105 13.31 -23.13 -1.67
N GLY A 106 12.08 -23.37 -2.15
CA GLY A 106 11.63 -24.68 -2.64
C GLY A 106 11.89 -24.87 -4.15
N PRO A 107 12.04 -26.13 -4.63
CA PRO A 107 12.20 -26.43 -6.05
C PRO A 107 10.92 -26.19 -6.85
N SER A 108 9.75 -26.19 -6.20
CA SER A 108 8.43 -25.89 -6.78
C SER A 108 8.06 -24.40 -6.71
N SER A 109 8.90 -23.55 -6.11
CA SER A 109 8.64 -22.11 -5.91
C SER A 109 8.95 -21.24 -7.14
N GLY A 110 9.49 -21.82 -8.22
CA GLY A 110 9.82 -21.14 -9.48
C GLY A 110 10.38 -22.10 -10.54
PG ATP B . 2.03 16.82 12.16
O1G ATP B . 2.40 15.96 11.01
O2G ATP B . 0.63 16.63 12.61
O3G ATP B . 2.43 18.22 12.01
PB ATP B . 4.06 16.54 14.25
O1B ATP B . 3.59 17.46 15.33
O2B ATP B . 5.26 16.92 13.46
O3B ATP B . 2.87 16.21 13.31
PA ATP B . 5.50 14.27 15.16
O1A ATP B . 6.38 14.89 16.19
O2A ATP B . 6.12 13.85 13.88
O3A ATP B . 4.27 15.14 14.89
O5' ATP B . 4.87 12.94 15.81
C5' ATP B . 3.87 12.21 15.13
C4' ATP B . 3.74 10.79 15.68
O4' ATP B . 2.70 10.11 14.98
C3' ATP B . 5.02 9.97 15.49
O3' ATP B . 5.15 8.98 16.50
C2' ATP B . 4.77 9.35 14.11
O2' ATP B . 5.55 8.17 13.89
C1' ATP B . 3.27 9.07 14.20
N9 ATP B . 2.64 8.99 12.85
C8 ATP B . 2.29 10.01 12.00
N7 ATP B . 1.82 9.61 10.84
C5 ATP B . 1.84 8.22 10.97
C6 ATP B . 1.42 7.13 10.16
N6 ATP B . 0.90 7.27 8.96
N1 ATP B . 1.49 5.88 10.59
C2 ATP B . 1.98 5.66 11.79
N3 ATP B . 2.43 6.56 12.67
C4 ATP B . 2.32 7.84 12.19
H5'1 ATP B . 2.91 12.72 15.25
H5'2 ATP B . 4.09 12.16 14.06
H4' ATP B . 3.50 10.86 16.74
H3' ATP B . 5.91 10.61 15.47
HO3' ATP B . 5.72 8.29 16.14
H2' ATP B . 4.98 10.08 13.34
HO2' ATP B . 5.30 7.75 13.05
H1' ATP B . 3.13 8.11 14.71
H8 ATP B . 2.35 11.05 12.27
HN61 ATP B . 0.83 8.20 8.56
HN62 ATP B . 0.67 6.44 8.43
H2 ATP B . 2.03 4.64 12.13
N PRO A 1 7.43 -21.95 -26.45
CA PRO A 1 7.73 -22.92 -25.38
C PRO A 1 8.71 -24.02 -25.80
N SER A 2 9.22 -24.79 -24.85
CA SER A 2 10.18 -25.89 -25.07
C SER A 2 10.24 -26.85 -23.86
N SER A 3 10.78 -28.05 -24.04
CA SER A 3 10.84 -29.11 -23.01
C SER A 3 11.72 -28.78 -21.79
N GLY A 4 12.44 -27.64 -21.82
CA GLY A 4 13.17 -27.08 -20.68
C GLY A 4 12.27 -26.31 -19.70
N SER A 5 11.01 -26.01 -20.08
CA SER A 5 10.06 -25.24 -19.26
C SER A 5 8.61 -25.78 -19.32
N SER A 6 8.16 -26.30 -20.46
CA SER A 6 6.88 -27.01 -20.66
C SER A 6 5.60 -26.15 -20.49
N GLY A 7 5.74 -24.82 -20.34
CA GLY A 7 4.64 -23.87 -20.14
C GLY A 7 4.29 -23.64 -18.67
N PHE A 8 3.51 -22.58 -18.41
CA PHE A 8 3.21 -22.04 -17.08
C PHE A 8 1.72 -21.69 -16.91
N LEU A 9 1.28 -21.57 -15.65
CA LEU A 9 -0.11 -21.32 -15.24
C LEU A 9 -0.13 -20.66 -13.85
N ASP A 10 -1.13 -19.82 -13.58
CA ASP A 10 -1.29 -19.05 -12.34
C ASP A 10 -2.77 -18.81 -11.99
N LYS A 11 -2.99 -18.33 -10.77
CA LYS A 11 -4.29 -18.12 -10.12
C LYS A 11 -4.98 -16.78 -10.51
N PRO A 12 -6.30 -16.67 -10.28
CA PRO A 12 -7.09 -15.46 -10.59
C PRO A 12 -6.80 -14.31 -9.61
N THR A 13 -7.46 -13.17 -9.84
CA THR A 13 -7.23 -11.90 -9.14
C THR A 13 -8.44 -10.97 -9.23
N LEU A 14 -8.40 -9.92 -8.41
CA LEU A 14 -9.43 -8.90 -8.25
C LEU A 14 -8.94 -7.52 -8.72
N LEU A 15 -7.66 -7.42 -9.12
CA LEU A 15 -7.02 -6.17 -9.56
C LEU A 15 -7.24 -5.89 -11.06
N SER A 16 -6.57 -4.85 -11.55
CA SER A 16 -6.62 -4.35 -12.91
C SER A 16 -5.39 -4.79 -13.72
N PRO A 17 -5.49 -4.81 -15.06
CA PRO A 17 -4.38 -5.19 -15.95
C PRO A 17 -3.15 -4.28 -15.80
N GLU A 18 -3.35 -3.02 -15.37
CA GLU A 18 -2.28 -2.05 -15.14
C GLU A 18 -1.63 -2.16 -13.74
N GLU A 19 -2.23 -2.92 -12.81
CA GLU A 19 -1.66 -3.24 -11.49
C GLU A 19 -0.75 -4.45 -11.58
N LEU A 20 -1.26 -5.53 -12.15
CA LEU A 20 -0.59 -6.83 -12.28
C LEU A 20 0.69 -6.69 -13.10
N LYS A 21 0.57 -6.08 -14.28
CA LYS A 21 1.73 -5.77 -15.14
C LYS A 21 2.75 -4.78 -14.52
N ALA A 22 2.39 -4.07 -13.45
CA ALA A 22 3.30 -3.22 -12.68
C ALA A 22 3.98 -4.00 -11.53
N ALA A 23 3.20 -4.70 -10.70
CA ALA A 23 3.67 -5.41 -9.51
C ALA A 23 4.37 -6.74 -9.82
N SER A 24 3.83 -7.54 -10.74
CA SER A 24 4.36 -8.87 -11.09
C SER A 24 5.65 -8.78 -11.92
N ARG A 25 5.80 -7.70 -12.71
CA ARG A 25 7.04 -7.38 -13.43
C ARG A 25 8.20 -7.04 -12.47
N GLY A 26 7.88 -6.56 -11.26
CA GLY A 26 8.82 -6.36 -10.15
C GLY A 26 9.09 -7.68 -9.42
N ASN A 27 8.06 -8.23 -8.76
CA ASN A 27 8.13 -9.49 -8.00
C ASN A 27 6.76 -10.16 -7.71
N GLY A 28 5.67 -9.38 -7.67
CA GLY A 28 4.29 -9.84 -7.38
C GLY A 28 3.83 -9.61 -5.93
N GLU A 29 4.71 -9.07 -5.08
CA GLU A 29 4.40 -8.58 -3.73
C GLU A 29 3.89 -7.13 -3.76
N TYR A 30 3.62 -6.55 -2.58
CA TYR A 30 3.15 -5.16 -2.39
C TYR A 30 3.13 -4.74 -0.91
N ALA A 31 3.30 -3.44 -0.66
CA ALA A 31 3.27 -2.83 0.68
C ALA A 31 2.90 -1.33 0.62
N TRP A 32 2.28 -0.83 1.69
CA TRP A 32 2.02 0.60 1.91
C TRP A 32 3.09 1.24 2.81
N TYR A 33 3.39 2.51 2.56
CA TYR A 33 4.38 3.33 3.29
C TYR A 33 3.85 4.74 3.57
N TYR A 34 4.46 5.43 4.54
CA TYR A 34 4.20 6.83 4.91
C TYR A 34 5.50 7.59 5.20
N GLU A 35 5.56 8.90 4.94
CA GLU A 35 6.70 9.73 5.36
C GLU A 35 6.57 10.10 6.85
N GLY A 36 7.47 9.55 7.67
CA GLY A 36 7.66 9.92 9.08
C GLY A 36 8.70 11.03 9.24
N ARG A 37 9.37 11.06 10.40
CA ARG A 37 10.38 12.08 10.73
C ARG A 37 11.65 11.98 9.85
N ASN A 38 12.12 10.75 9.60
CA ASN A 38 13.42 10.48 8.95
C ASN A 38 13.33 9.97 7.50
N GLY A 39 12.13 9.64 6.99
CA GLY A 39 11.88 9.17 5.63
C GLY A 39 10.64 8.28 5.51
N TRP A 40 10.54 7.52 4.41
CA TRP A 40 9.48 6.52 4.21
C TRP A 40 9.62 5.33 5.17
N TRP A 41 8.52 4.95 5.81
CA TRP A 41 8.41 3.80 6.73
C TRP A 41 7.18 2.96 6.40
N GLN A 42 7.31 1.63 6.49
CA GLN A 42 6.26 0.69 6.11
C GLN A 42 5.17 0.62 7.19
N TYR A 43 3.90 0.56 6.77
CA TYR A 43 2.76 0.29 7.68
C TYR A 43 2.76 -1.15 8.23
N ASP A 44 2.17 -1.33 9.42
CA ASP A 44 1.89 -2.64 10.01
C ASP A 44 0.84 -3.41 9.19
N GLU A 45 0.88 -4.74 9.23
CA GLU A 45 0.01 -5.61 8.43
C GLU A 45 -1.47 -5.57 8.88
N ARG A 46 -1.73 -5.09 10.10
CA ARG A 46 -3.09 -4.83 10.60
C ARG A 46 -3.62 -3.46 10.15
N THR A 47 -2.74 -2.55 9.68
CA THR A 47 -3.06 -1.21 9.22
C THR A 47 -3.10 -1.13 7.69
N SER A 48 -2.08 -1.62 7.00
CA SER A 48 -2.02 -1.59 5.53
C SER A 48 -3.15 -2.36 4.86
N ARG A 49 -3.69 -3.39 5.53
CA ARG A 49 -4.88 -4.11 5.06
C ARG A 49 -6.11 -3.21 4.96
N GLU A 50 -6.22 -2.16 5.77
CA GLU A 50 -7.36 -1.24 5.73
C GLU A 50 -7.28 -0.38 4.46
N LEU A 51 -6.06 0.04 4.11
CA LEU A 51 -5.74 0.84 2.93
C LEU A 51 -5.91 0.02 1.64
N GLU A 52 -5.44 -1.23 1.65
CA GLU A 52 -5.65 -2.24 0.60
C GLU A 52 -7.14 -2.49 0.33
N ASP A 53 -7.94 -2.65 1.39
CA ASP A 53 -9.35 -3.03 1.28
C ASP A 53 -10.19 -1.88 0.74
N ALA A 54 -9.85 -0.66 1.16
CA ALA A 54 -10.53 0.57 0.81
C ALA A 54 -10.47 0.92 -0.69
N PHE A 55 -9.28 0.89 -1.31
CA PHE A 55 -9.18 1.14 -2.77
C PHE A 55 -9.80 -0.01 -3.58
N SER A 56 -9.91 -1.19 -2.96
CA SER A 56 -10.57 -2.37 -3.53
C SER A 56 -12.12 -2.31 -3.42
N LYS A 57 -12.65 -1.69 -2.36
CA LYS A 57 -14.09 -1.46 -2.14
C LYS A 57 -14.63 -0.37 -3.08
N GLY A 58 -13.87 0.72 -3.23
CA GLY A 58 -14.22 1.88 -4.07
C GLY A 58 -14.21 3.21 -3.33
N LYS A 59 -14.06 3.22 -1.99
CA LYS A 59 -13.93 4.47 -1.25
C LYS A 59 -12.63 5.22 -1.61
N LYS A 60 -12.70 6.55 -1.47
CA LYS A 60 -11.63 7.49 -1.85
C LYS A 60 -10.77 7.94 -0.66
N ASN A 61 -11.07 7.44 0.54
CA ASN A 61 -10.34 7.67 1.79
C ASN A 61 -10.90 6.74 2.87
N THR A 62 -10.02 6.27 3.77
CA THR A 62 -10.36 5.36 4.88
C THR A 62 -9.72 5.79 6.20
N GLU A 63 -10.00 5.07 7.28
CA GLU A 63 -9.61 5.40 8.65
C GLU A 63 -8.81 4.27 9.29
N MET A 64 -7.87 4.64 10.17
CA MET A 64 -6.90 3.75 10.80
C MET A 64 -6.43 4.28 12.16
N LEU A 65 -6.11 3.36 13.06
CA LEU A 65 -5.62 3.63 14.42
C LEU A 65 -4.11 3.36 14.50
N ILE A 66 -3.42 4.20 15.25
CA ILE A 66 -1.96 4.13 15.47
C ILE A 66 -1.60 3.95 16.95
N ALA A 67 -0.41 4.41 17.38
CA ALA A 67 0.07 4.36 18.76
C ALA A 67 -0.81 5.09 19.82
N GLY A 68 -1.73 5.97 19.38
CA GLY A 68 -2.64 6.70 20.27
C GLY A 68 -3.63 7.65 19.60
N PHE A 69 -3.84 7.55 18.28
CA PHE A 69 -4.60 8.52 17.47
C PHE A 69 -5.29 7.85 16.26
N LEU A 70 -6.39 8.46 15.82
CA LEU A 70 -7.07 8.12 14.56
C LEU A 70 -6.51 9.03 13.45
N TYR A 71 -6.05 8.40 12.37
CA TYR A 71 -5.66 9.07 11.12
C TYR A 71 -6.55 8.62 9.96
N VAL A 72 -6.98 9.60 9.16
CA VAL A 72 -7.69 9.41 7.90
C VAL A 72 -6.64 9.32 6.79
N ALA A 73 -6.62 8.23 6.05
CA ALA A 73 -5.76 8.01 4.88
C ALA A 73 -6.54 8.36 3.61
N ASP A 74 -6.06 9.34 2.87
CA ASP A 74 -6.64 9.86 1.63
C ASP A 74 -6.07 9.09 0.43
N LEU A 75 -6.94 8.29 -0.21
CA LEU A 75 -6.61 7.41 -1.33
C LEU A 75 -6.64 8.15 -2.69
N GLU A 76 -7.09 9.41 -2.74
CA GLU A 76 -7.05 10.24 -3.95
C GLU A 76 -5.68 10.92 -4.11
N ASN A 77 -5.25 11.61 -3.06
CA ASN A 77 -4.08 12.51 -3.03
C ASN A 77 -2.82 11.80 -2.52
N MET A 78 -2.98 10.57 -2.00
CA MET A 78 -1.95 9.76 -1.33
C MET A 78 -1.31 10.53 -0.15
N VAL A 79 -2.14 10.92 0.82
CA VAL A 79 -1.71 11.55 2.09
C VAL A 79 -2.48 10.95 3.28
N GLN A 80 -2.13 11.35 4.50
CA GLN A 80 -2.85 11.00 5.73
C GLN A 80 -2.75 12.11 6.79
N TYR A 81 -3.81 12.25 7.58
CA TYR A 81 -4.02 13.36 8.54
C TYR A 81 -5.02 12.97 9.65
N ARG A 82 -5.00 13.65 10.80
CA ARG A 82 -6.03 13.52 11.85
C ARG A 82 -7.39 14.07 11.35
N ARG A 83 -8.52 13.57 11.86
CA ARG A 83 -9.88 13.89 11.35
C ARG A 83 -10.20 15.40 11.21
N ASN A 84 -9.64 16.25 12.07
CA ASN A 84 -9.83 17.72 12.04
C ASN A 84 -8.69 18.50 11.33
N GLU A 85 -7.65 17.80 10.86
CA GLU A 85 -6.38 18.34 10.36
C GLU A 85 -6.32 18.29 8.82
N HIS A 86 -5.64 19.28 8.21
CA HIS A 86 -5.38 19.32 6.76
C HIS A 86 -4.05 20.01 6.38
N GLY A 87 -3.61 21.03 7.13
CA GLY A 87 -2.38 21.80 6.87
C GLY A 87 -1.07 21.10 7.28
N ARG A 88 -1.17 19.95 7.97
CA ARG A 88 -0.05 19.15 8.50
C ARG A 88 -0.06 17.70 7.97
N ARG A 89 -0.80 17.43 6.89
CA ARG A 89 -0.90 16.13 6.22
C ARG A 89 0.47 15.55 5.82
N ARG A 90 0.64 14.23 6.01
CA ARG A 90 1.86 13.46 5.67
C ARG A 90 1.62 12.63 4.42
N LYS A 91 2.60 12.54 3.52
CA LYS A 91 2.53 11.70 2.31
C LYS A 91 2.49 10.20 2.63
N ILE A 92 1.76 9.44 1.80
CA ILE A 92 1.78 7.96 1.76
C ILE A 92 2.08 7.48 0.33
N LYS A 93 2.39 6.19 0.17
CA LYS A 93 2.64 5.55 -1.12
C LYS A 93 2.38 4.03 -1.07
N ARG A 94 2.39 3.41 -2.25
CA ARG A 94 2.42 1.95 -2.45
C ARG A 94 3.74 1.56 -3.14
N ASP A 95 4.34 0.46 -2.69
CA ASP A 95 5.64 -0.05 -3.12
C ASP A 95 5.64 -1.59 -3.21
N ILE A 96 6.78 -2.19 -3.54
CA ILE A 96 6.96 -3.61 -3.81
C ILE A 96 8.12 -4.19 -3.00
N ILE A 97 7.91 -5.39 -2.45
CA ILE A 97 8.95 -6.21 -1.80
C ILE A 97 9.59 -7.16 -2.81
N ASP A 98 10.91 -7.33 -2.72
CA ASP A 98 11.68 -8.21 -3.61
C ASP A 98 12.02 -9.61 -3.05
N ILE A 99 12.03 -9.75 -1.72
CA ILE A 99 12.20 -11.00 -0.92
C ILE A 99 13.68 -11.51 -0.94
N PRO A 100 14.28 -11.81 0.24
CA PRO A 100 15.65 -12.31 0.34
C PRO A 100 15.75 -13.80 -0.02
N LYS A 101 16.98 -14.30 -0.16
CA LYS A 101 17.26 -15.72 -0.47
C LYS A 101 16.67 -16.71 0.54
N LYS A 102 16.42 -16.28 1.78
CA LYS A 102 15.74 -17.05 2.85
C LYS A 102 14.31 -17.51 2.44
N GLY A 103 13.71 -16.91 1.41
CA GLY A 103 12.43 -17.30 0.80
C GLY A 103 12.47 -18.55 -0.08
N VAL A 104 13.65 -19.10 -0.37
CA VAL A 104 13.83 -20.35 -1.14
C VAL A 104 13.03 -21.52 -0.53
N SER A 105 12.39 -22.31 -1.39
CA SER A 105 11.43 -23.37 -1.04
C SER A 105 11.53 -24.59 -1.97
N GLY A 106 11.03 -25.75 -1.53
CA GLY A 106 11.04 -27.01 -2.29
C GLY A 106 10.00 -27.08 -3.43
N PRO A 107 10.02 -28.16 -4.23
CA PRO A 107 9.17 -28.33 -5.41
C PRO A 107 7.70 -28.68 -5.10
N SER A 108 7.35 -28.91 -3.82
CA SER A 108 5.99 -29.32 -3.38
C SER A 108 4.89 -28.26 -3.62
N SER A 109 5.24 -27.06 -4.07
CA SER A 109 4.31 -25.99 -4.47
C SER A 109 3.71 -26.17 -5.87
N GLY A 110 4.20 -27.12 -6.67
CA GLY A 110 3.71 -27.43 -8.03
C GLY A 110 4.39 -28.64 -8.66
PG ATP B . 6.79 16.36 17.07
O1G ATP B . 7.29 15.60 18.23
O2G ATP B . 7.87 16.84 16.17
O3G ATP B . 5.82 17.40 17.43
PB ATP B . 6.07 14.56 14.92
O1B ATP B . 7.31 13.74 14.93
O2B ATP B . 5.86 15.50 13.78
O3B ATP B . 5.96 15.33 16.27
PA ATP B . 3.52 13.68 14.30
O1A ATP B . 3.70 13.65 12.83
O2A ATP B . 2.73 14.78 14.92
O3A ATP B . 4.89 13.55 15.00
O5' ATP B . 2.80 12.29 14.68
C5' ATP B . 2.50 11.96 16.03
C4' ATP B . 2.81 10.47 16.35
O4' ATP B . 2.06 9.61 15.49
C3' ATP B . 4.30 10.14 16.17
O3' ATP B . 4.70 9.18 17.14
C2' ATP B . 4.32 9.56 14.76
O2' ATP B . 5.43 8.67 14.54
C1' ATP B . 2.97 8.86 14.70
N9 ATP B . 2.48 8.70 13.31
C8 ATP B . 2.27 9.67 12.36
N7 ATP B . 1.92 9.20 11.18
C5 ATP B . 1.86 7.82 11.40
C6 ATP B . 1.55 6.68 10.61
N6 ATP B . 1.18 6.70 9.36
N1 ATP B . 1.53 5.45 11.12
C2 ATP B . 1.84 5.32 12.41
N3 ATP B . 2.18 6.28 13.27
C4 ATP B . 2.18 7.51 12.69
H5'1 ATP B . 3.06 12.58 16.72
H5'2 ATP B . 1.44 12.13 16.21
H4' ATP B . 2.52 10.29 17.38
H3' ATP B . 4.92 11.05 16.23
HO3' ATP B . 5.46 8.72 16.76
H2' ATP B . 4.36 10.39 14.04
HO2' ATP B . 5.46 8.40 13.61
H1' ATP B . 3.09 7.87 15.15
H8 ATP B . 2.36 10.73 12.57
HN61 ATP B . 0.87 7.58 8.96
HN62 ATP B . 1.03 5.82 8.90
H2 ATP B . 1.75 4.33 12.81
N PRO A 1 -15.80 18.47 -0.01
CA PRO A 1 -16.76 19.32 -0.75
C PRO A 1 -16.18 19.92 -2.04
N SER A 2 -17.04 20.54 -2.86
CA SER A 2 -16.74 21.17 -4.17
C SER A 2 -16.43 20.16 -5.30
N SER A 3 -16.59 20.60 -6.56
CA SER A 3 -16.40 19.78 -7.77
C SER A 3 -14.91 19.52 -8.10
N GLY A 4 -14.64 18.44 -8.84
CA GLY A 4 -13.31 18.09 -9.38
C GLY A 4 -12.47 17.15 -8.52
N SER A 5 -12.93 16.82 -7.31
CA SER A 5 -12.41 15.76 -6.41
C SER A 5 -11.03 16.05 -5.76
N SER A 6 -10.30 17.06 -6.23
CA SER A 6 -9.03 17.59 -5.66
C SER A 6 -7.78 16.69 -5.86
N GLY A 7 -7.97 15.39 -6.06
CA GLY A 7 -6.89 14.39 -6.22
C GLY A 7 -6.04 14.57 -7.49
N PHE A 8 -4.83 14.00 -7.45
CA PHE A 8 -3.83 14.14 -8.52
C PHE A 8 -4.12 13.24 -9.74
N LEU A 9 -3.65 13.69 -10.91
CA LEU A 9 -3.77 12.97 -12.18
C LEU A 9 -2.63 11.95 -12.36
N ASP A 10 -2.85 10.96 -13.23
CA ASP A 10 -1.86 9.93 -13.58
C ASP A 10 -0.68 10.51 -14.38
N LYS A 11 0.55 10.11 -14.01
CA LYS A 11 1.80 10.58 -14.60
C LYS A 11 2.41 9.60 -15.64
N PRO A 12 3.26 10.11 -16.56
CA PRO A 12 3.88 9.33 -17.63
C PRO A 12 5.02 8.44 -17.13
N THR A 13 5.60 7.67 -18.06
CA THR A 13 6.72 6.74 -17.86
C THR A 13 7.44 6.49 -19.18
N LEU A 14 8.67 5.98 -19.08
CA LEU A 14 9.55 5.65 -20.19
C LEU A 14 9.43 4.16 -20.57
N LEU A 15 8.88 3.35 -19.66
CA LEU A 15 8.77 1.90 -19.79
C LEU A 15 7.57 1.46 -20.65
N SER A 16 7.41 0.14 -20.75
CA SER A 16 6.37 -0.56 -21.50
C SER A 16 5.27 -1.10 -20.58
N PRO A 17 4.06 -1.38 -21.13
CA PRO A 17 2.92 -1.91 -20.38
C PRO A 17 3.21 -3.27 -19.74
N GLU A 18 4.15 -4.04 -20.28
CA GLU A 18 4.60 -5.33 -19.74
C GLU A 18 5.70 -5.21 -18.67
N GLU A 19 6.31 -4.03 -18.48
CA GLU A 19 7.28 -3.75 -17.43
C GLU A 19 6.59 -3.29 -16.13
N LEU A 20 5.73 -2.29 -16.28
CA LEU A 20 4.99 -1.62 -15.19
C LEU A 20 4.09 -2.61 -14.45
N LYS A 21 3.36 -3.43 -15.20
CA LYS A 21 2.57 -4.54 -14.64
C LYS A 21 3.44 -5.61 -13.98
N ALA A 22 4.62 -5.94 -14.55
CA ALA A 22 5.52 -6.97 -14.01
C ALA A 22 6.20 -6.56 -12.69
N ALA A 23 6.31 -5.26 -12.39
CA ALA A 23 6.75 -4.77 -11.08
C ALA A 23 5.84 -5.24 -9.92
N SER A 24 4.57 -5.51 -10.21
CA SER A 24 3.61 -6.06 -9.25
C SER A 24 3.44 -7.58 -9.42
N ARG A 25 3.09 -8.02 -10.64
CA ARG A 25 2.77 -9.40 -11.00
C ARG A 25 3.96 -10.38 -10.93
N GLY A 26 5.19 -9.87 -10.85
CA GLY A 26 6.42 -10.65 -10.72
C GLY A 26 6.57 -11.37 -9.37
N ASN A 27 5.81 -10.98 -8.35
CA ASN A 27 5.70 -11.71 -7.08
C ASN A 27 4.29 -11.67 -6.44
N GLY A 28 3.54 -10.55 -6.56
CA GLY A 28 2.13 -10.46 -6.14
C GLY A 28 1.93 -10.07 -4.66
N GLU A 29 3.01 -9.68 -3.98
CA GLU A 29 2.99 -9.06 -2.65
C GLU A 29 2.53 -7.60 -2.70
N TYR A 30 2.54 -6.92 -1.55
CA TYR A 30 2.15 -5.52 -1.38
C TYR A 30 2.50 -4.97 0.01
N ALA A 31 2.72 -3.66 0.06
CA ALA A 31 2.99 -2.89 1.27
C ALA A 31 2.55 -1.43 1.09
N TRP A 32 2.31 -0.75 2.20
CA TRP A 32 2.03 0.68 2.27
C TRP A 32 3.11 1.39 3.09
N TYR A 33 3.43 2.63 2.70
CA TYR A 33 4.46 3.45 3.34
C TYR A 33 3.97 4.89 3.54
N TYR A 34 4.57 5.59 4.50
CA TYR A 34 4.33 7.01 4.79
C TYR A 34 5.65 7.76 5.07
N GLU A 35 5.72 9.05 4.71
CA GLU A 35 6.89 9.88 5.02
C GLU A 35 6.84 10.34 6.48
N GLY A 36 7.73 9.78 7.31
CA GLY A 36 7.95 10.16 8.71
C GLY A 36 9.05 11.23 8.85
N ARG A 37 9.75 11.22 10.00
CA ARG A 37 10.82 12.18 10.30
C ARG A 37 12.02 12.08 9.34
N ASN A 38 12.46 10.86 9.03
CA ASN A 38 13.71 10.59 8.30
C ASN A 38 13.55 10.02 6.87
N GLY A 39 12.35 9.54 6.51
CA GLY A 39 12.03 8.99 5.18
C GLY A 39 10.76 8.13 5.17
N TRP A 40 10.61 7.29 4.15
CA TRP A 40 9.52 6.31 4.06
C TRP A 40 9.64 5.20 5.13
N TRP A 41 8.53 4.95 5.83
CA TRP A 41 8.39 3.88 6.84
C TRP A 41 7.13 3.07 6.58
N GLN A 42 7.20 1.76 6.77
CA GLN A 42 6.13 0.82 6.39
C GLN A 42 5.04 0.77 7.48
N TYR A 43 3.77 0.73 7.05
CA TYR A 43 2.62 0.47 7.94
C TYR A 43 2.63 -0.97 8.49
N ASP A 44 2.01 -1.17 9.67
CA ASP A 44 1.78 -2.50 10.25
C ASP A 44 0.84 -3.35 9.39
N GLU A 45 1.00 -4.68 9.42
CA GLU A 45 0.25 -5.61 8.56
C GLU A 45 -1.27 -5.63 8.85
N ARG A 46 -1.69 -5.26 10.06
CA ARG A 46 -3.11 -5.14 10.42
C ARG A 46 -3.70 -3.78 9.99
N THR A 47 -2.84 -2.80 9.68
CA THR A 47 -3.22 -1.46 9.22
C THR A 47 -3.17 -1.35 7.70
N SER A 48 -2.07 -1.75 7.06
CA SER A 48 -1.89 -1.64 5.61
C SER A 48 -2.93 -2.45 4.81
N ARG A 49 -3.41 -3.56 5.39
CA ARG A 49 -4.49 -4.36 4.79
C ARG A 49 -5.81 -3.59 4.69
N GLU A 50 -6.03 -2.58 5.55
CA GLU A 50 -7.25 -1.76 5.52
C GLU A 50 -7.18 -0.75 4.37
N LEU A 51 -5.99 -0.18 4.17
CA LEU A 51 -5.66 0.74 3.09
C LEU A 51 -5.74 0.04 1.72
N GLU A 52 -5.17 -1.16 1.65
CA GLU A 52 -5.21 -2.04 0.47
C GLU A 52 -6.65 -2.47 0.10
N ASP A 53 -7.55 -2.58 1.07
CA ASP A 53 -8.95 -2.96 0.83
C ASP A 53 -9.78 -1.76 0.37
N ALA A 54 -9.45 -0.54 0.79
CA ALA A 54 -10.24 0.66 0.54
C ALA A 54 -10.28 1.07 -0.94
N PHE A 55 -9.14 1.09 -1.63
CA PHE A 55 -9.11 1.36 -3.08
C PHE A 55 -9.70 0.19 -3.91
N SER A 56 -9.79 -0.99 -3.29
CA SER A 56 -10.42 -2.19 -3.86
C SER A 56 -11.95 -2.20 -3.67
N LYS A 57 -12.45 -1.62 -2.57
CA LYS A 57 -13.88 -1.45 -2.30
C LYS A 57 -14.50 -0.34 -3.17
N GLY A 58 -13.78 0.78 -3.33
CA GLY A 58 -14.18 1.93 -4.13
C GLY A 58 -14.23 3.25 -3.36
N LYS A 59 -14.04 3.22 -2.03
CA LYS A 59 -13.94 4.46 -1.25
C LYS A 59 -12.69 5.29 -1.59
N LYS A 60 -12.81 6.60 -1.41
CA LYS A 60 -11.79 7.61 -1.76
C LYS A 60 -10.89 7.99 -0.57
N ASN A 61 -11.20 7.47 0.62
CA ASN A 61 -10.49 7.69 1.88
C ASN A 61 -10.98 6.69 2.93
N THR A 62 -10.08 6.21 3.79
CA THR A 62 -10.40 5.30 4.90
C THR A 62 -9.76 5.75 6.22
N GLU A 63 -10.13 5.09 7.32
CA GLU A 63 -9.74 5.43 8.70
C GLU A 63 -8.97 4.30 9.37
N MET A 64 -8.03 4.66 10.23
CA MET A 64 -7.09 3.74 10.87
C MET A 64 -6.61 4.25 12.24
N LEU A 65 -6.34 3.32 13.15
CA LEU A 65 -5.83 3.55 14.51
C LEU A 65 -4.34 3.25 14.57
N ILE A 66 -3.61 4.04 15.34
CA ILE A 66 -2.15 3.94 15.55
C ILE A 66 -1.79 3.78 17.04
N ALA A 67 -0.60 4.23 17.46
CA ALA A 67 -0.12 4.19 18.84
C ALA A 67 -0.99 4.94 19.88
N GLY A 68 -1.88 5.84 19.43
CA GLY A 68 -2.76 6.62 20.31
C GLY A 68 -3.72 7.59 19.62
N PHE A 69 -3.93 7.47 18.31
CA PHE A 69 -4.65 8.45 17.49
C PHE A 69 -5.38 7.79 16.30
N LEU A 70 -6.46 8.44 15.84
CA LEU A 70 -7.16 8.10 14.59
C LEU A 70 -6.60 8.99 13.48
N TYR A 71 -6.12 8.34 12.42
CA TYR A 71 -5.70 9.00 11.17
C TYR A 71 -6.61 8.60 9.99
N VAL A 72 -6.97 9.59 9.18
CA VAL A 72 -7.67 9.41 7.90
C VAL A 72 -6.60 9.28 6.83
N ALA A 73 -6.62 8.17 6.08
CA ALA A 73 -5.82 7.95 4.89
C ALA A 73 -6.66 8.32 3.67
N ASP A 74 -6.32 9.42 3.01
CA ASP A 74 -6.93 9.86 1.75
C ASP A 74 -6.21 9.20 0.56
N LEU A 75 -6.99 8.47 -0.25
CA LEU A 75 -6.50 7.64 -1.35
C LEU A 75 -6.39 8.42 -2.67
N GLU A 76 -7.00 9.62 -2.76
CA GLU A 76 -7.04 10.45 -3.98
C GLU A 76 -5.81 11.35 -4.13
N ASN A 77 -5.37 11.92 -3.00
CA ASN A 77 -4.16 12.73 -2.88
C ASN A 77 -2.98 11.89 -2.37
N MET A 78 -3.25 10.67 -1.89
CA MET A 78 -2.32 9.76 -1.22
C MET A 78 -1.64 10.43 -0.01
N VAL A 79 -2.41 10.73 1.04
CA VAL A 79 -1.92 11.38 2.27
C VAL A 79 -2.60 10.86 3.54
N GLN A 80 -2.04 11.16 4.70
CA GLN A 80 -2.62 10.92 6.01
C GLN A 80 -2.77 12.23 6.81
N TYR A 81 -3.78 12.30 7.68
CA TYR A 81 -4.06 13.42 8.60
C TYR A 81 -5.06 13.03 9.71
N ARG A 82 -5.10 13.78 10.82
CA ARG A 82 -6.17 13.65 11.85
C ARG A 82 -7.50 14.17 11.30
N ARG A 83 -8.64 13.63 11.77
CA ARG A 83 -10.00 13.90 11.21
C ARG A 83 -10.39 15.39 11.14
N ASN A 84 -9.80 16.24 11.98
CA ASN A 84 -10.02 17.69 12.05
C ASN A 84 -8.98 18.56 11.32
N GLU A 85 -7.95 17.94 10.70
CA GLU A 85 -6.77 18.62 10.16
C GLU A 85 -6.54 18.31 8.67
N HIS A 86 -5.83 19.20 7.97
CA HIS A 86 -5.44 19.06 6.56
C HIS A 86 -4.12 19.77 6.20
N GLY A 87 -3.79 20.88 6.87
CA GLY A 87 -2.63 21.74 6.55
C GLY A 87 -1.27 21.16 6.95
N ARG A 88 -1.26 20.08 7.74
CA ARG A 88 -0.06 19.39 8.26
C ARG A 88 0.00 17.91 7.83
N ARG A 89 -0.80 17.54 6.82
CA ARG A 89 -0.86 16.20 6.20
C ARG A 89 0.53 15.67 5.77
N ARG A 90 0.72 14.35 5.87
CA ARG A 90 1.95 13.63 5.45
C ARG A 90 1.65 12.72 4.26
N LYS A 91 2.56 12.64 3.29
CA LYS A 91 2.45 11.78 2.10
C LYS A 91 2.47 10.28 2.44
N ILE A 92 1.67 9.48 1.71
CA ILE A 92 1.70 8.01 1.72
C ILE A 92 1.88 7.46 0.29
N LYS A 93 2.16 6.16 0.18
CA LYS A 93 2.26 5.42 -1.10
C LYS A 93 1.99 3.91 -0.94
N ARG A 94 1.77 3.24 -2.07
CA ARG A 94 1.79 1.77 -2.19
C ARG A 94 3.14 1.33 -2.77
N ASP A 95 3.57 0.12 -2.45
CA ASP A 95 4.75 -0.55 -2.99
C ASP A 95 4.61 -2.08 -2.96
N ILE A 96 5.62 -2.79 -3.48
CA ILE A 96 5.63 -4.24 -3.66
C ILE A 96 6.91 -4.84 -3.08
N ILE A 97 6.77 -5.99 -2.42
CA ILE A 97 7.89 -6.81 -1.94
C ILE A 97 8.25 -7.88 -2.99
N ASP A 98 9.54 -8.14 -3.16
CA ASP A 98 10.07 -9.15 -4.10
C ASP A 98 10.61 -10.43 -3.43
N ILE A 99 10.91 -10.35 -2.12
CA ILE A 99 11.37 -11.43 -1.20
C ILE A 99 12.87 -11.78 -1.42
N PRO A 100 13.71 -11.78 -0.35
CA PRO A 100 15.14 -12.08 -0.44
C PRO A 100 15.39 -13.58 -0.56
N LYS A 101 16.64 -13.95 -0.86
CA LYS A 101 17.08 -15.36 -0.94
C LYS A 101 16.85 -16.13 0.39
N LYS A 102 16.90 -15.45 1.53
CA LYS A 102 16.59 -16.01 2.87
C LYS A 102 15.16 -16.57 2.99
N GLY A 103 14.24 -16.13 2.11
CA GLY A 103 12.85 -16.63 2.00
C GLY A 103 12.68 -17.90 1.15
N VAL A 104 13.73 -18.33 0.45
CA VAL A 104 13.75 -19.55 -0.39
C VAL A 104 14.32 -20.71 0.41
N SER A 105 13.59 -21.83 0.46
CA SER A 105 13.90 -23.02 1.27
C SER A 105 13.11 -24.27 0.82
N GLY A 106 13.43 -25.43 1.40
CA GLY A 106 12.82 -26.74 1.08
C GLY A 106 13.64 -27.59 0.11
N PRO A 107 13.20 -28.84 -0.17
CA PRO A 107 13.92 -29.79 -1.00
C PRO A 107 13.81 -29.45 -2.49
N SER A 108 14.77 -29.92 -3.29
CA SER A 108 14.83 -29.72 -4.75
C SER A 108 15.80 -30.73 -5.41
N SER A 109 17.08 -30.38 -5.54
CA SER A 109 18.12 -31.18 -6.19
C SER A 109 19.56 -30.67 -5.94
N GLY A 110 19.75 -29.36 -5.68
CA GLY A 110 21.05 -28.73 -5.41
C GLY A 110 20.94 -27.23 -5.16
PG ATP B . 5.92 17.04 14.10
O1G ATP B . 6.53 17.26 15.44
O2G ATP B . 6.87 16.50 13.09
O3G ATP B . 5.15 18.21 13.61
PB ATP B . 4.53 14.55 13.79
O1B ATP B . 5.54 13.56 14.27
O2B ATP B . 4.30 14.64 12.32
O3B ATP B . 4.85 15.96 14.34
PA ATP B . 2.65 13.74 15.78
O1A ATP B . 1.23 14.13 15.89
O2A ATP B . 3.58 14.20 16.85
O3A ATP B . 3.15 14.18 14.39
O5' ATP B . 2.69 12.13 15.75
C5' ATP B . 2.18 11.37 16.84
C4' ATP B . 2.57 9.89 16.77
O4' ATP B . 1.88 9.24 15.71
C3' ATP B . 4.08 9.68 16.58
O3' ATP B . 4.53 8.60 17.40
C2' ATP B . 4.14 9.31 15.08
O2' ATP B . 5.29 8.54 14.71
C1' ATP B . 2.84 8.52 14.93
N9 ATP B . 2.40 8.39 13.53
C8 ATP B . 2.23 9.38 12.59
N7 ATP B . 1.96 8.94 11.39
C5 ATP B . 1.89 7.54 11.57
C6 ATP B . 1.59 6.44 10.74
N6 ATP B . 1.35 6.49 9.46
N1 ATP B . 1.49 5.20 11.24
C2 ATP B . 1.72 5.04 12.52
N3 ATP B . 2.06 5.96 13.42
C4 ATP B . 2.12 7.21 12.88
H5'1 ATP B . 2.56 11.79 17.78
H5'2 ATP B . 1.09 11.45 16.86
H4' ATP B . 2.27 9.43 17.72
H3' ATP B . 4.65 10.58 16.77
HO3' ATP B . 5.37 8.28 17.02
H2' ATP B . 4.09 10.23 14.49
HO2' ATP B . 6.08 9.10 14.77
H1' ATP B . 3.00 7.53 15.37
H8 ATP B . 2.30 10.43 12.82
HN61 ATP B . 1.46 7.36 8.95
HN62 ATP B . 1.23 5.62 8.96
H2 ATP B . 1.58 4.04 12.91
N PRO A 1 10.09 -27.28 -28.90
CA PRO A 1 10.81 -27.84 -30.05
C PRO A 1 11.21 -29.32 -29.87
N SER A 2 12.07 -29.86 -30.73
CA SER A 2 12.54 -31.26 -30.67
C SER A 2 13.40 -31.58 -29.42
N SER A 3 13.92 -30.56 -28.74
CA SER A 3 14.62 -30.64 -27.45
C SER A 3 13.69 -30.60 -26.22
N GLY A 4 12.37 -30.47 -26.43
CA GLY A 4 11.32 -30.33 -25.41
C GLY A 4 10.46 -29.08 -25.61
N SER A 5 9.29 -29.07 -24.97
CA SER A 5 8.26 -28.02 -25.08
C SER A 5 7.51 -27.84 -23.74
N SER A 6 7.02 -26.64 -23.45
CA SER A 6 6.30 -26.29 -22.21
C SER A 6 5.51 -24.97 -22.35
N GLY A 7 4.59 -24.72 -21.41
CA GLY A 7 3.77 -23.50 -21.33
C GLY A 7 3.32 -23.17 -19.90
N PHE A 8 2.89 -21.93 -19.68
CA PHE A 8 2.47 -21.38 -18.39
C PHE A 8 0.94 -21.24 -18.26
N LEU A 9 0.47 -21.11 -17.02
CA LEU A 9 -0.94 -20.96 -16.64
C LEU A 9 -1.04 -20.29 -15.25
N ASP A 10 -2.07 -19.48 -15.04
CA ASP A 10 -2.28 -18.69 -13.82
C ASP A 10 -3.77 -18.43 -13.55
N LYS A 11 -4.06 -17.94 -12.34
CA LYS A 11 -5.40 -17.68 -11.79
C LYS A 11 -5.93 -16.26 -12.10
N PRO A 12 -7.26 -16.05 -11.97
CA PRO A 12 -7.90 -14.75 -12.21
C PRO A 12 -7.60 -13.74 -11.10
N THR A 13 -8.10 -12.51 -11.28
CA THR A 13 -7.84 -11.34 -10.43
C THR A 13 -8.97 -10.31 -10.50
N LEU A 14 -8.95 -9.40 -9.53
CA LEU A 14 -9.94 -8.33 -9.33
C LEU A 14 -9.35 -6.94 -9.65
N LEU A 15 -8.06 -6.88 -9.99
CA LEU A 15 -7.32 -5.64 -10.26
C LEU A 15 -7.43 -5.20 -11.72
N SER A 16 -6.74 -4.12 -12.04
CA SER A 16 -6.60 -3.54 -13.37
C SER A 16 -5.32 -4.01 -14.07
N PRO A 17 -5.27 -3.94 -15.42
CA PRO A 17 -4.06 -4.25 -16.19
C PRO A 17 -2.88 -3.37 -15.77
N GLU A 18 -3.14 -2.14 -15.32
CA GLU A 18 -2.11 -1.17 -14.89
C GLU A 18 -1.55 -1.45 -13.48
N GLU A 19 -2.20 -2.33 -12.71
CA GLU A 19 -1.74 -2.80 -11.41
C GLU A 19 -0.84 -4.02 -11.56
N LEU A 20 -1.31 -5.02 -12.31
CA LEU A 20 -0.63 -6.29 -12.54
C LEU A 20 0.68 -6.07 -13.29
N LYS A 21 0.63 -5.30 -14.38
CA LYS A 21 1.85 -4.91 -15.14
C LYS A 21 2.82 -4.00 -14.36
N ALA A 22 2.42 -3.45 -13.20
CA ALA A 22 3.30 -2.72 -12.29
C ALA A 22 3.89 -3.64 -11.20
N ALA A 23 3.05 -4.37 -10.46
CA ALA A 23 3.46 -5.16 -9.29
C ALA A 23 3.94 -6.57 -9.64
N SER A 24 3.25 -7.28 -10.54
CA SER A 24 3.57 -8.67 -10.91
C SER A 24 4.75 -8.75 -11.90
N ARG A 25 4.98 -7.68 -12.68
CA ARG A 25 6.18 -7.50 -13.51
C ARG A 25 7.44 -7.27 -12.65
N GLY A 26 7.27 -6.74 -11.44
CA GLY A 26 8.33 -6.55 -10.44
C GLY A 26 8.62 -7.85 -9.69
N ASN A 27 7.64 -8.34 -8.93
CA ASN A 27 7.75 -9.59 -8.15
C ASN A 27 6.40 -10.25 -7.75
N GLY A 28 5.31 -9.46 -7.68
CA GLY A 28 3.96 -9.92 -7.28
C GLY A 28 3.62 -9.66 -5.81
N GLU A 29 4.56 -9.12 -5.04
CA GLU A 29 4.36 -8.61 -3.68
C GLU A 29 3.90 -7.14 -3.69
N TYR A 30 3.65 -6.57 -2.50
CA TYR A 30 3.25 -5.18 -2.29
C TYR A 30 3.25 -4.78 -0.79
N ALA A 31 3.46 -3.49 -0.53
CA ALA A 31 3.48 -2.90 0.82
C ALA A 31 3.14 -1.40 0.79
N TRP A 32 2.46 -0.92 1.84
CA TRP A 32 2.17 0.49 2.06
C TRP A 32 3.25 1.18 2.91
N TYR A 33 3.49 2.46 2.62
CA TYR A 33 4.46 3.32 3.31
C TYR A 33 3.91 4.74 3.56
N TYR A 34 4.48 5.44 4.54
CA TYR A 34 4.18 6.84 4.89
C TYR A 34 5.48 7.61 5.22
N GLU A 35 5.52 8.91 4.96
CA GLU A 35 6.63 9.76 5.42
C GLU A 35 6.48 10.11 6.90
N GLY A 36 7.45 9.69 7.71
CA GLY A 36 7.62 10.10 9.11
C GLY A 36 8.70 11.18 9.24
N ARG A 37 9.32 11.27 10.43
CA ARG A 37 10.35 12.27 10.76
C ARG A 37 11.63 12.12 9.90
N ASN A 38 12.09 10.88 9.70
CA ASN A 38 13.40 10.57 9.09
C ASN A 38 13.33 10.01 7.64
N GLY A 39 12.14 9.73 7.12
CA GLY A 39 11.91 9.21 5.74
C GLY A 39 10.66 8.35 5.62
N TRP A 40 10.56 7.56 4.55
CA TRP A 40 9.49 6.58 4.35
C TRP A 40 9.62 5.38 5.32
N TRP A 41 8.51 5.00 5.95
CA TRP A 41 8.39 3.88 6.88
C TRP A 41 7.18 3.00 6.53
N GLN A 42 7.33 1.67 6.66
CA GLN A 42 6.31 0.71 6.26
C GLN A 42 5.22 0.58 7.34
N TYR A 43 3.96 0.46 6.93
CA TYR A 43 2.83 0.18 7.83
C TYR A 43 2.84 -1.24 8.41
N ASP A 44 2.18 -1.42 9.56
CA ASP A 44 1.90 -2.74 10.16
C ASP A 44 0.75 -3.44 9.42
N GLU A 45 0.72 -4.78 9.51
CA GLU A 45 -0.26 -5.62 8.81
C GLU A 45 -1.70 -5.47 9.34
N ARG A 46 -1.86 -4.95 10.57
CA ARG A 46 -3.18 -4.58 11.14
C ARG A 46 -3.78 -3.37 10.40
N THR A 47 -2.89 -2.49 9.95
CA THR A 47 -3.17 -1.18 9.36
C THR A 47 -3.22 -1.22 7.83
N SER A 48 -2.20 -1.77 7.18
CA SER A 48 -2.11 -1.79 5.70
C SER A 48 -3.28 -2.55 5.05
N ARG A 49 -3.85 -3.54 5.75
CA ARG A 49 -5.06 -4.24 5.29
C ARG A 49 -6.25 -3.30 5.10
N GLU A 50 -6.33 -2.21 5.86
CA GLU A 50 -7.43 -1.24 5.73
C GLU A 50 -7.29 -0.43 4.44
N LEU A 51 -6.06 -0.17 4.04
CA LEU A 51 -5.69 0.71 2.92
C LEU A 51 -5.81 -0.01 1.58
N GLU A 52 -5.31 -1.25 1.50
CA GLU A 52 -5.45 -2.10 0.30
C GLU A 52 -6.90 -2.53 0.00
N ASP A 53 -7.76 -2.56 1.01
CA ASP A 53 -9.17 -2.96 0.90
C ASP A 53 -10.03 -1.79 0.42
N ALA A 54 -9.70 -0.58 0.86
CA ALA A 54 -10.44 0.65 0.58
C ALA A 54 -10.52 0.99 -0.92
N PHE A 55 -9.40 0.97 -1.65
CA PHE A 55 -9.41 1.19 -3.11
C PHE A 55 -10.09 0.03 -3.87
N SER A 56 -10.14 -1.13 -3.24
CA SER A 56 -10.82 -2.33 -3.76
C SER A 56 -12.36 -2.28 -3.53
N LYS A 57 -12.82 -1.61 -2.46
CA LYS A 57 -14.23 -1.40 -2.14
C LYS A 57 -14.85 -0.29 -3.01
N GLY A 58 -14.12 0.80 -3.22
CA GLY A 58 -14.54 1.95 -4.03
C GLY A 58 -14.53 3.28 -3.27
N LYS A 59 -14.29 3.27 -1.95
CA LYS A 59 -14.08 4.50 -1.19
C LYS A 59 -12.80 5.25 -1.60
N LYS A 60 -12.82 6.57 -1.44
CA LYS A 60 -11.74 7.49 -1.82
C LYS A 60 -10.83 7.90 -0.63
N ASN A 61 -11.14 7.39 0.56
CA ASN A 61 -10.41 7.61 1.82
C ASN A 61 -10.97 6.68 2.91
N THR A 62 -10.13 6.34 3.90
CA THR A 62 -10.40 5.34 4.94
C THR A 62 -9.72 5.71 6.25
N GLU A 63 -10.00 4.99 7.33
CA GLU A 63 -9.60 5.30 8.70
C GLU A 63 -8.75 4.18 9.31
N MET A 64 -7.82 4.56 10.18
CA MET A 64 -6.84 3.68 10.82
C MET A 64 -6.37 4.22 12.18
N LEU A 65 -6.06 3.30 13.09
CA LEU A 65 -5.52 3.56 14.43
C LEU A 65 -4.02 3.27 14.46
N ILE A 66 -3.29 4.10 15.19
CA ILE A 66 -1.82 3.99 15.36
C ILE A 66 -1.42 3.83 16.84
N ALA A 67 -0.22 4.26 17.23
CA ALA A 67 0.31 4.23 18.59
C ALA A 67 -0.53 5.01 19.64
N GLY A 68 -1.43 5.90 19.22
CA GLY A 68 -2.29 6.69 20.11
C GLY A 68 -3.27 7.66 19.45
N PHE A 69 -3.54 7.53 18.15
CA PHE A 69 -4.29 8.51 17.33
C PHE A 69 -5.06 7.83 16.19
N LEU A 70 -6.17 8.47 15.77
CA LEU A 70 -6.91 8.12 14.57
C LEU A 70 -6.40 8.98 13.41
N TYR A 71 -5.97 8.34 12.33
CA TYR A 71 -5.61 8.98 11.07
C TYR A 71 -6.51 8.52 9.92
N VAL A 72 -6.89 9.47 9.07
CA VAL A 72 -7.62 9.29 7.83
C VAL A 72 -6.59 9.19 6.70
N ALA A 73 -6.57 8.05 5.99
CA ALA A 73 -5.73 7.82 4.81
C ALA A 73 -6.54 8.14 3.54
N ASP A 74 -5.99 9.00 2.69
CA ASP A 74 -6.63 9.61 1.54
C ASP A 74 -6.07 9.04 0.24
N LEU A 75 -6.90 8.28 -0.49
CA LEU A 75 -6.54 7.62 -1.76
C LEU A 75 -6.54 8.58 -2.96
N GLU A 76 -7.18 9.75 -2.84
CA GLU A 76 -7.29 10.75 -3.92
C GLU A 76 -5.95 11.45 -4.18
N ASN A 77 -5.35 11.97 -3.10
CA ASN A 77 -4.13 12.78 -3.10
C ASN A 77 -2.91 11.97 -2.64
N MET A 78 -3.14 10.74 -2.13
CA MET A 78 -2.15 9.84 -1.52
C MET A 78 -1.41 10.50 -0.34
N VAL A 79 -2.16 10.81 0.71
CA VAL A 79 -1.70 11.44 1.98
C VAL A 79 -2.46 10.87 3.18
N GLN A 80 -2.11 11.27 4.40
CA GLN A 80 -2.83 10.92 5.63
C GLN A 80 -2.72 12.01 6.70
N TYR A 81 -3.78 12.16 7.51
CA TYR A 81 -4.02 13.27 8.45
C TYR A 81 -5.00 12.90 9.58
N ARG A 82 -5.08 13.68 10.67
CA ARG A 82 -6.13 13.53 11.70
C ARG A 82 -7.50 13.99 11.18
N ARG A 83 -8.58 13.38 11.66
CA ARG A 83 -9.99 13.77 11.36
C ARG A 83 -10.27 15.26 11.59
N ASN A 84 -9.61 15.87 12.59
CA ASN A 84 -9.87 17.24 13.04
C ASN A 84 -9.04 18.33 12.30
N GLU A 85 -8.02 17.95 11.52
CA GLU A 85 -7.10 18.89 10.86
C GLU A 85 -6.37 18.27 9.67
N HIS A 86 -6.70 18.75 8.46
CA HIS A 86 -6.11 18.31 7.19
C HIS A 86 -4.78 19.03 6.85
N GLY A 87 -4.52 20.18 7.49
CA GLY A 87 -3.33 21.02 7.27
C GLY A 87 -2.02 20.42 7.81
N ARG A 88 -2.10 19.36 8.62
CA ARG A 88 -0.96 18.59 9.14
C ARG A 88 -0.63 17.34 8.29
N ARG A 89 -1.24 17.18 7.12
CA ARG A 89 -1.13 15.98 6.28
C ARG A 89 0.31 15.59 5.91
N ARG A 90 0.58 14.29 5.87
CA ARG A 90 1.85 13.66 5.50
C ARG A 90 1.65 12.69 4.34
N LYS A 91 2.63 12.57 3.45
CA LYS A 91 2.58 11.71 2.25
C LYS A 91 2.51 10.21 2.55
N ILE A 92 1.80 9.46 1.70
CA ILE A 92 1.81 7.97 1.67
C ILE A 92 2.07 7.47 0.25
N LYS A 93 2.43 6.19 0.13
CA LYS A 93 2.68 5.50 -1.14
C LYS A 93 2.48 3.98 -1.02
N ARG A 94 2.52 3.30 -2.18
CA ARG A 94 2.63 1.84 -2.29
C ARG A 94 3.96 1.49 -2.96
N ASP A 95 4.59 0.41 -2.51
CA ASP A 95 5.87 -0.11 -2.99
C ASP A 95 5.84 -1.64 -3.09
N ILE A 96 6.96 -2.25 -3.51
CA ILE A 96 7.07 -3.69 -3.80
C ILE A 96 8.26 -4.30 -3.05
N ILE A 97 8.03 -5.49 -2.51
CA ILE A 97 9.06 -6.34 -1.91
C ILE A 97 9.64 -7.30 -2.96
N ASP A 98 10.95 -7.52 -2.92
CA ASP A 98 11.68 -8.38 -3.87
C ASP A 98 12.05 -9.78 -3.30
N ILE A 99 12.13 -9.90 -1.97
CA ILE A 99 12.42 -11.12 -1.16
C ILE A 99 13.92 -11.55 -1.25
N PRO A 100 14.60 -11.75 -0.11
CA PRO A 100 16.01 -12.14 -0.06
C PRO A 100 16.18 -13.64 -0.34
N LYS A 101 17.43 -14.03 -0.63
CA LYS A 101 17.79 -15.46 -0.82
C LYS A 101 17.53 -16.30 0.45
N LYS A 102 17.62 -15.69 1.63
CA LYS A 102 17.28 -16.29 2.94
C LYS A 102 15.81 -16.77 3.04
N GLY A 103 14.93 -16.24 2.18
CA GLY A 103 13.51 -16.63 2.06
C GLY A 103 13.25 -17.85 1.16
N VAL A 104 14.26 -18.33 0.44
CA VAL A 104 14.15 -19.50 -0.46
C VAL A 104 14.37 -20.78 0.35
N SER A 105 13.28 -21.49 0.62
CA SER A 105 13.21 -22.69 1.48
C SER A 105 12.02 -23.58 1.10
N GLY A 106 12.10 -24.88 1.39
CA GLY A 106 11.01 -25.84 1.16
C GLY A 106 9.89 -25.72 2.22
N PRO A 107 8.64 -26.10 1.89
CA PRO A 107 7.50 -26.01 2.80
C PRO A 107 7.52 -27.13 3.84
N SER A 108 6.80 -26.92 4.95
CA SER A 108 6.70 -27.87 6.08
C SER A 108 5.63 -28.97 5.88
N SER A 109 4.88 -28.93 4.78
CA SER A 109 3.79 -29.86 4.44
C SER A 109 3.42 -29.76 2.94
N GLY A 110 2.67 -30.75 2.42
CA GLY A 110 2.26 -30.85 1.02
C GLY A 110 1.34 -32.05 0.75
PG ATP B . 2.78 17.98 17.32
O1G ATP B . 4.21 18.06 17.69
O2G ATP B . 2.33 19.04 16.40
O3G ATP B . 1.90 17.80 18.49
PB ATP B . 2.43 16.16 15.10
O1B ATP B . 3.47 16.75 14.21
O2B ATP B . 0.99 16.35 14.76
O3B ATP B . 2.66 16.64 16.57
PA ATP B . 3.34 13.66 14.27
O1A ATP B . 4.79 13.58 14.60
O2A ATP B . 2.95 13.95 12.86
O3A ATP B . 2.65 14.62 15.26
O5' ATP B . 2.71 12.23 14.62
C5' ATP B . 2.61 11.76 15.97
C4' ATP B . 3.10 10.30 16.13
O4' ATP B . 2.35 9.42 15.30
C3' ATP B . 4.58 10.13 15.78
O3' ATP B . 5.17 9.14 16.62
C2' ATP B . 4.50 9.67 14.32
O2' ATP B . 5.64 8.92 13.89
C1' ATP B . 3.22 8.82 14.35
N9 ATP B . 2.59 8.72 13.03
C8 ATP B . 2.22 9.73 12.17
N7 ATP B . 1.74 9.31 11.02
C5 ATP B . 1.76 7.92 11.16
C6 ATP B . 1.34 6.83 10.36
N6 ATP B . 0.79 6.95 9.17
N1 ATP B . 1.43 5.57 10.80
C2 ATP B . 1.95 5.37 12.00
N3 ATP B . 2.39 6.28 12.87
C4 ATP B . 2.27 7.55 12.38
H5'1 ATP B . 3.20 12.39 16.63
H5'2 ATP B . 1.57 11.81 16.28
H4' ATP B . 2.95 10.02 17.18
H3' ATP B . 5.12 11.07 15.85
HO3' ATP B . 5.96 8.80 16.15
H2' ATP B . 4.35 10.54 13.68
HO2' ATP B . 6.42 9.50 13.85
H1' ATP B . 3.50 7.82 14.69
H8 ATP B . 2.29 10.78 12.42
HN61 ATP B . 0.66 7.87 8.79
HN62 ATP B . 0.56 6.11 8.65
H2 ATP B . 1.99 4.35 12.34
N PRO A 1 -27.76 9.83 -4.72
CA PRO A 1 -26.57 9.56 -5.54
C PRO A 1 -25.60 8.54 -4.91
N SER A 2 -24.79 7.87 -5.73
CA SER A 2 -23.87 6.81 -5.26
C SER A 2 -22.55 7.34 -4.65
N SER A 3 -22.20 8.61 -4.89
CA SER A 3 -21.06 9.35 -4.29
C SER A 3 -19.67 8.83 -4.70
N GLY A 4 -19.59 7.83 -5.58
CA GLY A 4 -18.36 7.18 -6.06
C GLY A 4 -18.63 6.05 -7.04
N SER A 5 -17.66 5.15 -7.21
CA SER A 5 -17.67 4.06 -8.18
C SER A 5 -17.01 2.78 -7.61
N SER A 6 -17.40 1.60 -8.08
CA SER A 6 -16.92 0.30 -7.60
C SER A 6 -15.58 -0.16 -8.23
N GLY A 7 -15.00 0.65 -9.12
CA GLY A 7 -13.73 0.37 -9.82
C GLY A 7 -12.49 0.64 -8.96
N PHE A 8 -11.33 0.23 -9.49
CA PHE A 8 -10.00 0.44 -8.91
C PHE A 8 -9.53 1.90 -9.07
N LEU A 9 -8.35 2.22 -8.49
CA LEU A 9 -7.71 3.53 -8.51
C LEU A 9 -6.18 3.37 -8.54
N ASP A 10 -5.50 4.20 -9.32
CA ASP A 10 -4.05 4.21 -9.52
C ASP A 10 -3.54 5.64 -9.82
N LYS A 11 -2.22 5.84 -9.77
CA LYS A 11 -1.53 7.12 -9.97
C LYS A 11 -0.50 7.08 -11.12
N PRO A 12 -0.13 8.25 -11.69
CA PRO A 12 0.70 8.35 -12.89
C PRO A 12 2.16 7.96 -12.64
N THR A 13 2.92 7.90 -13.74
CA THR A 13 4.27 7.33 -13.86
C THR A 13 4.89 7.71 -15.20
N LEU A 14 6.16 7.35 -15.38
CA LEU A 14 6.96 7.57 -16.58
C LEU A 14 7.11 6.28 -17.42
N LEU A 15 6.83 5.13 -16.80
CA LEU A 15 6.95 3.80 -17.43
C LEU A 15 5.78 3.48 -18.39
N SER A 16 5.88 2.31 -19.00
CA SER A 16 4.89 1.72 -19.88
C SER A 16 3.84 0.90 -19.11
N PRO A 17 2.63 0.72 -19.67
CA PRO A 17 1.56 -0.08 -19.05
C PRO A 17 1.94 -1.56 -18.86
N GLU A 18 2.93 -2.06 -19.61
CA GLU A 18 3.44 -3.43 -19.50
C GLU A 18 4.44 -3.59 -18.34
N GLU A 19 5.22 -2.54 -18.04
CA GLU A 19 6.27 -2.55 -17.01
C GLU A 19 5.69 -2.68 -15.60
N LEU A 20 4.69 -1.83 -15.32
CA LEU A 20 4.00 -1.71 -14.04
C LEU A 20 3.25 -3.01 -13.72
N LYS A 21 2.52 -3.52 -14.71
CA LYS A 21 1.85 -4.82 -14.64
C LYS A 21 2.83 -5.98 -14.45
N ALA A 22 4.00 -5.97 -15.13
CA ALA A 22 5.03 -7.00 -14.95
C ALA A 22 5.68 -6.95 -13.55
N ALA A 23 5.97 -5.75 -13.02
CA ALA A 23 6.53 -5.55 -11.69
C ALA A 23 5.58 -6.03 -10.57
N SER A 24 4.27 -5.81 -10.74
CA SER A 24 3.25 -6.25 -9.79
C SER A 24 2.96 -7.76 -9.89
N ARG A 25 2.61 -8.25 -11.10
CA ARG A 25 2.22 -9.64 -11.36
C ARG A 25 3.35 -10.65 -11.16
N GLY A 26 4.60 -10.21 -11.31
CA GLY A 26 5.81 -11.02 -11.09
C GLY A 26 6.04 -11.43 -9.64
N ASN A 27 5.35 -10.78 -8.69
CA ASN A 27 5.35 -11.12 -7.26
C ASN A 27 3.93 -11.42 -6.74
N GLY A 28 3.05 -10.41 -6.73
CA GLY A 28 1.70 -10.49 -6.15
C GLY A 28 1.64 -10.02 -4.69
N GLU A 29 2.80 -9.63 -4.15
CA GLU A 29 2.98 -8.93 -2.87
C GLU A 29 2.45 -7.49 -2.93
N TYR A 30 2.50 -6.80 -1.78
CA TYR A 30 2.07 -5.40 -1.60
C TYR A 30 2.46 -4.83 -0.24
N ALA A 31 2.65 -3.51 -0.21
CA ALA A 31 2.95 -2.74 0.99
C ALA A 31 2.42 -1.30 0.86
N TRP A 32 2.25 -0.65 2.00
CA TRP A 32 1.94 0.78 2.12
C TRP A 32 3.01 1.46 2.98
N TYR A 33 3.30 2.71 2.66
CA TYR A 33 4.31 3.54 3.35
C TYR A 33 3.78 4.95 3.63
N TYR A 34 4.40 5.62 4.61
CA TYR A 34 4.12 7.01 5.00
C TYR A 34 5.43 7.76 5.31
N GLU A 35 5.46 9.08 5.15
CA GLU A 35 6.62 9.89 5.58
C GLU A 35 6.57 10.13 7.10
N GLY A 36 7.47 9.46 7.84
CA GLY A 36 7.66 9.60 9.29
C GLY A 36 8.74 10.64 9.64
N ARG A 37 9.36 10.48 10.82
CA ARG A 37 10.42 11.37 11.35
C ARG A 37 11.60 11.55 10.37
N ASN A 38 12.11 10.43 9.84
CA ASN A 38 13.37 10.39 9.07
C ASN A 38 13.23 10.01 7.58
N GLY A 39 12.06 9.53 7.14
CA GLY A 39 11.78 9.14 5.75
C GLY A 39 10.56 8.22 5.61
N TRP A 40 10.46 7.51 4.49
CA TRP A 40 9.41 6.51 4.26
C TRP A 40 9.55 5.29 5.18
N TRP A 41 8.46 4.95 5.88
CA TRP A 41 8.36 3.77 6.75
C TRP A 41 7.09 2.97 6.43
N GLN A 42 7.20 1.64 6.51
CA GLN A 42 6.11 0.73 6.15
C GLN A 42 5.08 0.61 7.29
N TYR A 43 3.79 0.59 6.95
CA TYR A 43 2.70 0.28 7.90
C TYR A 43 2.74 -1.18 8.38
N ASP A 44 2.15 -1.44 9.55
CA ASP A 44 1.93 -2.81 10.07
C ASP A 44 0.84 -3.53 9.26
N GLU A 45 0.87 -4.86 9.26
CA GLU A 45 -0.04 -5.71 8.48
C GLU A 45 -1.51 -5.66 8.98
N ARG A 46 -1.74 -5.23 10.23
CA ARG A 46 -3.09 -4.93 10.76
C ARG A 46 -3.71 -3.71 10.06
N THR A 47 -2.84 -2.75 9.72
CA THR A 47 -3.17 -1.41 9.21
C THR A 47 -3.15 -1.35 7.70
N SER A 48 -2.09 -1.83 7.04
CA SER A 48 -1.94 -1.72 5.58
C SER A 48 -3.03 -2.47 4.80
N ARG A 49 -3.60 -3.54 5.39
CA ARG A 49 -4.74 -4.23 4.81
C ARG A 49 -5.99 -3.35 4.72
N GLU A 50 -6.16 -2.37 5.63
CA GLU A 50 -7.32 -1.47 5.59
C GLU A 50 -7.22 -0.52 4.40
N LEU A 51 -5.99 -0.09 4.10
CA LEU A 51 -5.64 0.80 2.99
C LEU A 51 -5.76 0.06 1.65
N GLU A 52 -5.24 -1.17 1.58
CA GLU A 52 -5.35 -2.06 0.42
C GLU A 52 -6.80 -2.40 0.07
N ASP A 53 -7.65 -2.63 1.08
CA ASP A 53 -9.03 -3.07 0.87
C ASP A 53 -9.90 -1.92 0.35
N ALA A 54 -9.62 -0.72 0.85
CA ALA A 54 -10.34 0.51 0.55
C ALA A 54 -10.30 0.93 -0.93
N PHE A 55 -9.11 0.98 -1.56
CA PHE A 55 -9.00 1.31 -2.99
C PHE A 55 -9.55 0.18 -3.88
N SER A 56 -9.66 -1.02 -3.32
CA SER A 56 -10.26 -2.19 -3.95
C SER A 56 -11.80 -2.23 -3.84
N LYS A 57 -12.36 -1.67 -2.76
CA LYS A 57 -13.81 -1.52 -2.55
C LYS A 57 -14.40 -0.41 -3.43
N GLY A 58 -13.70 0.72 -3.51
CA GLY A 58 -14.12 1.91 -4.27
C GLY A 58 -14.19 3.20 -3.45
N LYS A 59 -14.01 3.13 -2.12
CA LYS A 59 -13.93 4.33 -1.30
C LYS A 59 -12.68 5.16 -1.62
N LYS A 60 -12.81 6.48 -1.42
CA LYS A 60 -11.79 7.49 -1.75
C LYS A 60 -10.94 7.92 -0.55
N ASN A 61 -11.22 7.35 0.63
CA ASN A 61 -10.53 7.57 1.89
C ASN A 61 -11.01 6.55 2.94
N THR A 62 -10.10 6.14 3.83
CA THR A 62 -10.38 5.20 4.93
C THR A 62 -9.72 5.63 6.25
N GLU A 63 -9.91 4.87 7.32
CA GLU A 63 -9.49 5.21 8.69
C GLU A 63 -8.59 4.13 9.30
N MET A 64 -7.69 4.55 10.20
CA MET A 64 -6.65 3.72 10.82
C MET A 64 -6.16 4.30 12.16
N LEU A 65 -5.77 3.41 13.06
CA LEU A 65 -5.21 3.71 14.39
C LEU A 65 -3.69 3.52 14.38
N ILE A 66 -2.98 4.37 15.12
CA ILE A 66 -1.50 4.35 15.24
C ILE A 66 -1.05 4.26 16.71
N ALA A 67 0.13 4.79 17.05
CA ALA A 67 0.70 4.81 18.40
C ALA A 67 -0.16 5.53 19.47
N GLY A 68 -1.13 6.35 19.06
CA GLY A 68 -2.03 7.09 19.98
C GLY A 68 -3.08 7.98 19.33
N PHE A 69 -3.37 7.82 18.03
CA PHE A 69 -4.20 8.73 17.23
C PHE A 69 -4.96 7.99 16.11
N LEU A 70 -6.13 8.53 15.73
CA LEU A 70 -6.87 8.13 14.54
C LEU A 70 -6.42 9.03 13.38
N TYR A 71 -5.97 8.41 12.31
CA TYR A 71 -5.66 9.08 11.04
C TYR A 71 -6.61 8.62 9.92
N VAL A 72 -7.11 9.60 9.17
CA VAL A 72 -7.85 9.41 7.92
C VAL A 72 -6.82 9.34 6.80
N ALA A 73 -6.74 8.19 6.13
CA ALA A 73 -5.92 7.98 4.93
C ALA A 73 -6.74 8.36 3.69
N ASP A 74 -6.35 9.44 3.01
CA ASP A 74 -6.96 9.93 1.79
C ASP A 74 -6.32 9.25 0.58
N LEU A 75 -7.12 8.41 -0.09
CA LEU A 75 -6.70 7.63 -1.26
C LEU A 75 -6.75 8.46 -2.56
N GLU A 76 -7.48 9.59 -2.57
CA GLU A 76 -7.54 10.51 -3.72
C GLU A 76 -6.18 11.12 -4.05
N ASN A 77 -5.53 11.72 -3.05
CA ASN A 77 -4.28 12.49 -3.18
C ASN A 77 -3.06 11.69 -2.67
N MET A 78 -3.29 10.50 -2.10
CA MET A 78 -2.31 9.65 -1.39
C MET A 78 -1.65 10.44 -0.23
N VAL A 79 -2.47 10.91 0.71
CA VAL A 79 -2.02 11.57 1.96
C VAL A 79 -2.75 10.99 3.18
N GLN A 80 -2.40 11.43 4.37
CA GLN A 80 -3.11 11.11 5.62
C GLN A 80 -3.11 12.31 6.56
N TYR A 81 -4.06 12.36 7.50
CA TYR A 81 -4.29 13.46 8.46
C TYR A 81 -5.23 13.05 9.61
N ARG A 82 -5.29 13.84 10.69
CA ARG A 82 -6.26 13.64 11.79
C ARG A 82 -7.69 14.00 11.36
N ARG A 83 -8.70 13.39 12.00
CA ARG A 83 -10.12 13.78 11.82
C ARG A 83 -10.40 15.26 12.20
N ASN A 84 -9.56 15.87 13.04
CA ASN A 84 -9.69 17.25 13.49
C ASN A 84 -9.49 18.30 12.38
N GLU A 85 -8.59 18.04 11.41
CA GLU A 85 -8.28 18.94 10.29
C GLU A 85 -7.44 18.23 9.21
N HIS A 86 -7.73 18.53 7.94
CA HIS A 86 -6.92 18.14 6.78
C HIS A 86 -5.64 18.99 6.61
N GLY A 87 -5.54 20.09 7.36
CA GLY A 87 -4.45 21.08 7.33
C GLY A 87 -3.08 20.45 7.54
N ARG A 88 -2.84 19.84 8.71
CA ARG A 88 -1.66 19.00 8.94
C ARG A 88 -1.89 17.63 8.29
N ARG A 89 -1.39 17.49 7.05
CA ARG A 89 -1.36 16.23 6.29
C ARG A 89 0.07 15.79 5.97
N ARG A 90 0.25 14.49 5.73
CA ARG A 90 1.52 13.82 5.47
C ARG A 90 1.37 12.86 4.28
N LYS A 91 2.36 12.77 3.41
CA LYS A 91 2.33 11.89 2.23
C LYS A 91 2.36 10.40 2.58
N ILE A 92 1.59 9.60 1.83
CA ILE A 92 1.62 8.12 1.83
C ILE A 92 1.86 7.61 0.40
N LYS A 93 2.11 6.30 0.26
CA LYS A 93 2.23 5.61 -1.03
C LYS A 93 1.92 4.10 -0.94
N ARG A 94 1.71 3.49 -2.10
CA ARG A 94 1.63 2.04 -2.33
C ARG A 94 2.95 1.54 -2.94
N ASP A 95 3.33 0.30 -2.65
CA ASP A 95 4.51 -0.37 -3.22
C ASP A 95 4.35 -1.90 -3.24
N ILE A 96 5.36 -2.59 -3.79
CA ILE A 96 5.42 -4.04 -3.97
C ILE A 96 6.77 -4.57 -3.45
N ILE A 97 6.71 -5.69 -2.74
CA ILE A 97 7.91 -6.41 -2.25
C ILE A 97 8.43 -7.39 -3.32
N ASP A 98 9.75 -7.53 -3.40
CA ASP A 98 10.43 -8.39 -4.39
C ASP A 98 10.78 -9.81 -3.86
N ILE A 99 11.02 -9.93 -2.54
CA ILE A 99 11.36 -11.16 -1.77
C ILE A 99 12.80 -11.64 -2.04
N PRO A 100 13.62 -11.86 -0.99
CA PRO A 100 15.00 -12.34 -1.12
C PRO A 100 15.06 -13.84 -1.41
N LYS A 101 16.22 -14.29 -1.89
CA LYS A 101 16.47 -15.72 -2.16
C LYS A 101 16.31 -16.60 -0.90
N LYS A 102 16.65 -16.06 0.28
CA LYS A 102 16.46 -16.70 1.59
C LYS A 102 14.98 -17.03 1.91
N GLY A 103 14.03 -16.34 1.26
CA GLY A 103 12.58 -16.56 1.37
C GLY A 103 12.02 -17.64 0.44
N VAL A 104 12.81 -18.16 -0.50
CA VAL A 104 12.39 -19.18 -1.47
C VAL A 104 12.56 -20.58 -0.84
N SER A 105 11.44 -21.25 -0.58
CA SER A 105 11.32 -22.59 0.03
C SER A 105 9.90 -23.14 -0.15
N GLY A 106 9.75 -24.47 -0.18
CA GLY A 106 8.45 -25.15 -0.28
C GLY A 106 7.69 -25.19 1.06
N PRO A 107 6.34 -25.25 1.04
CA PRO A 107 5.52 -25.30 2.25
C PRO A 107 5.54 -26.69 2.90
N SER A 108 5.25 -26.75 4.20
CA SER A 108 5.22 -28.00 4.98
C SER A 108 4.06 -28.96 4.59
N SER A 109 3.13 -28.50 3.75
CA SER A 109 1.99 -29.28 3.24
C SER A 109 2.34 -30.26 2.11
N GLY A 110 3.58 -30.21 1.58
CA GLY A 110 4.06 -31.09 0.50
C GLY A 110 5.52 -30.83 0.13
PG ATP B . 7.20 13.72 13.25
O1G ATP B . 7.63 14.78 12.33
O2G ATP B . 8.05 13.60 14.46
O3G ATP B . 6.92 12.44 12.59
PB ATP B . 5.08 15.46 14.16
O1B ATP B . 4.84 16.30 12.97
O2B ATP B . 5.78 16.09 15.33
O3B ATP B . 5.80 14.14 13.77
PA ATP B . 2.41 14.44 14.09
O1A ATP B . 2.36 14.64 12.62
O2A ATP B . 1.29 14.95 14.91
O3A ATP B . 3.71 14.98 14.71
O5' ATP B . 2.49 12.87 14.35
C5' ATP B . 2.53 12.32 15.67
C4' ATP B . 3.29 10.99 15.78
O4' ATP B . 2.62 9.95 15.05
C3' ATP B . 4.73 11.07 15.25
O3' ATP B . 5.58 10.18 16.00
C2' ATP B . 4.54 10.60 13.82
O2' ATP B . 5.74 10.16 13.19
C1' ATP B . 3.46 9.54 13.98
N9 ATP B . 2.66 9.35 12.74
C8 ATP B . 2.14 10.30 11.89
N7 ATP B . 1.67 9.83 10.77
C5 ATP B . 1.83 8.45 10.92
C6 ATP B . 1.47 7.32 10.16
N6 ATP B . 0.92 7.39 8.96
N1 ATP B . 1.62 6.08 10.61
C2 ATP B . 2.18 5.93 11.80
N3 ATP B . 2.61 6.88 12.63
C4 ATP B . 2.39 8.14 12.14
H5'1 ATP B . 3.02 13.03 16.35
H5'2 ATP B . 1.51 12.17 16.03
H4' ATP B . 3.32 10.71 16.84
H3' ATP B . 5.10 12.10 15.29
HO3' ATP B . 6.37 10.04 15.44
H2' ATP B . 4.14 11.44 13.24
HO2' ATP B . 6.27 10.98 12.97
H1' ATP B . 3.94 8.59 14.25
H8 ATP B . 2.11 11.35 12.14
HN61 ATP B . 0.81 8.30 8.54
HN62 ATP B . 0.72 6.53 8.46
H2 ATP B . 2.27 4.92 12.15
N PRO A 1 -28.12 -0.57 7.63
CA PRO A 1 -27.76 -1.70 6.74
C PRO A 1 -26.31 -1.62 6.23
N SER A 2 -25.78 -2.72 5.70
CA SER A 2 -24.42 -2.85 5.15
C SER A 2 -24.28 -4.11 4.28
N SER A 3 -23.19 -4.24 3.53
CA SER A 3 -22.88 -5.34 2.60
C SER A 3 -21.39 -5.29 2.16
N GLY A 4 -20.83 -6.45 1.81
CA GLY A 4 -19.46 -6.58 1.27
C GLY A 4 -19.38 -6.34 -0.24
N SER A 5 -18.16 -6.31 -0.77
CA SER A 5 -17.90 -6.15 -2.21
C SER A 5 -17.91 -7.53 -2.92
N SER A 6 -18.87 -7.74 -3.82
CA SER A 6 -19.10 -9.04 -4.50
C SER A 6 -18.35 -9.22 -5.83
N GLY A 7 -17.64 -8.18 -6.30
CA GLY A 7 -16.85 -8.18 -7.54
C GLY A 7 -15.59 -7.32 -7.47
N PHE A 8 -14.72 -7.47 -8.47
CA PHE A 8 -13.46 -6.72 -8.59
C PHE A 8 -13.66 -5.27 -9.06
N LEU A 9 -12.68 -4.41 -8.79
CA LEU A 9 -12.69 -2.98 -9.08
C LEU A 9 -11.25 -2.44 -9.22
N ASP A 10 -11.09 -1.32 -9.93
CA ASP A 10 -9.81 -0.67 -10.21
C ASP A 10 -9.89 0.86 -9.99
N LYS A 11 -8.75 1.49 -9.75
CA LYS A 11 -8.57 2.92 -9.48
C LYS A 11 -7.42 3.52 -10.34
N PRO A 12 -7.40 4.85 -10.53
CA PRO A 12 -6.45 5.54 -11.41
C PRO A 12 -5.02 5.54 -10.86
N THR A 13 -4.11 5.98 -11.72
CA THR A 13 -2.65 5.91 -11.57
C THR A 13 -1.96 6.76 -12.63
N LEU A 14 -0.65 6.94 -12.46
CA LEU A 14 0.25 7.70 -13.33
C LEU A 14 1.03 6.77 -14.29
N LEU A 15 1.05 5.46 -13.98
CA LEU A 15 1.81 4.45 -14.72
C LEU A 15 1.10 3.95 -15.98
N SER A 16 1.78 3.05 -16.67
CA SER A 16 1.33 2.34 -17.87
C SER A 16 0.59 1.03 -17.53
N PRO A 17 -0.29 0.54 -18.42
CA PRO A 17 -1.06 -0.69 -18.23
C PRO A 17 -0.19 -1.95 -18.13
N GLU A 18 1.08 -1.88 -18.56
CA GLU A 18 2.05 -2.97 -18.46
C GLU A 18 2.80 -2.95 -17.11
N GLU A 19 3.00 -1.78 -16.50
CA GLU A 19 3.77 -1.60 -15.25
C GLU A 19 3.05 -2.21 -14.05
N LEU A 20 1.76 -1.89 -13.94
CA LEU A 20 0.87 -2.31 -12.85
C LEU A 20 0.69 -3.83 -12.86
N LYS A 21 0.47 -4.38 -14.05
CA LYS A 21 0.41 -5.82 -14.32
C LYS A 21 1.75 -6.51 -14.00
N ALA A 22 2.89 -5.93 -14.37
CA ALA A 22 4.21 -6.49 -14.07
C ALA A 22 4.54 -6.48 -12.57
N ALA A 23 4.19 -5.39 -11.85
CA ALA A 23 4.33 -5.27 -10.41
C ALA A 23 3.48 -6.30 -9.65
N SER A 24 2.23 -6.50 -10.08
CA SER A 24 1.31 -7.46 -9.47
C SER A 24 1.71 -8.92 -9.75
N ARG A 25 2.12 -9.24 -10.99
CA ARG A 25 2.53 -10.59 -11.42
C ARG A 25 3.90 -11.01 -10.86
N GLY A 26 4.78 -10.04 -10.57
CA GLY A 26 6.19 -10.26 -10.20
C GLY A 26 6.39 -11.00 -8.87
N ASN A 27 5.45 -10.89 -7.92
CA ASN A 27 5.45 -11.69 -6.69
C ASN A 27 4.05 -11.81 -6.02
N GLY A 28 3.22 -10.76 -6.08
CA GLY A 28 1.84 -10.75 -5.56
C GLY A 28 1.69 -10.28 -4.11
N GLU A 29 2.78 -9.81 -3.49
CA GLU A 29 2.79 -9.12 -2.20
C GLU A 29 2.37 -7.66 -2.33
N TYR A 30 2.39 -6.91 -1.22
CA TYR A 30 2.02 -5.49 -1.13
C TYR A 30 2.38 -4.88 0.23
N ALA A 31 2.64 -3.58 0.24
CA ALA A 31 2.93 -2.77 1.42
C ALA A 31 2.52 -1.31 1.21
N TRP A 32 2.25 -0.62 2.32
CA TRP A 32 1.97 0.81 2.35
C TRP A 32 3.04 1.51 3.20
N TYR A 33 3.38 2.74 2.81
CA TYR A 33 4.44 3.55 3.41
C TYR A 33 3.97 4.99 3.66
N TYR A 34 4.59 5.66 4.62
CA TYR A 34 4.34 7.07 4.98
C TYR A 34 5.66 7.82 5.21
N GLU A 35 5.70 9.13 4.96
CA GLU A 35 6.87 9.95 5.30
C GLU A 35 6.93 10.21 6.82
N GLY A 36 7.99 9.72 7.46
CA GLY A 36 8.36 10.02 8.85
C GLY A 36 9.39 11.15 8.94
N ARG A 37 10.09 11.22 10.07
CA ARG A 37 11.10 12.26 10.36
C ARG A 37 12.35 12.17 9.45
N ASN A 38 12.70 10.97 8.98
CA ASN A 38 13.98 10.68 8.31
C ASN A 38 13.93 9.84 7.02
N GLY A 39 12.74 9.39 6.63
CA GLY A 39 12.45 8.69 5.36
C GLY A 39 11.04 8.12 5.28
N TRP A 40 10.78 7.33 4.23
CA TRP A 40 9.57 6.51 4.11
C TRP A 40 9.65 5.27 5.00
N TRP A 41 8.61 5.02 5.78
CA TRP A 41 8.50 3.90 6.73
C TRP A 41 7.19 3.14 6.55
N GLN A 42 7.24 1.82 6.76
CA GLN A 42 6.13 0.92 6.41
C GLN A 42 5.06 0.86 7.51
N TYR A 43 3.79 0.82 7.12
CA TYR A 43 2.66 0.53 8.01
C TYR A 43 2.65 -0.94 8.49
N ASP A 44 2.00 -1.20 9.62
CA ASP A 44 1.81 -2.53 10.19
C ASP A 44 0.96 -3.44 9.27
N GLU A 45 1.13 -4.76 9.38
CA GLU A 45 0.46 -5.77 8.55
C GLU A 45 -1.05 -5.84 8.78
N ARG A 46 -1.54 -5.35 9.93
CA ARG A 46 -2.97 -5.29 10.26
C ARG A 46 -3.59 -3.93 9.91
N THR A 47 -2.75 -2.92 9.61
CA THR A 47 -3.16 -1.56 9.19
C THR A 47 -3.13 -1.43 7.67
N SER A 48 -2.01 -1.74 7.04
CA SER A 48 -1.84 -1.61 5.57
C SER A 48 -2.84 -2.44 4.77
N ARG A 49 -3.28 -3.59 5.32
CA ARG A 49 -4.32 -4.43 4.74
C ARG A 49 -5.69 -3.74 4.66
N GLU A 50 -5.96 -2.73 5.51
CA GLU A 50 -7.21 -1.97 5.48
C GLU A 50 -7.17 -0.91 4.38
N LEU A 51 -6.00 -0.27 4.21
CA LEU A 51 -5.72 0.71 3.16
C LEU A 51 -5.79 0.06 1.77
N GLU A 52 -5.20 -1.13 1.65
CA GLU A 52 -5.26 -1.97 0.44
C GLU A 52 -6.69 -2.40 0.07
N ASP A 53 -7.59 -2.51 1.05
CA ASP A 53 -8.98 -2.95 0.84
C ASP A 53 -9.89 -1.81 0.39
N ALA A 54 -9.58 -0.59 0.83
CA ALA A 54 -10.38 0.62 0.61
C ALA A 54 -10.50 1.01 -0.88
N PHE A 55 -9.39 1.05 -1.62
CA PHE A 55 -9.43 1.33 -3.07
C PHE A 55 -10.10 0.17 -3.84
N SER A 56 -10.05 -1.02 -3.27
CA SER A 56 -10.67 -2.24 -3.80
C SER A 56 -12.20 -2.29 -3.54
N LYS A 57 -12.68 -1.67 -2.46
CA LYS A 57 -14.10 -1.43 -2.19
C LYS A 57 -14.67 -0.33 -3.09
N GLY A 58 -13.90 0.75 -3.27
CA GLY A 58 -14.22 1.89 -4.13
C GLY A 58 -14.19 3.25 -3.43
N LYS A 59 -14.04 3.29 -2.10
CA LYS A 59 -13.94 4.54 -1.35
C LYS A 59 -12.68 5.36 -1.72
N LYS A 60 -12.76 6.67 -1.50
CA LYS A 60 -11.73 7.65 -1.84
C LYS A 60 -10.87 8.10 -0.64
N ASN A 61 -11.19 7.57 0.55
CA ASN A 61 -10.50 7.78 1.82
C ASN A 61 -11.04 6.80 2.87
N THR A 62 -10.15 6.28 3.71
CA THR A 62 -10.46 5.34 4.80
C THR A 62 -9.84 5.77 6.13
N GLU A 63 -10.02 4.98 7.18
CA GLU A 63 -9.65 5.30 8.56
C GLU A 63 -8.83 4.17 9.20
N MET A 64 -7.91 4.57 10.07
CA MET A 64 -6.94 3.68 10.72
C MET A 64 -6.50 4.20 12.09
N LEU A 65 -6.19 3.28 13.00
CA LEU A 65 -5.72 3.53 14.35
C LEU A 65 -4.21 3.28 14.45
N ILE A 66 -3.54 4.12 15.23
CA ILE A 66 -2.08 4.08 15.46
C ILE A 66 -1.75 3.90 16.96
N ALA A 67 -0.58 4.37 17.41
CA ALA A 67 -0.13 4.33 18.80
C ALA A 67 -1.03 5.04 19.83
N GLY A 68 -1.95 5.91 19.38
CA GLY A 68 -2.88 6.64 20.26
C GLY A 68 -3.87 7.59 19.58
N PHE A 69 -4.06 7.47 18.25
CA PHE A 69 -4.82 8.44 17.43
C PHE A 69 -5.48 7.77 16.22
N LEU A 70 -6.58 8.36 15.74
CA LEU A 70 -7.24 8.01 14.48
C LEU A 70 -6.68 8.93 13.38
N TYR A 71 -6.16 8.32 12.33
CA TYR A 71 -5.75 9.00 11.09
C TYR A 71 -6.63 8.57 9.90
N VAL A 72 -7.12 9.56 9.15
CA VAL A 72 -7.85 9.41 7.90
C VAL A 72 -6.82 9.31 6.78
N ALA A 73 -6.77 8.16 6.10
CA ALA A 73 -5.92 7.92 4.94
C ALA A 73 -6.69 8.30 3.67
N ASP A 74 -6.29 9.38 3.02
CA ASP A 74 -6.88 9.89 1.79
C ASP A 74 -6.25 9.22 0.57
N LEU A 75 -7.07 8.46 -0.16
CA LEU A 75 -6.66 7.68 -1.34
C LEU A 75 -6.65 8.54 -2.63
N GLU A 76 -7.32 9.70 -2.64
CA GLU A 76 -7.34 10.63 -3.78
C GLU A 76 -5.96 11.24 -4.04
N ASN A 77 -5.36 11.83 -3.01
CA ASN A 77 -4.11 12.59 -3.05
C ASN A 77 -2.93 11.76 -2.51
N MET A 78 -3.21 10.58 -1.93
CA MET A 78 -2.27 9.70 -1.23
C MET A 78 -1.56 10.45 -0.08
N VAL A 79 -2.34 10.84 0.92
CA VAL A 79 -1.89 11.50 2.17
C VAL A 79 -2.64 10.94 3.38
N GLN A 80 -2.24 11.30 4.61
CA GLN A 80 -2.94 10.91 5.84
C GLN A 80 -2.92 12.04 6.89
N TYR A 81 -4.02 12.21 7.62
CA TYR A 81 -4.24 13.30 8.59
C TYR A 81 -5.19 12.94 9.73
N ARG A 82 -5.15 13.67 10.84
CA ARG A 82 -6.10 13.53 11.96
C ARG A 82 -7.50 14.07 11.59
N ARG A 83 -8.56 13.42 12.07
CA ARG A 83 -9.97 13.80 11.79
C ARG A 83 -10.32 15.26 12.10
N ASN A 84 -9.60 15.91 13.03
CA ASN A 84 -9.86 17.29 13.44
C ASN A 84 -9.60 18.34 12.34
N GLU A 85 -8.65 18.08 11.43
CA GLU A 85 -8.19 19.05 10.43
C GLU A 85 -7.35 18.38 9.31
N HIS A 86 -7.76 18.56 8.06
CA HIS A 86 -7.07 17.99 6.88
C HIS A 86 -5.69 18.63 6.59
N GLY A 87 -5.41 19.79 7.18
CA GLY A 87 -4.16 20.55 7.02
C GLY A 87 -2.96 19.93 7.75
N ARG A 88 -3.19 19.11 8.77
CA ARG A 88 -2.17 18.34 9.51
C ARG A 88 -1.91 17.00 8.81
N ARG A 89 -1.42 17.07 7.56
CA ARG A 89 -1.26 15.91 6.66
C ARG A 89 0.20 15.55 6.34
N ARG A 90 0.42 14.25 6.10
CA ARG A 90 1.70 13.63 5.74
C ARG A 90 1.50 12.73 4.51
N LYS A 91 2.49 12.69 3.61
CA LYS A 91 2.46 11.87 2.39
C LYS A 91 2.47 10.36 2.67
N ILE A 92 1.73 9.59 1.87
CA ILE A 92 1.78 8.11 1.85
C ILE A 92 1.93 7.57 0.41
N LYS A 93 2.24 6.28 0.27
CA LYS A 93 2.38 5.58 -1.01
C LYS A 93 2.18 4.05 -0.87
N ARG A 94 1.99 3.35 -1.99
CA ARG A 94 1.99 1.88 -2.10
C ARG A 94 3.31 1.37 -2.69
N ASP A 95 3.69 0.14 -2.34
CA ASP A 95 4.80 -0.61 -2.92
C ASP A 95 4.57 -2.14 -2.84
N ILE A 96 5.54 -2.91 -3.34
CA ILE A 96 5.53 -4.37 -3.43
C ILE A 96 6.80 -4.95 -2.81
N ILE A 97 6.64 -6.07 -2.09
CA ILE A 97 7.75 -6.87 -1.57
C ILE A 97 8.13 -7.98 -2.56
N ASP A 98 9.43 -8.23 -2.71
CA ASP A 98 9.98 -9.26 -3.62
C ASP A 98 10.54 -10.51 -2.90
N ILE A 99 10.80 -10.40 -1.58
CA ILE A 99 11.27 -11.44 -0.63
C ILE A 99 12.78 -11.75 -0.80
N PRO A 100 13.59 -11.68 0.28
CA PRO A 100 15.03 -11.95 0.25
C PRO A 100 15.33 -13.44 0.19
N LYS A 101 16.59 -13.78 -0.08
CA LYS A 101 17.07 -15.18 -0.10
C LYS A 101 16.86 -15.90 1.24
N LYS A 102 16.98 -15.18 2.37
CA LYS A 102 16.68 -15.68 3.72
C LYS A 102 15.21 -16.12 3.91
N GLY A 103 14.30 -15.58 3.09
CA GLY A 103 12.87 -15.93 3.02
C GLY A 103 12.54 -17.10 2.08
N VAL A 104 13.52 -17.58 1.31
CA VAL A 104 13.40 -18.67 0.32
C VAL A 104 14.54 -19.67 0.54
N SER A 105 14.50 -20.33 1.71
CA SER A 105 15.52 -21.25 2.22
C SER A 105 14.96 -22.07 3.41
N GLY A 106 15.54 -23.24 3.67
CA GLY A 106 15.13 -24.16 4.76
C GLY A 106 13.79 -24.86 4.46
N PRO A 107 13.71 -25.73 3.43
CA PRO A 107 12.48 -26.40 3.03
C PRO A 107 12.05 -27.48 4.03
N SER A 108 10.75 -27.82 4.00
CA SER A 108 10.14 -28.82 4.89
C SER A 108 10.52 -30.29 4.54
N SER A 109 11.29 -30.51 3.48
CA SER A 109 11.81 -31.81 3.06
C SER A 109 13.09 -32.26 3.81
N GLY A 110 13.67 -31.39 4.65
CA GLY A 110 14.87 -31.67 5.47
C GLY A 110 15.24 -30.52 6.39
PG ATP B . 2.98 17.60 13.03
O1G ATP B . 4.27 18.27 13.31
O2G ATP B . 3.01 16.78 11.81
O3G ATP B . 1.80 18.49 13.13
PB ATP B . 2.77 16.35 15.68
O1B ATP B . 1.43 16.76 16.19
O2B ATP B . 3.96 16.98 16.31
O3B ATP B . 2.80 16.54 14.14
PA ATP B . 4.03 13.87 16.14
O1A ATP B . 4.47 13.97 17.55
O2A ATP B . 5.05 13.99 15.06
O3A ATP B . 2.83 14.80 15.86
O5' ATP B . 3.40 12.40 15.95
C5' ATP B . 2.37 11.91 16.81
C4' ATP B . 2.35 10.37 16.89
O4' ATP B . 1.69 9.82 15.77
C3' ATP B . 3.76 9.75 16.96
O3' ATP B . 3.75 8.63 17.85
C2' ATP B . 3.96 9.31 15.51
O2' ATP B . 4.94 8.29 15.32
C1' ATP B . 2.54 8.86 15.16
N9 ATP B . 2.27 8.77 13.71
C8 ATP B . 2.14 9.78 12.79
N7 ATP B . 1.99 9.38 11.56
C5 ATP B . 1.96 7.98 11.69
C6 ATP B . 1.79 6.88 10.80
N6 ATP B . 1.61 6.97 9.51
N1 ATP B . 1.72 5.63 11.25
C2 ATP B . 1.85 5.44 12.55
N3 ATP B . 2.06 6.34 13.50
C4 ATP B . 2.11 7.61 13.00
H5'1 ATP B . 2.52 12.31 17.82
H5'2 ATP B . 1.40 12.27 16.46
H4' ATP B . 1.80 10.10 17.80
H3' ATP B . 4.51 10.48 17.26
HO3' ATP B . 4.67 8.36 18.02
H2' ATP B . 4.22 10.19 14.90
HO2' ATP B . 4.78 7.59 15.98
H1' ATP B . 2.37 7.88 15.63
H8 ATP B . 2.13 10.82 13.08
HN61 ATP B . 1.40 7.88 9.11
HN62 ATP B . 1.50 6.12 8.99
H2 ATP B . 1.73 4.42 12.89
N PRO A 1 -12.71 24.00 -7.68
CA PRO A 1 -13.35 22.68 -7.87
C PRO A 1 -12.89 21.63 -6.84
N SER A 2 -13.68 20.58 -6.64
CA SER A 2 -13.40 19.48 -5.69
C SER A 2 -12.44 18.40 -6.26
N SER A 3 -12.14 18.44 -7.56
CA SER A 3 -11.22 17.52 -8.26
C SER A 3 -10.76 18.06 -9.61
N GLY A 4 -11.69 18.56 -10.45
CA GLY A 4 -11.42 19.17 -11.75
C GLY A 4 -10.95 18.18 -12.83
N SER A 5 -11.05 16.87 -12.57
CA SER A 5 -10.47 15.79 -13.38
C SER A 5 -11.02 14.41 -12.97
N SER A 6 -10.74 13.37 -13.76
CA SER A 6 -11.17 11.97 -13.55
C SER A 6 -10.35 11.00 -14.42
N GLY A 7 -10.35 9.71 -14.05
CA GLY A 7 -9.58 8.65 -14.74
C GLY A 7 -8.19 8.43 -14.16
N PHE A 8 -7.39 7.59 -14.83
CA PHE A 8 -6.05 7.19 -14.40
C PHE A 8 -5.00 8.30 -14.62
N LEU A 9 -3.93 8.26 -13.81
CA LEU A 9 -2.82 9.22 -13.80
C LEU A 9 -1.58 8.57 -13.18
N ASP A 10 -0.39 8.91 -13.71
CA ASP A 10 0.90 8.35 -13.31
C ASP A 10 2.01 9.43 -13.36
N LYS A 11 2.92 9.36 -12.38
CA LYS A 11 4.08 10.25 -12.26
C LYS A 11 5.22 9.91 -13.25
N PRO A 12 6.11 10.90 -13.56
CA PRO A 12 7.20 10.75 -14.52
C PRO A 12 8.35 9.89 -13.98
N THR A 13 9.28 9.58 -14.89
CA THR A 13 10.41 8.66 -14.73
C THR A 13 11.37 8.79 -15.90
N LEU A 14 12.54 8.18 -15.76
CA LEU A 14 13.63 8.14 -16.75
C LEU A 14 13.60 6.84 -17.56
N LEU A 15 12.91 5.81 -17.04
CA LEU A 15 12.84 4.47 -17.62
C LEU A 15 11.78 4.35 -18.74
N SER A 16 11.64 3.12 -19.24
CA SER A 16 10.73 2.71 -20.30
C SER A 16 9.47 2.00 -19.76
N PRO A 17 8.38 1.96 -20.54
CA PRO A 17 7.12 1.34 -20.16
C PRO A 17 7.25 -0.17 -19.89
N GLU A 18 8.27 -0.82 -20.46
CA GLU A 18 8.57 -2.25 -20.24
C GLU A 18 9.48 -2.50 -19.03
N GLU A 19 10.11 -1.47 -18.44
CA GLU A 19 10.93 -1.57 -17.24
C GLU A 19 10.07 -1.45 -15.97
N LEU A 20 9.25 -0.41 -15.92
CA LEU A 20 8.39 -0.05 -14.78
C LEU A 20 7.39 -1.17 -14.48
N LYS A 21 6.74 -1.66 -15.54
CA LYS A 21 5.84 -2.83 -15.46
C LYS A 21 6.59 -4.11 -15.01
N ALA A 22 7.82 -4.33 -15.49
CA ALA A 22 8.62 -5.52 -15.12
C ALA A 22 9.11 -5.48 -13.66
N ALA A 23 9.44 -4.29 -13.13
CA ALA A 23 9.80 -4.08 -11.72
C ALA A 23 8.66 -4.47 -10.75
N SER A 24 7.41 -4.35 -11.19
CA SER A 24 6.23 -4.72 -10.42
C SER A 24 5.83 -6.18 -10.64
N ARG A 25 5.53 -6.55 -11.89
CA ARG A 25 4.98 -7.85 -12.27
C ARG A 25 5.99 -9.01 -12.22
N GLY A 26 7.29 -8.71 -12.19
CA GLY A 26 8.37 -9.71 -11.99
C GLY A 26 8.41 -10.27 -10.56
N ASN A 27 7.81 -9.56 -9.59
CA ASN A 27 7.57 -10.03 -8.23
C ASN A 27 6.08 -10.33 -7.99
N GLY A 28 5.21 -9.31 -8.06
CA GLY A 28 3.78 -9.41 -7.75
C GLY A 28 3.46 -9.12 -6.27
N GLU A 29 4.49 -8.80 -5.49
CA GLU A 29 4.45 -8.27 -4.13
C GLU A 29 3.89 -6.85 -4.09
N TYR A 30 3.71 -6.29 -2.87
CA TYR A 30 3.23 -4.94 -2.60
C TYR A 30 3.32 -4.55 -1.11
N ALA A 31 3.49 -3.25 -0.85
CA ALA A 31 3.55 -2.67 0.50
C ALA A 31 3.14 -1.18 0.50
N TRP A 32 2.58 -0.73 1.63
CA TRP A 32 2.26 0.67 1.91
C TRP A 32 3.38 1.34 2.74
N TYR A 33 3.61 2.63 2.48
CA TYR A 33 4.61 3.47 3.18
C TYR A 33 4.06 4.88 3.48
N TYR A 34 4.65 5.54 4.48
CA TYR A 34 4.36 6.93 4.86
C TYR A 34 5.65 7.70 5.22
N GLU A 35 5.70 9.01 4.97
CA GLU A 35 6.80 9.85 5.44
C GLU A 35 6.64 10.14 6.94
N GLY A 36 7.58 9.65 7.74
CA GLY A 36 7.65 9.86 9.20
C GLY A 36 8.87 10.66 9.63
N ARG A 37 9.49 10.25 10.75
CA ARG A 37 10.55 10.97 11.47
C ARG A 37 11.79 11.36 10.65
N ASN A 38 12.18 10.57 9.64
CA ASN A 38 13.41 10.75 8.86
C ASN A 38 13.28 10.40 7.35
N GLY A 39 12.16 9.80 6.93
CA GLY A 39 11.89 9.36 5.56
C GLY A 39 10.71 8.39 5.48
N TRP A 40 10.64 7.61 4.41
CA TRP A 40 9.62 6.58 4.21
C TRP A 40 9.78 5.40 5.20
N TRP A 41 8.67 5.03 5.85
CA TRP A 41 8.55 3.90 6.77
C TRP A 41 7.34 3.04 6.40
N GLN A 42 7.48 1.72 6.51
CA GLN A 42 6.45 0.77 6.08
C GLN A 42 5.34 0.65 7.14
N TYR A 43 4.08 0.53 6.70
CA TYR A 43 2.93 0.27 7.57
C TYR A 43 2.94 -1.14 8.18
N ASP A 44 2.21 -1.30 9.28
CA ASP A 44 1.95 -2.59 9.94
C ASP A 44 0.95 -3.46 9.14
N GLU A 45 1.04 -4.79 9.30
CA GLU A 45 0.22 -5.76 8.57
C GLU A 45 -1.27 -5.73 8.94
N ARG A 46 -1.61 -5.17 10.12
CA ARG A 46 -3.00 -5.01 10.58
C ARG A 46 -3.57 -3.63 10.21
N THR A 47 -2.71 -2.70 9.76
CA THR A 47 -3.09 -1.34 9.32
C THR A 47 -3.17 -1.25 7.81
N SER A 48 -2.11 -1.64 7.10
CA SER A 48 -2.06 -1.61 5.63
C SER A 48 -3.17 -2.42 4.95
N ARG A 49 -3.65 -3.49 5.62
CA ARG A 49 -4.79 -4.28 5.17
C ARG A 49 -6.10 -3.49 5.10
N GLU A 50 -6.24 -2.40 5.87
CA GLU A 50 -7.42 -1.53 5.83
C GLU A 50 -7.38 -0.63 4.58
N LEU A 51 -6.17 -0.19 4.21
CA LEU A 51 -5.88 0.66 3.04
C LEU A 51 -6.03 -0.14 1.74
N GLU A 52 -5.53 -1.39 1.76
CA GLU A 52 -5.73 -2.41 0.73
C GLU A 52 -7.22 -2.70 0.46
N ASP A 53 -8.07 -2.68 1.49
CA ASP A 53 -9.48 -3.04 1.37
C ASP A 53 -10.31 -1.89 0.80
N ALA A 54 -9.98 -0.67 1.20
CA ALA A 54 -10.68 0.57 0.86
C ALA A 54 -10.66 0.90 -0.64
N PHE A 55 -9.49 0.88 -1.27
CA PHE A 55 -9.38 1.13 -2.72
C PHE A 55 -10.03 0.00 -3.54
N SER A 56 -10.12 -1.19 -2.95
CA SER A 56 -10.77 -2.37 -3.52
C SER A 56 -12.31 -2.31 -3.41
N LYS A 57 -12.84 -1.66 -2.36
CA LYS A 57 -14.28 -1.42 -2.16
C LYS A 57 -14.82 -0.33 -3.11
N GLY A 58 -14.06 0.75 -3.28
CA GLY A 58 -14.41 1.91 -4.11
C GLY A 58 -14.42 3.25 -3.37
N LYS A 59 -14.27 3.26 -2.04
CA LYS A 59 -14.11 4.50 -1.29
C LYS A 59 -12.81 5.24 -1.65
N LYS A 60 -12.84 6.57 -1.49
CA LYS A 60 -11.75 7.49 -1.83
C LYS A 60 -10.85 7.86 -0.63
N ASN A 61 -11.20 7.38 0.56
CA ASN A 61 -10.49 7.60 1.82
C ASN A 61 -11.06 6.68 2.92
N THR A 62 -10.24 6.35 3.91
CA THR A 62 -10.56 5.41 5.00
C THR A 62 -9.86 5.80 6.30
N GLU A 63 -10.13 5.08 7.38
CA GLU A 63 -9.73 5.43 8.74
C GLU A 63 -8.95 4.30 9.41
N MET A 64 -7.97 4.68 10.24
CA MET A 64 -7.01 3.78 10.88
C MET A 64 -6.51 4.33 12.23
N LEU A 65 -6.23 3.43 13.17
CA LEU A 65 -5.73 3.71 14.51
C LEU A 65 -4.22 3.39 14.59
N ILE A 66 -3.50 4.21 15.34
CA ILE A 66 -2.04 4.10 15.55
C ILE A 66 -1.67 4.00 17.05
N ALA A 67 -0.48 4.46 17.44
CA ALA A 67 0.03 4.46 18.81
C ALA A 67 -0.83 5.25 19.83
N GLY A 68 -1.73 6.14 19.36
CA GLY A 68 -2.61 6.93 20.22
C GLY A 68 -3.59 7.88 19.51
N PHE A 69 -3.79 7.74 18.19
CA PHE A 69 -4.51 8.69 17.35
C PHE A 69 -5.25 8.00 16.19
N LEU A 70 -6.33 8.64 15.71
CA LEU A 70 -7.03 8.27 14.49
C LEU A 70 -6.46 9.10 13.34
N TYR A 71 -6.02 8.42 12.29
CA TYR A 71 -5.61 9.01 11.01
C TYR A 71 -6.55 8.60 9.87
N VAL A 72 -6.97 9.58 9.09
CA VAL A 72 -7.72 9.43 7.84
C VAL A 72 -6.69 9.30 6.71
N ALA A 73 -6.73 8.19 5.98
CA ALA A 73 -5.87 7.92 4.82
C ALA A 73 -6.65 8.17 3.52
N ASP A 74 -6.16 9.07 2.68
CA ASP A 74 -6.80 9.54 1.45
C ASP A 74 -6.13 8.93 0.21
N LEU A 75 -6.92 8.19 -0.59
CA LEU A 75 -6.47 7.46 -1.78
C LEU A 75 -6.30 8.35 -3.02
N GLU A 76 -6.86 9.56 -3.02
CA GLU A 76 -6.89 10.45 -4.20
C GLU A 76 -5.60 11.29 -4.30
N ASN A 77 -5.19 11.90 -3.19
CA ASN A 77 -4.00 12.74 -3.07
C ASN A 77 -2.79 11.93 -2.56
N MET A 78 -3.02 10.71 -2.07
CA MET A 78 -2.06 9.82 -1.39
C MET A 78 -1.42 10.55 -0.18
N VAL A 79 -2.24 10.86 0.82
CA VAL A 79 -1.80 11.48 2.10
C VAL A 79 -2.57 10.88 3.29
N GLN A 80 -2.11 11.17 4.51
CA GLN A 80 -2.80 10.88 5.77
C GLN A 80 -2.91 12.15 6.62
N TYR A 81 -3.93 12.25 7.49
CA TYR A 81 -4.14 13.36 8.43
C TYR A 81 -5.09 13.01 9.59
N ARG A 82 -5.07 13.81 10.68
CA ARG A 82 -6.05 13.73 11.76
C ARG A 82 -7.43 14.24 11.31
N ARG A 83 -8.51 13.69 11.88
CA ARG A 83 -9.90 14.06 11.54
C ARG A 83 -10.25 15.55 11.70
N ASN A 84 -9.55 16.28 12.58
CA ASN A 84 -9.87 17.67 12.91
C ASN A 84 -9.66 18.66 11.73
N GLU A 85 -8.67 18.39 10.86
CA GLU A 85 -8.28 19.28 9.77
C GLU A 85 -7.39 18.55 8.74
N HIS A 86 -7.78 18.59 7.47
CA HIS A 86 -7.05 17.95 6.36
C HIS A 86 -5.67 18.58 6.07
N GLY A 87 -5.42 19.79 6.58
CA GLY A 87 -4.17 20.52 6.46
C GLY A 87 -3.03 19.99 7.35
N ARG A 88 -3.36 19.23 8.41
CA ARG A 88 -2.40 18.56 9.30
C ARG A 88 -2.02 17.19 8.71
N ARG A 89 -1.41 17.20 7.51
CA ARG A 89 -1.17 16.01 6.68
C ARG A 89 0.31 15.64 6.46
N ARG A 90 0.53 14.36 6.15
CA ARG A 90 1.81 13.76 5.74
C ARG A 90 1.59 12.84 4.53
N LYS A 91 2.57 12.75 3.63
CA LYS A 91 2.52 11.93 2.41
C LYS A 91 2.55 10.41 2.68
N ILE A 92 1.80 9.66 1.88
CA ILE A 92 1.85 8.18 1.81
C ILE A 92 2.14 7.74 0.36
N LYS A 93 2.49 6.47 0.18
CA LYS A 93 2.72 5.83 -1.12
C LYS A 93 2.48 4.32 -1.07
N ARG A 94 2.48 3.70 -2.26
CA ARG A 94 2.48 2.25 -2.45
C ARG A 94 3.73 1.84 -3.24
N ASP A 95 4.35 0.73 -2.84
CA ASP A 95 5.63 0.24 -3.37
C ASP A 95 5.63 -1.31 -3.49
N ILE A 96 6.76 -1.87 -3.92
CA ILE A 96 6.93 -3.29 -4.24
C ILE A 96 8.17 -3.85 -3.55
N ILE A 97 8.04 -5.05 -3.00
CA ILE A 97 9.13 -5.82 -2.39
C ILE A 97 9.86 -6.67 -3.45
N ASP A 98 11.18 -6.80 -3.33
CA ASP A 98 12.03 -7.57 -4.26
C ASP A 98 12.33 -9.02 -3.79
N ILE A 99 12.31 -9.25 -2.47
CA ILE A 99 12.55 -10.53 -1.75
C ILE A 99 14.06 -10.90 -1.70
N PRO A 100 14.63 -11.17 -0.50
CA PRO A 100 16.04 -11.50 -0.33
C PRO A 100 16.36 -12.95 -0.73
N LYS A 101 17.65 -13.27 -0.82
CA LYS A 101 18.14 -14.64 -1.11
C LYS A 101 17.76 -15.69 -0.04
N LYS A 102 17.33 -15.25 1.15
CA LYS A 102 16.79 -16.09 2.23
C LYS A 102 15.34 -16.58 1.96
N GLY A 103 14.61 -15.95 1.04
CA GLY A 103 13.19 -16.17 0.73
C GLY A 103 12.88 -17.47 -0.06
N VAL A 104 13.56 -18.56 0.25
CA VAL A 104 13.40 -19.88 -0.40
C VAL A 104 12.12 -20.58 0.05
N SER A 105 11.47 -21.32 -0.84
CA SER A 105 10.17 -21.99 -0.60
C SER A 105 10.23 -23.16 0.40
N GLY A 106 11.43 -23.65 0.75
CA GLY A 106 11.67 -24.71 1.73
C GLY A 106 13.13 -25.19 1.78
N PRO A 107 13.49 -26.01 2.79
CA PRO A 107 14.84 -26.55 2.97
C PRO A 107 15.15 -27.62 1.92
N SER A 108 16.43 -27.75 1.56
CA SER A 108 16.94 -28.71 0.58
C SER A 108 18.48 -28.86 0.67
N SER A 109 19.02 -30.02 0.25
CA SER A 109 20.45 -30.30 0.23
C SER A 109 21.19 -29.73 -1.00
N GLY A 110 20.45 -29.18 -1.98
CA GLY A 110 20.99 -28.59 -3.21
C GLY A 110 19.91 -28.07 -4.16
PG ATP B . 6.73 15.96 13.99
O1G ATP B . 6.74 17.30 14.62
O2G ATP B . 8.01 15.23 14.16
O3G ATP B . 6.20 15.94 12.61
PB ATP B . 4.51 15.28 15.73
O1B ATP B . 3.63 16.37 15.24
O2B ATP B . 5.01 15.34 17.14
O3B ATP B . 5.72 15.09 14.79
PA ATP B . 2.29 13.70 15.51
O1A ATP B . 1.72 14.23 14.25
O2A ATP B . 1.65 14.09 16.79
O3A ATP B . 3.81 13.91 15.55
O5' ATP B . 2.19 12.11 15.39
C5' ATP B . 2.30 11.27 16.54
C4' ATP B . 2.98 9.93 16.25
O4' ATP B . 2.25 9.19 15.25
C3' ATP B . 4.42 10.11 15.75
O3' ATP B . 5.28 9.17 16.40
C2' ATP B . 4.28 9.80 14.25
O2' ATP B . 5.48 9.36 13.62
C1' ATP B . 3.20 8.72 14.31
N9 ATP B . 2.58 8.45 12.99
C8 ATP B . 2.32 9.32 11.97
N7 ATP B . 1.90 8.77 10.87
C5 ATP B . 1.83 7.41 11.20
C6 ATP B . 1.43 6.23 10.53
N6 ATP B . 1.02 6.16 9.28
N1 ATP B . 1.39 5.05 11.14
C2 ATP B . 1.77 5.02 12.41
N3 ATP B . 2.20 6.02 13.18
C4 ATP B . 2.22 7.21 12.50
H5'1 ATP B . 2.86 11.77 17.32
H5'2 ATP B . 1.30 11.08 16.94
H4' ATP B . 3.00 9.35 17.17
H3' ATP B . 4.78 11.14 15.90
HO3' ATP B . 6.08 9.07 15.84
H2' ATP B . 3.88 10.69 13.76
HO2' ATP B . 6.11 10.10 13.60
H1' ATP B . 3.66 7.79 14.67
H8 ATP B . 2.45 10.39 12.07
HN61 ATP B . 1.04 7.00 8.70
HN62 ATP B . 0.79 5.26 8.89
H2 ATP B . 1.68 4.06 12.90
N PRO A 1 -19.65 21.08 7.35
CA PRO A 1 -19.84 20.40 6.05
C PRO A 1 -18.75 20.74 5.01
N SER A 2 -18.66 19.94 3.94
CA SER A 2 -17.69 20.12 2.84
C SER A 2 -18.12 19.33 1.59
N SER A 3 -17.41 19.53 0.48
CA SER A 3 -17.74 18.97 -0.86
C SER A 3 -16.50 18.75 -1.75
N GLY A 4 -15.28 18.87 -1.19
CA GLY A 4 -14.01 18.77 -1.93
C GLY A 4 -13.65 17.34 -2.35
N SER A 5 -13.01 17.22 -3.50
CA SER A 5 -12.55 15.97 -4.14
C SER A 5 -11.64 16.27 -5.34
N SER A 6 -10.93 15.28 -5.88
CA SER A 6 -10.08 15.45 -7.08
C SER A 6 -10.87 15.52 -8.40
N GLY A 7 -12.16 15.13 -8.40
CA GLY A 7 -13.12 15.31 -9.48
C GLY A 7 -12.97 14.33 -10.66
N PHE A 8 -11.77 14.23 -11.21
CA PHE A 8 -11.45 13.52 -12.46
C PHE A 8 -10.92 12.09 -12.23
N LEU A 9 -10.98 11.28 -13.30
CA LEU A 9 -10.42 9.92 -13.36
C LEU A 9 -8.87 9.97 -13.36
N ASP A 10 -8.24 8.87 -12.92
CA ASP A 10 -6.79 8.70 -12.92
C ASP A 10 -6.16 8.70 -14.33
N LYS A 11 -4.85 8.89 -14.35
CA LYS A 11 -4.02 9.14 -15.53
C LYS A 11 -3.76 7.90 -16.42
N PRO A 12 -3.43 8.10 -17.70
CA PRO A 12 -3.18 7.05 -18.68
C PRO A 12 -1.78 6.42 -18.52
N THR A 13 -1.47 5.50 -19.43
CA THR A 13 -0.19 4.77 -19.51
C THR A 13 0.13 4.36 -20.94
N LEU A 14 1.40 4.01 -21.15
CA LEU A 14 1.98 3.61 -22.44
C LEU A 14 2.14 2.09 -22.54
N LEU A 15 1.84 1.35 -21.46
CA LEU A 15 1.98 -0.10 -21.36
C LEU A 15 0.72 -0.86 -21.82
N SER A 16 0.80 -2.17 -21.74
CA SER A 16 -0.27 -3.12 -22.01
C SER A 16 -1.04 -3.48 -20.72
N PRO A 17 -2.30 -3.94 -20.83
CA PRO A 17 -3.13 -4.35 -19.70
C PRO A 17 -2.53 -5.53 -18.92
N GLU A 18 -1.65 -6.31 -19.56
CA GLU A 18 -0.93 -7.42 -18.93
C GLU A 18 0.26 -6.95 -18.06
N GLU A 19 0.92 -5.85 -18.45
CA GLU A 19 2.14 -5.35 -17.81
C GLU A 19 1.86 -4.75 -16.42
N LEU A 20 0.83 -3.90 -16.36
CA LEU A 20 0.39 -3.18 -15.17
C LEU A 20 -0.09 -4.16 -14.10
N LYS A 21 -0.83 -5.17 -14.53
CA LYS A 21 -1.21 -6.32 -13.69
C LYS A 21 0.03 -7.14 -13.27
N ALA A 22 0.95 -7.47 -14.18
CA ALA A 22 2.14 -8.29 -13.89
C ALA A 22 3.11 -7.65 -12.89
N ALA A 23 3.17 -6.31 -12.81
CA ALA A 23 3.93 -5.58 -11.79
C ALA A 23 3.51 -5.93 -10.35
N SER A 24 2.25 -6.32 -10.15
CA SER A 24 1.73 -6.77 -8.85
C SER A 24 1.69 -8.30 -8.77
N ARG A 25 1.02 -8.95 -9.72
CA ARG A 25 0.75 -10.39 -9.79
C ARG A 25 2.00 -11.26 -9.98
N GLY A 26 3.13 -10.69 -10.40
CA GLY A 26 4.43 -11.36 -10.49
C GLY A 26 5.03 -11.74 -9.14
N ASN A 27 4.54 -11.13 -8.04
CA ASN A 27 4.86 -11.52 -6.67
C ASN A 27 3.61 -11.86 -5.84
N GLY A 28 2.57 -11.01 -5.89
CA GLY A 28 1.29 -11.19 -5.20
C GLY A 28 1.25 -10.61 -3.78
N GLU A 29 2.34 -9.97 -3.35
CA GLU A 29 2.47 -9.24 -2.09
C GLU A 29 2.06 -7.78 -2.23
N TYR A 30 2.20 -7.00 -1.14
CA TYR A 30 1.89 -5.58 -1.05
C TYR A 30 2.35 -4.97 0.29
N ALA A 31 2.61 -3.67 0.27
CA ALA A 31 2.98 -2.86 1.42
C ALA A 31 2.58 -1.40 1.18
N TRP A 32 2.32 -0.68 2.27
CA TRP A 32 2.04 0.76 2.28
C TRP A 32 3.10 1.48 3.12
N TYR A 33 3.44 2.70 2.71
CA TYR A 33 4.48 3.53 3.34
C TYR A 33 4.02 4.99 3.49
N TYR A 34 4.62 5.73 4.42
CA TYR A 34 4.39 7.17 4.65
C TYR A 34 5.71 7.92 4.86
N GLU A 35 5.78 9.20 4.48
CA GLU A 35 6.98 10.03 4.69
C GLU A 35 7.12 10.47 6.15
N GLY A 36 7.84 9.67 6.95
CA GLY A 36 8.19 10.00 8.33
C GLY A 36 9.41 10.91 8.44
N ARG A 37 9.82 11.21 9.68
CA ARG A 37 10.86 12.21 10.00
C ARG A 37 12.23 11.91 9.38
N ASN A 38 12.59 10.63 9.26
CA ASN A 38 13.88 10.15 8.73
C ASN A 38 13.82 9.50 7.33
N GLY A 39 12.61 9.28 6.77
CA GLY A 39 12.37 8.69 5.45
C GLY A 39 11.04 7.95 5.37
N TRP A 40 10.80 7.23 4.26
CA TRP A 40 9.63 6.34 4.12
C TRP A 40 9.67 5.20 5.14
N TRP A 41 8.58 5.02 5.90
CA TRP A 41 8.41 3.92 6.85
C TRP A 41 7.12 3.14 6.57
N GLN A 42 7.17 1.82 6.75
CA GLN A 42 6.08 0.91 6.37
C GLN A 42 4.99 0.87 7.46
N TYR A 43 3.73 0.85 7.03
CA TYR A 43 2.57 0.59 7.90
C TYR A 43 2.53 -0.89 8.37
N ASP A 44 1.97 -1.12 9.55
CA ASP A 44 1.76 -2.45 10.15
C ASP A 44 0.89 -3.37 9.27
N GLU A 45 1.04 -4.69 9.38
CA GLU A 45 0.36 -5.69 8.54
C GLU A 45 -1.15 -5.75 8.78
N ARG A 46 -1.64 -5.25 9.92
CA ARG A 46 -3.07 -5.16 10.26
C ARG A 46 -3.65 -3.78 9.92
N THR A 47 -2.78 -2.79 9.63
CA THR A 47 -3.16 -1.43 9.23
C THR A 47 -3.13 -1.27 7.71
N SER A 48 -2.00 -1.61 7.08
CA SER A 48 -1.82 -1.51 5.62
C SER A 48 -2.86 -2.31 4.82
N ARG A 49 -3.34 -3.43 5.38
CA ARG A 49 -4.41 -4.22 4.78
C ARG A 49 -5.73 -3.45 4.66
N GLU A 50 -5.98 -2.48 5.54
CA GLU A 50 -7.21 -1.67 5.51
C GLU A 50 -7.16 -0.69 4.33
N LEU A 51 -5.97 -0.12 4.10
CA LEU A 51 -5.66 0.80 3.01
C LEU A 51 -5.73 0.07 1.66
N GLU A 52 -5.16 -1.14 1.59
CA GLU A 52 -5.19 -2.03 0.44
C GLU A 52 -6.61 -2.48 0.07
N ASP A 53 -7.52 -2.60 1.04
CA ASP A 53 -8.91 -3.03 0.82
C ASP A 53 -9.76 -1.85 0.32
N ALA A 54 -9.50 -0.65 0.83
CA ALA A 54 -10.29 0.56 0.55
C ALA A 54 -10.29 0.98 -0.92
N PHE A 55 -9.12 1.06 -1.57
CA PHE A 55 -9.05 1.40 -3.00
C PHE A 55 -9.60 0.26 -3.88
N SER A 56 -9.68 -0.95 -3.32
CA SER A 56 -10.26 -2.13 -3.96
C SER A 56 -11.80 -2.18 -3.82
N LYS A 57 -12.35 -1.64 -2.73
CA LYS A 57 -13.80 -1.52 -2.47
C LYS A 57 -14.43 -0.43 -3.35
N GLY A 58 -13.75 0.72 -3.46
CA GLY A 58 -14.17 1.88 -4.25
C GLY A 58 -14.24 3.18 -3.45
N LYS A 59 -14.06 3.15 -2.13
CA LYS A 59 -13.96 4.37 -1.33
C LYS A 59 -12.71 5.20 -1.67
N LYS A 60 -12.84 6.52 -1.47
CA LYS A 60 -11.83 7.53 -1.82
C LYS A 60 -10.96 7.96 -0.62
N ASN A 61 -11.24 7.39 0.56
CA ASN A 61 -10.52 7.59 1.82
C ASN A 61 -11.03 6.60 2.87
N THR A 62 -10.14 6.18 3.77
CA THR A 62 -10.45 5.24 4.87
C THR A 62 -9.81 5.69 6.18
N GLU A 63 -10.02 4.94 7.26
CA GLU A 63 -9.66 5.30 8.62
C GLU A 63 -8.88 4.17 9.30
N MET A 64 -7.95 4.56 10.18
CA MET A 64 -7.00 3.67 10.86
C MET A 64 -6.56 4.22 12.22
N LEU A 65 -6.31 3.30 13.16
CA LEU A 65 -5.84 3.57 14.51
C LEU A 65 -4.33 3.28 14.61
N ILE A 66 -3.63 4.12 15.37
CA ILE A 66 -2.17 4.02 15.59
C ILE A 66 -1.82 3.89 17.08
N ALA A 67 -0.64 4.34 17.50
CA ALA A 67 -0.17 4.31 18.89
C ALA A 67 -1.04 5.09 19.91
N GLY A 68 -1.95 5.96 19.44
CA GLY A 68 -2.85 6.74 20.30
C GLY A 68 -3.82 7.70 19.61
N PHE A 69 -4.02 7.56 18.29
CA PHE A 69 -4.75 8.53 17.45
C PHE A 69 -5.45 7.85 16.26
N LEU A 70 -6.53 8.48 15.76
CA LEU A 70 -7.20 8.10 14.52
C LEU A 70 -6.62 8.98 13.39
N TYR A 71 -6.11 8.32 12.34
CA TYR A 71 -5.71 8.96 11.10
C TYR A 71 -6.62 8.54 9.93
N VAL A 72 -7.09 9.53 9.18
CA VAL A 72 -7.79 9.37 7.91
C VAL A 72 -6.72 9.23 6.83
N ALA A 73 -6.74 8.11 6.12
CA ALA A 73 -5.92 7.89 4.92
C ALA A 73 -6.73 8.32 3.70
N ASP A 74 -6.34 9.43 3.09
CA ASP A 74 -6.93 9.99 1.88
C ASP A 74 -6.32 9.27 0.66
N LEU A 75 -7.15 8.49 -0.04
CA LEU A 75 -6.77 7.69 -1.20
C LEU A 75 -6.85 8.47 -2.52
N GLU A 76 -7.41 9.70 -2.52
CA GLU A 76 -7.40 10.58 -3.69
C GLU A 76 -6.04 11.28 -3.85
N ASN A 77 -5.60 11.92 -2.76
CA ASN A 77 -4.41 12.77 -2.68
C ASN A 77 -3.18 12.00 -2.21
N MET A 78 -3.38 10.76 -1.74
CA MET A 78 -2.37 9.87 -1.11
C MET A 78 -1.71 10.56 0.09
N VAL A 79 -2.48 10.84 1.15
CA VAL A 79 -1.96 11.47 2.39
C VAL A 79 -2.62 10.90 3.65
N GLN A 80 -1.93 10.97 4.79
CA GLN A 80 -2.50 10.72 6.11
C GLN A 80 -2.78 12.05 6.82
N TYR A 81 -3.85 12.13 7.63
CA TYR A 81 -4.14 13.26 8.52
C TYR A 81 -5.15 12.93 9.64
N ARG A 82 -5.17 13.74 10.71
CA ARG A 82 -6.09 13.61 11.85
C ARG A 82 -7.48 14.18 11.50
N ARG A 83 -8.56 13.49 11.89
CA ARG A 83 -9.97 13.84 11.56
C ARG A 83 -10.34 15.32 11.81
N ASN A 84 -9.93 15.86 12.96
CA ASN A 84 -10.26 17.22 13.41
C ASN A 84 -9.20 18.28 13.02
N GLU A 85 -8.13 17.87 12.33
CA GLU A 85 -6.93 18.66 12.05
C GLU A 85 -6.34 18.26 10.69
N HIS A 86 -7.20 18.23 9.66
CA HIS A 86 -6.91 17.68 8.34
C HIS A 86 -5.82 18.42 7.54
N GLY A 87 -5.51 19.66 7.94
CA GLY A 87 -4.44 20.48 7.37
C GLY A 87 -3.04 19.92 7.67
N ARG A 88 -2.83 19.35 8.87
CA ARG A 88 -1.64 18.58 9.22
C ARG A 88 -1.64 17.23 8.48
N ARG A 89 -0.86 17.14 7.41
CA ARG A 89 -0.81 15.97 6.51
C ARG A 89 0.58 15.72 5.93
N ARG A 90 0.78 14.50 5.41
CA ARG A 90 2.00 14.03 4.74
C ARG A 90 1.72 12.85 3.81
N LYS A 91 2.51 12.73 2.75
CA LYS A 91 2.33 11.77 1.65
C LYS A 91 2.48 10.30 2.07
N ILE A 92 1.67 9.45 1.44
CA ILE A 92 1.75 7.97 1.52
C ILE A 92 1.95 7.37 0.10
N LYS A 93 2.23 6.07 0.04
CA LYS A 93 2.40 5.31 -1.21
C LYS A 93 2.12 3.80 -1.03
N ARG A 94 1.96 3.10 -2.16
CA ARG A 94 1.95 1.63 -2.26
C ARG A 94 3.27 1.11 -2.84
N ASP A 95 3.64 -0.11 -2.48
CA ASP A 95 4.77 -0.88 -3.01
C ASP A 95 4.49 -2.39 -2.96
N ILE A 96 5.34 -3.18 -3.61
CA ILE A 96 5.25 -4.65 -3.70
C ILE A 96 6.56 -5.26 -3.20
N ILE A 97 6.44 -6.29 -2.37
CA ILE A 97 7.59 -7.07 -1.86
C ILE A 97 7.96 -8.18 -2.85
N ASP A 98 9.26 -8.43 -3.03
CA ASP A 98 9.79 -9.44 -3.95
C ASP A 98 10.20 -10.78 -3.30
N ILE A 99 10.46 -10.76 -1.98
CA ILE A 99 10.79 -11.91 -1.08
C ILE A 99 12.26 -12.40 -1.29
N PRO A 100 13.07 -12.52 -0.21
CA PRO A 100 14.46 -12.96 -0.28
C PRO A 100 14.58 -14.48 -0.43
N LYS A 101 15.80 -14.96 -0.69
CA LYS A 101 16.12 -16.39 -0.77
C LYS A 101 15.92 -17.17 0.56
N LYS A 102 15.80 -16.44 1.68
CA LYS A 102 15.47 -16.97 3.01
C LYS A 102 13.96 -17.23 3.21
N GLY A 103 13.10 -16.73 2.31
CA GLY A 103 11.62 -16.80 2.35
C GLY A 103 11.05 -18.17 2.00
N VAL A 104 11.52 -19.22 2.67
CA VAL A 104 11.08 -20.62 2.49
C VAL A 104 9.60 -20.76 2.86
N SER A 105 8.82 -21.44 2.01
CA SER A 105 7.35 -21.52 2.08
C SER A 105 6.80 -22.57 3.07
N GLY A 106 7.67 -23.32 3.76
CA GLY A 106 7.29 -24.32 4.76
C GLY A 106 6.64 -23.68 6.01
N PRO A 107 5.50 -24.21 6.52
CA PRO A 107 4.82 -23.68 7.70
C PRO A 107 5.70 -23.65 8.96
N SER A 108 5.52 -22.61 9.78
CA SER A 108 6.23 -22.42 11.05
C SER A 108 5.57 -23.14 12.25
N SER A 109 4.50 -23.90 12.02
CA SER A 109 3.67 -24.54 13.04
C SER A 109 4.30 -25.77 13.73
N GLY A 110 5.47 -26.24 13.25
CA GLY A 110 6.20 -27.40 13.79
C GLY A 110 7.49 -27.69 13.01
PG ATP B . 5.45 17.20 17.59
O1G ATP B . 4.83 17.17 18.94
O2G ATP B . 6.81 16.62 17.56
O3G ATP B . 5.32 18.52 16.92
PB ATP B . 4.20 15.87 15.32
O1B ATP B . 5.21 16.41 14.36
O2B ATP B . 2.78 16.23 15.12
O3B ATP B . 4.58 16.22 16.78
PA ATP B . 4.39 13.35 14.18
O1A ATP B . 5.82 13.17 13.83
O2A ATP B . 3.44 13.74 13.11
O3A ATP B . 4.31 14.33 15.36
O5' ATP B . 3.90 11.93 14.78
C5' ATP B . 2.83 11.84 15.73
C4' ATP B . 2.81 10.51 16.54
O4' ATP B . 1.95 9.53 15.94
C3' ATP B . 4.17 9.84 16.69
O3' ATP B . 4.23 9.11 17.92
C2' ATP B . 4.21 8.91 15.47
O2' ATP B . 5.04 7.76 15.64
C1' ATP B . 2.73 8.53 15.30
N9 ATP B . 2.34 8.44 13.87
C8 ATP B . 2.13 9.47 13.00
N7 ATP B . 1.93 9.11 11.76
C5 ATP B . 1.94 7.71 11.84
C6 ATP B . 1.72 6.65 10.93
N6 ATP B . 1.57 6.79 9.63
N1 ATP B . 1.62 5.39 11.34
C2 ATP B . 1.78 5.15 12.64
N3 ATP B . 2.05 6.03 13.61
C4 ATP B . 2.12 7.30 13.14
H5'1 ATP B . 2.92 12.64 16.46
H5'2 ATP B . 1.88 11.97 15.23
H4' ATP B . 2.42 10.74 17.53
H3' ATP B . 4.99 10.56 16.65
HO3' ATP B . 4.87 8.39 17.80
H2' ATP B . 4.54 9.48 14.60
HO2' ATP B . 5.97 8.04 15.65
H1' ATP B . 2.56 7.57 15.79
H8 ATP B . 2.11 10.50 13.33
HN61 ATP B . 1.71 7.71 9.20
HN62 ATP B . 1.52 5.95 9.08
H2 ATP B . 1.62 4.14 12.95
N PRO A 1 8.62 -27.22 -24.26
CA PRO A 1 9.48 -26.25 -23.54
C PRO A 1 10.70 -26.89 -22.86
N SER A 2 11.73 -26.10 -22.57
CA SER A 2 12.99 -26.55 -21.95
C SER A 2 12.97 -26.52 -20.41
N SER A 3 11.88 -26.05 -19.79
CA SER A 3 11.70 -25.91 -18.33
C SER A 3 10.20 -25.78 -17.98
N GLY A 4 9.87 -25.72 -16.68
CA GLY A 4 8.50 -25.68 -16.15
C GLY A 4 7.96 -27.07 -15.81
N SER A 5 6.64 -27.23 -15.82
CA SER A 5 5.92 -28.47 -15.47
C SER A 5 4.48 -28.47 -16.02
N SER A 6 3.84 -29.63 -16.05
CA SER A 6 2.48 -29.83 -16.60
C SER A 6 1.34 -29.38 -15.64
N GLY A 7 1.68 -29.00 -14.40
CA GLY A 7 0.75 -28.52 -13.37
C GLY A 7 1.39 -27.54 -12.37
N PHE A 8 0.54 -26.88 -11.59
CA PHE A 8 0.88 -25.81 -10.65
C PHE A 8 0.27 -26.04 -9.25
N LEU A 9 0.55 -25.13 -8.32
CA LEU A 9 0.01 -25.09 -6.95
C LEU A 9 -0.21 -23.63 -6.52
N ASP A 10 -1.33 -23.36 -5.85
CA ASP A 10 -1.80 -22.02 -5.48
C ASP A 10 -2.72 -22.05 -4.24
N LYS A 11 -3.08 -20.88 -3.74
CA LYS A 11 -3.82 -20.64 -2.50
C LYS A 11 -4.93 -19.57 -2.66
N PRO A 12 -5.93 -19.54 -1.75
CA PRO A 12 -7.08 -18.63 -1.81
C PRO A 12 -6.71 -17.18 -1.50
N THR A 13 -7.67 -16.29 -1.72
CA THR A 13 -7.55 -14.83 -1.71
C THR A 13 -8.90 -14.14 -1.73
N LEU A 14 -8.89 -12.83 -1.53
CA LEU A 14 -10.04 -11.93 -1.49
C LEU A 14 -10.12 -11.04 -2.75
N LEU A 15 -9.11 -11.11 -3.62
CA LEU A 15 -8.99 -10.27 -4.83
C LEU A 15 -9.60 -10.94 -6.08
N SER A 16 -9.47 -10.24 -7.20
CA SER A 16 -9.90 -10.65 -8.53
C SER A 16 -8.78 -11.32 -9.33
N PRO A 17 -9.12 -12.15 -10.33
CA PRO A 17 -8.15 -12.80 -11.23
C PRO A 17 -7.30 -11.81 -12.02
N GLU A 18 -7.79 -10.56 -12.20
CA GLU A 18 -7.08 -9.49 -12.90
C GLU A 18 -6.14 -8.68 -11.98
N GLU A 19 -6.23 -8.85 -10.66
CA GLU A 19 -5.36 -8.22 -9.66
C GLU A 19 -4.13 -9.09 -9.40
N LEU A 20 -4.36 -10.36 -9.12
CA LEU A 20 -3.35 -11.37 -8.79
C LEU A 20 -2.37 -11.54 -9.95
N LYS A 21 -2.90 -11.70 -11.16
CA LYS A 21 -2.08 -11.81 -12.38
C LYS A 21 -1.31 -10.51 -12.70
N ALA A 22 -1.82 -9.34 -12.30
CA ALA A 22 -1.12 -8.05 -12.45
C ALA A 22 0.01 -7.88 -11.42
N ALA A 23 -0.23 -8.25 -10.15
CA ALA A 23 0.77 -8.22 -9.08
C ALA A 23 1.89 -9.24 -9.32
N SER A 24 1.54 -10.47 -9.72
CA SER A 24 2.49 -11.56 -9.97
C SER A 24 3.40 -11.32 -11.19
N ARG A 25 3.01 -10.40 -12.10
CA ARG A 25 3.86 -9.95 -13.22
C ARG A 25 5.04 -9.08 -12.74
N GLY A 26 4.90 -8.42 -11.58
CA GLY A 26 5.95 -7.68 -10.88
C GLY A 26 6.70 -8.58 -9.90
N ASN A 27 5.99 -9.15 -8.93
CA ASN A 27 6.52 -10.13 -7.96
C ASN A 27 5.40 -10.97 -7.29
N GLY A 28 4.29 -10.32 -6.91
CA GLY A 28 3.12 -10.94 -6.24
C GLY A 28 2.88 -10.46 -4.81
N GLU A 29 3.84 -9.72 -4.22
CA GLU A 29 3.73 -9.09 -2.91
C GLU A 29 3.19 -7.64 -3.00
N TYR A 30 3.11 -6.96 -1.85
CA TYR A 30 2.63 -5.58 -1.69
C TYR A 30 2.86 -5.03 -0.28
N ALA A 31 3.01 -3.70 -0.18
CA ALA A 31 3.17 -2.96 1.06
C ALA A 31 2.72 -1.50 0.89
N TRP A 32 2.39 -0.87 2.02
CA TRP A 32 2.14 0.58 2.11
C TRP A 32 3.25 1.24 2.95
N TYR A 33 3.53 2.50 2.64
CA TYR A 33 4.53 3.33 3.33
C TYR A 33 3.99 4.74 3.59
N TYR A 34 4.57 5.42 4.59
CA TYR A 34 4.26 6.81 4.94
C TYR A 34 5.53 7.62 5.24
N GLU A 35 5.47 8.91 4.93
CA GLU A 35 6.57 9.86 5.09
C GLU A 35 6.61 10.33 6.54
N GLY A 36 7.53 9.77 7.32
CA GLY A 36 7.69 10.01 8.76
C GLY A 36 8.62 11.20 9.04
N ARG A 37 9.41 11.09 10.11
CA ARG A 37 10.34 12.14 10.56
C ARG A 37 11.75 12.03 9.93
N ASN A 38 12.13 10.83 9.48
CA ASN A 38 13.45 10.49 8.93
C ASN A 38 13.45 9.86 7.52
N GLY A 39 12.26 9.55 6.98
CA GLY A 39 12.06 8.97 5.64
C GLY A 39 10.76 8.18 5.51
N TRP A 40 10.60 7.43 4.41
CA TRP A 40 9.50 6.47 4.23
C TRP A 40 9.63 5.28 5.18
N TRP A 41 8.55 4.98 5.92
CA TRP A 41 8.45 3.85 6.85
C TRP A 41 7.22 2.99 6.53
N GLN A 42 7.37 1.66 6.66
CA GLN A 42 6.34 0.70 6.26
C GLN A 42 5.24 0.59 7.33
N TYR A 43 3.98 0.51 6.90
CA TYR A 43 2.83 0.21 7.77
C TYR A 43 2.83 -1.24 8.31
N ASP A 44 2.11 -1.46 9.42
CA ASP A 44 1.85 -2.79 9.98
C ASP A 44 0.90 -3.62 9.09
N GLU A 45 0.98 -4.96 9.18
CA GLU A 45 0.21 -5.89 8.35
C GLU A 45 -1.30 -5.87 8.64
N ARG A 46 -1.71 -5.40 9.82
CA ARG A 46 -3.13 -5.26 10.21
C ARG A 46 -3.68 -3.86 9.90
N THR A 47 -2.79 -2.90 9.62
CA THR A 47 -3.14 -1.51 9.23
C THR A 47 -3.13 -1.35 7.73
N SER A 48 -2.05 -1.73 7.05
CA SER A 48 -1.91 -1.61 5.58
C SER A 48 -2.99 -2.38 4.82
N ARG A 49 -3.50 -3.48 5.38
CA ARG A 49 -4.61 -4.23 4.78
C ARG A 49 -5.89 -3.40 4.70
N GLU A 50 -6.10 -2.41 5.59
CA GLU A 50 -7.29 -1.56 5.56
C GLU A 50 -7.21 -0.58 4.38
N LEU A 51 -6.00 -0.08 4.12
CA LEU A 51 -5.67 0.82 3.01
C LEU A 51 -5.77 0.09 1.67
N GLU A 52 -5.23 -1.14 1.60
CA GLU A 52 -5.27 -2.04 0.45
C GLU A 52 -6.72 -2.45 0.08
N ASP A 53 -7.61 -2.57 1.06
CA ASP A 53 -9.01 -2.99 0.87
C ASP A 53 -9.88 -1.82 0.40
N ALA A 54 -9.58 -0.62 0.89
CA ALA A 54 -10.37 0.58 0.65
C ALA A 54 -10.41 1.02 -0.83
N PHE A 55 -9.27 1.09 -1.53
CA PHE A 55 -9.27 1.40 -2.97
C PHE A 55 -9.87 0.27 -3.81
N SER A 56 -9.88 -0.94 -3.25
CA SER A 56 -10.48 -2.14 -3.85
C SER A 56 -12.01 -2.20 -3.66
N LYS A 57 -12.53 -1.63 -2.56
CA LYS A 57 -13.97 -1.48 -2.29
C LYS A 57 -14.60 -0.38 -3.16
N GLY A 58 -13.90 0.76 -3.29
CA GLY A 58 -14.32 1.92 -4.09
C GLY A 58 -14.34 3.23 -3.31
N LYS A 59 -14.14 3.21 -1.99
CA LYS A 59 -14.01 4.44 -1.21
C LYS A 59 -12.74 5.24 -1.58
N LYS A 60 -12.83 6.56 -1.39
CA LYS A 60 -11.80 7.55 -1.77
C LYS A 60 -10.92 7.99 -0.58
N ASN A 61 -11.19 7.44 0.61
CA ASN A 61 -10.46 7.64 1.86
C ASN A 61 -10.97 6.66 2.93
N THR A 62 -10.08 6.23 3.82
CA THR A 62 -10.40 5.31 4.92
C THR A 62 -9.75 5.75 6.24
N GLU A 63 -10.02 5.03 7.33
CA GLU A 63 -9.65 5.39 8.70
C GLU A 63 -8.85 4.26 9.37
N MET A 64 -7.93 4.65 10.25
CA MET A 64 -6.98 3.76 10.93
C MET A 64 -6.50 4.33 12.26
N LEU A 65 -6.27 3.44 13.23
CA LEU A 65 -5.75 3.72 14.57
C LEU A 65 -4.26 3.39 14.64
N ILE A 66 -3.50 4.22 15.37
CA ILE A 66 -2.05 4.11 15.55
C ILE A 66 -1.67 4.02 17.05
N ALA A 67 -0.47 4.48 17.43
CA ALA A 67 0.03 4.51 18.80
C ALA A 67 -0.82 5.33 19.80
N GLY A 68 -1.69 6.22 19.31
CA GLY A 68 -2.56 7.06 20.15
C GLY A 68 -3.49 8.04 19.42
N PHE A 69 -3.73 7.84 18.12
CA PHE A 69 -4.45 8.77 17.25
C PHE A 69 -5.22 8.05 16.14
N LEU A 70 -6.31 8.66 15.68
CA LEU A 70 -7.03 8.27 14.46
C LEU A 70 -6.47 9.11 13.30
N TYR A 71 -5.96 8.43 12.29
CA TYR A 71 -5.54 9.04 11.02
C TYR A 71 -6.50 8.64 9.88
N VAL A 72 -6.97 9.63 9.13
CA VAL A 72 -7.72 9.47 7.89
C VAL A 72 -6.69 9.35 6.76
N ALA A 73 -6.66 8.19 6.11
CA ALA A 73 -5.84 7.94 4.92
C ALA A 73 -6.65 8.37 3.68
N ASP A 74 -6.22 9.44 3.03
CA ASP A 74 -6.79 10.00 1.82
C ASP A 74 -6.23 9.25 0.60
N LEU A 75 -7.09 8.47 -0.06
CA LEU A 75 -6.75 7.63 -1.22
C LEU A 75 -6.82 8.41 -2.55
N GLU A 76 -7.34 9.64 -2.56
CA GLU A 76 -7.35 10.51 -3.75
C GLU A 76 -5.98 11.16 -3.99
N ASN A 77 -5.43 11.75 -2.93
CA ASN A 77 -4.22 12.56 -2.92
C ASN A 77 -2.99 11.77 -2.44
N MET A 78 -3.22 10.57 -1.91
CA MET A 78 -2.24 9.70 -1.23
C MET A 78 -1.52 10.45 -0.09
N VAL A 79 -2.27 10.83 0.94
CA VAL A 79 -1.77 11.45 2.20
C VAL A 79 -2.50 10.87 3.42
N GLN A 80 -2.01 11.15 4.62
CA GLN A 80 -2.66 10.89 5.90
C GLN A 80 -2.82 12.21 6.69
N TYR A 81 -3.90 12.32 7.48
CA TYR A 81 -4.15 13.44 8.40
C TYR A 81 -5.08 13.05 9.55
N ARG A 82 -4.93 13.70 10.71
CA ARG A 82 -5.71 13.49 11.93
C ARG A 82 -7.08 14.16 11.84
N ARG A 83 -8.14 13.53 12.37
CA ARG A 83 -9.53 14.04 12.26
C ARG A 83 -9.75 15.45 12.86
N ASN A 84 -8.86 15.94 13.73
CA ASN A 84 -8.93 17.28 14.32
C ASN A 84 -8.51 18.41 13.34
N GLU A 85 -7.74 18.12 12.28
CA GLU A 85 -7.33 19.09 11.26
C GLU A 85 -6.97 18.43 9.92
N HIS A 86 -7.58 18.91 8.84
CA HIS A 86 -7.47 18.35 7.50
C HIS A 86 -6.24 18.87 6.69
N GLY A 87 -5.78 20.09 7.01
CA GLY A 87 -4.70 20.78 6.28
C GLY A 87 -3.33 20.22 6.60
N ARG A 88 -3.02 20.03 7.88
CA ARG A 88 -1.81 19.36 8.37
C ARG A 88 -1.87 17.87 7.96
N ARG A 89 -0.95 17.45 7.09
CA ARG A 89 -0.93 16.13 6.44
C ARG A 89 0.47 15.67 6.10
N ARG A 90 0.66 14.35 5.96
CA ARG A 90 1.92 13.69 5.57
C ARG A 90 1.67 12.71 4.43
N LYS A 91 2.63 12.58 3.51
CA LYS A 91 2.53 11.72 2.32
C LYS A 91 2.46 10.22 2.64
N ILE A 92 1.74 9.44 1.81
CA ILE A 92 1.75 7.96 1.82
C ILE A 92 1.95 7.43 0.38
N LYS A 93 2.25 6.14 0.25
CA LYS A 93 2.41 5.45 -1.04
C LYS A 93 2.14 3.93 -0.94
N ARG A 94 1.98 3.30 -2.10
CA ARG A 94 1.95 1.84 -2.30
C ARG A 94 3.27 1.38 -2.94
N ASP A 95 3.73 0.19 -2.61
CA ASP A 95 4.98 -0.42 -3.10
C ASP A 95 4.91 -1.95 -3.09
N ILE A 96 5.99 -2.60 -3.53
CA ILE A 96 6.13 -4.04 -3.71
C ILE A 96 7.41 -4.55 -3.06
N ILE A 97 7.33 -5.71 -2.41
CA ILE A 97 8.49 -6.44 -1.88
C ILE A 97 9.02 -7.42 -2.93
N ASP A 98 10.35 -7.55 -3.02
CA ASP A 98 11.02 -8.41 -4.01
C ASP A 98 11.51 -9.77 -3.46
N ILE A 99 11.64 -9.90 -2.13
CA ILE A 99 11.98 -11.11 -1.34
C ILE A 99 13.49 -11.46 -1.41
N PRO A 100 14.18 -11.67 -0.26
CA PRO A 100 15.59 -12.02 -0.21
C PRO A 100 15.84 -13.49 -0.57
N LYS A 101 17.12 -13.88 -0.68
CA LYS A 101 17.53 -15.25 -1.03
C LYS A 101 16.98 -16.33 -0.07
N LYS A 102 16.69 -15.97 1.19
CA LYS A 102 16.03 -16.83 2.19
C LYS A 102 14.67 -17.40 1.73
N GLY A 103 14.04 -16.76 0.74
CA GLY A 103 12.82 -17.23 0.06
C GLY A 103 12.97 -18.55 -0.70
N VAL A 104 14.20 -19.04 -0.91
CA VAL A 104 14.49 -20.40 -1.42
C VAL A 104 13.97 -21.52 -0.50
N SER A 105 13.77 -21.24 0.79
CA SER A 105 13.20 -22.19 1.76
C SER A 105 11.67 -22.29 1.61
N GLY A 106 11.17 -23.46 1.21
CA GLY A 106 9.74 -23.72 0.97
C GLY A 106 8.92 -24.01 2.24
N PRO A 107 7.59 -24.11 2.11
CA PRO A 107 6.67 -24.42 3.22
C PRO A 107 6.77 -25.90 3.64
N SER A 108 6.27 -26.20 4.84
CA SER A 108 6.35 -27.55 5.47
C SER A 108 5.42 -28.60 4.82
N SER A 109 4.59 -28.22 3.86
CA SER A 109 3.64 -29.09 3.14
C SER A 109 3.16 -28.42 1.83
N GLY A 110 2.77 -29.23 0.84
CA GLY A 110 2.31 -28.79 -0.49
C GLY A 110 1.96 -29.95 -1.41
PG ATP B . 1.88 15.88 12.68
O1G ATP B . 3.24 15.83 12.09
O2G ATP B . 0.89 15.08 11.94
O3G ATP B . 1.43 17.24 13.02
PB ATP B . 2.25 15.48 15.50
O1B ATP B . 0.96 15.99 16.05
O2B ATP B . 3.48 16.30 15.68
O3B ATP B . 2.05 15.10 14.01
PA ATP B . 3.56 13.46 17.01
O1A ATP B . 3.68 14.21 18.28
O2A ATP B . 4.78 13.22 16.19
O3A ATP B . 2.45 14.07 16.12
O5' ATP B . 2.97 12.01 17.38
C5' ATP B . 2.46 11.13 16.37
C4' ATP B . 3.03 9.72 16.51
O4' ATP B . 2.33 8.87 15.60
C3' ATP B . 4.53 9.64 16.17
O3' ATP B . 5.15 8.59 16.91
C2' ATP B . 4.45 9.31 14.67
O2' ATP B . 5.64 8.72 14.13
C1' ATP B . 3.25 8.36 14.65
N9 ATP B . 2.63 8.22 13.30
C8 ATP B . 2.41 9.18 12.34
N7 ATP B . 2.02 8.71 11.19
C5 ATP B . 1.92 7.33 11.42
C6 ATP B . 1.51 6.21 10.66
N6 ATP B . 1.16 6.22 9.39
N1 ATP B . 1.40 4.99 11.20
C2 ATP B . 1.73 4.88 12.47
N3 ATP B . 2.18 5.81 13.31
C4 ATP B . 2.25 7.03 12.72
H5'1 ATP B . 1.39 11.09 16.46
H5'2 ATP B . 2.70 11.52 15.38
H4' ATP B . 2.87 9.38 17.54
H3' ATP B . 5.03 10.58 16.34
HO3' ATP B . 6.12 8.68 16.82
H2' ATP B . 4.22 10.22 14.13
HO2' ATP B . 5.94 8.02 14.74
H1' ATP B . 3.59 7.38 14.98
H8 ATP B . 2.52 10.24 12.53
HN61 ATP B . 1.24 7.09 8.86
HN62 ATP B . 0.99 5.34 8.95
H2 ATP B . 1.57 3.89 12.90
N PRO A 1 -1.30 32.75 -7.20
CA PRO A 1 -0.60 31.86 -8.15
C PRO A 1 0.69 31.26 -7.59
N SER A 2 1.21 30.20 -8.23
CA SER A 2 2.45 29.49 -7.85
C SER A 2 2.94 28.59 -9.00
N SER A 3 4.08 27.91 -8.83
CA SER A 3 4.74 27.03 -9.81
C SER A 3 5.78 26.12 -9.12
N GLY A 4 5.97 24.90 -9.64
CA GLY A 4 6.87 23.89 -9.11
C GLY A 4 6.25 23.02 -8.00
N SER A 5 6.89 21.91 -7.67
CA SER A 5 6.43 20.89 -6.71
C SER A 5 7.53 19.89 -6.34
N SER A 6 7.44 19.25 -5.18
CA SER A 6 8.35 18.18 -4.73
C SER A 6 7.95 16.78 -5.23
N GLY A 7 6.73 16.62 -5.74
CA GLY A 7 6.22 15.40 -6.40
C GLY A 7 6.42 15.40 -7.91
N PHE A 8 6.09 14.27 -8.55
CA PHE A 8 6.31 14.00 -9.97
C PHE A 8 5.06 13.41 -10.64
N LEU A 9 4.97 13.55 -11.97
CA LEU A 9 3.85 13.11 -12.81
C LEU A 9 4.17 11.77 -13.51
N ASP A 10 3.15 10.96 -13.77
CA ASP A 10 3.24 9.70 -14.52
C ASP A 10 3.60 9.90 -16.01
N LYS A 11 4.10 8.83 -16.64
CA LYS A 11 4.64 8.83 -18.00
C LYS A 11 4.05 7.71 -18.90
N PRO A 12 4.10 7.89 -20.25
CA PRO A 12 3.54 6.96 -21.22
C PRO A 12 4.40 5.69 -21.40
N THR A 13 3.98 4.83 -22.34
CA THR A 13 4.61 3.56 -22.70
C THR A 13 4.44 3.23 -24.17
N LEU A 14 5.28 2.32 -24.65
CA LEU A 14 5.37 1.87 -26.04
C LEU A 14 4.77 0.46 -26.22
N LEU A 15 4.34 -0.18 -25.12
CA LEU A 15 3.80 -1.54 -25.08
C LEU A 15 2.29 -1.58 -25.37
N SER A 16 1.74 -2.79 -25.32
CA SER A 16 0.33 -3.11 -25.47
C SER A 16 -0.37 -3.21 -24.10
N PRO A 17 -1.70 -3.04 -24.06
CA PRO A 17 -2.50 -3.16 -22.84
C PRO A 17 -2.39 -4.55 -22.20
N GLU A 18 -2.09 -5.58 -23.00
CA GLU A 18 -1.90 -6.96 -22.53
C GLU A 18 -0.55 -7.16 -21.83
N GLU A 19 0.50 -6.46 -22.28
CA GLU A 19 1.87 -6.57 -21.75
C GLU A 19 1.98 -6.01 -20.33
N LEU A 20 1.45 -4.80 -20.15
CA LEU A 20 1.45 -4.04 -18.90
C LEU A 20 0.64 -4.77 -17.83
N LYS A 21 -0.56 -5.22 -18.20
CA LYS A 21 -1.39 -6.09 -17.35
C LYS A 21 -0.70 -7.43 -17.01
N ALA A 22 0.03 -8.06 -17.95
CA ALA A 22 0.78 -9.29 -17.67
C ALA A 22 1.97 -9.06 -16.73
N ALA A 23 2.68 -7.94 -16.86
CA ALA A 23 3.73 -7.51 -15.95
C ALA A 23 3.19 -7.22 -14.54
N SER A 24 2.04 -6.56 -14.45
CA SER A 24 1.39 -6.22 -13.17
C SER A 24 0.82 -7.46 -12.44
N ARG A 25 0.36 -8.47 -13.20
CA ARG A 25 -0.05 -9.79 -12.67
C ARG A 25 1.10 -10.56 -12.01
N GLY A 26 2.34 -10.21 -12.37
CA GLY A 26 3.59 -10.77 -11.81
C GLY A 26 3.91 -10.33 -10.38
N ASN A 27 3.25 -9.28 -9.87
CA ASN A 27 3.40 -8.83 -8.47
C ASN A 27 2.80 -9.87 -7.49
N GLY A 28 3.65 -10.37 -6.58
CA GLY A 28 3.35 -11.47 -5.65
C GLY A 28 3.11 -11.05 -4.19
N GLU A 29 3.21 -9.77 -3.87
CA GLU A 29 3.15 -9.20 -2.51
C GLU A 29 2.69 -7.74 -2.57
N TYR A 30 2.67 -7.04 -1.43
CA TYR A 30 2.28 -5.63 -1.30
C TYR A 30 2.58 -5.07 0.09
N ALA A 31 2.79 -3.75 0.15
CA ALA A 31 3.03 -2.97 1.35
C ALA A 31 2.58 -1.52 1.14
N TRP A 32 2.32 -0.82 2.26
CA TRP A 32 2.07 0.61 2.29
C TRP A 32 3.13 1.31 3.14
N TYR A 33 3.45 2.56 2.79
CA TYR A 33 4.45 3.40 3.45
C TYR A 33 3.95 4.84 3.64
N TYR A 34 4.51 5.55 4.62
CA TYR A 34 4.26 6.98 4.88
C TYR A 34 5.56 7.74 5.16
N GLU A 35 5.64 9.01 4.80
CA GLU A 35 6.81 9.86 5.11
C GLU A 35 6.76 10.36 6.56
N GLY A 36 7.56 9.74 7.43
CA GLY A 36 7.81 10.22 8.79
C GLY A 36 8.93 11.26 8.84
N ARG A 37 9.58 11.40 10.00
CA ARG A 37 10.64 12.39 10.24
C ARG A 37 11.86 12.21 9.32
N ASN A 38 12.32 10.96 9.15
CA ASN A 38 13.58 10.61 8.48
C ASN A 38 13.44 9.99 7.07
N GLY A 39 12.22 9.63 6.64
CA GLY A 39 11.91 9.06 5.32
C GLY A 39 10.67 8.19 5.32
N TRP A 40 10.53 7.34 4.29
CA TRP A 40 9.46 6.34 4.18
C TRP A 40 9.58 5.25 5.26
N TRP A 41 8.48 4.98 5.97
CA TRP A 41 8.34 3.93 6.97
C TRP A 41 7.08 3.09 6.71
N GLN A 42 7.20 1.77 6.88
CA GLN A 42 6.17 0.81 6.48
C GLN A 42 5.06 0.70 7.54
N TYR A 43 3.81 0.59 7.11
CA TYR A 43 2.66 0.26 7.96
C TYR A 43 2.67 -1.22 8.42
N ASP A 44 2.00 -1.49 9.54
CA ASP A 44 1.76 -2.84 10.07
C ASP A 44 0.83 -3.67 9.16
N GLU A 45 0.91 -5.01 9.22
CA GLU A 45 0.16 -5.94 8.38
C GLU A 45 -1.36 -5.90 8.64
N ARG A 46 -1.79 -5.43 9.82
CA ARG A 46 -3.21 -5.29 10.17
C ARG A 46 -3.74 -3.88 9.86
N THR A 47 -2.85 -2.92 9.59
CA THR A 47 -3.19 -1.54 9.20
C THR A 47 -3.16 -1.38 7.68
N SER A 48 -2.06 -1.77 7.03
CA SER A 48 -1.89 -1.64 5.58
C SER A 48 -2.94 -2.42 4.78
N ARG A 49 -3.47 -3.51 5.33
CA ARG A 49 -4.57 -4.25 4.72
C ARG A 49 -5.85 -3.42 4.61
N GLU A 50 -6.07 -2.45 5.51
CA GLU A 50 -7.27 -1.60 5.47
C GLU A 50 -7.18 -0.61 4.30
N LEU A 51 -5.97 -0.10 4.07
CA LEU A 51 -5.62 0.82 2.98
C LEU A 51 -5.71 0.09 1.63
N GLU A 52 -5.17 -1.13 1.56
CA GLU A 52 -5.20 -2.00 0.39
C GLU A 52 -6.64 -2.45 0.02
N ASP A 53 -7.54 -2.57 1.00
CA ASP A 53 -8.93 -2.98 0.79
C ASP A 53 -9.79 -1.80 0.32
N ALA A 54 -9.53 -0.61 0.86
CA ALA A 54 -10.28 0.60 0.60
C ALA A 54 -10.29 1.04 -0.89
N PHE A 55 -9.12 1.09 -1.54
CA PHE A 55 -9.06 1.42 -2.98
C PHE A 55 -9.64 0.30 -3.86
N SER A 56 -9.75 -0.90 -3.30
CA SER A 56 -10.36 -2.08 -3.93
C SER A 56 -11.89 -2.12 -3.77
N LYS A 57 -12.42 -1.56 -2.67
CA LYS A 57 -13.86 -1.43 -2.40
C LYS A 57 -14.51 -0.34 -3.24
N GLY A 58 -13.83 0.81 -3.37
CA GLY A 58 -14.28 1.98 -4.14
C GLY A 58 -14.32 3.28 -3.34
N LYS A 59 -14.11 3.23 -2.01
CA LYS A 59 -13.97 4.46 -1.22
C LYS A 59 -12.70 5.25 -1.59
N LYS A 60 -12.79 6.56 -1.40
CA LYS A 60 -11.74 7.54 -1.77
C LYS A 60 -10.85 7.95 -0.58
N ASN A 61 -11.14 7.41 0.61
CA ASN A 61 -10.42 7.62 1.86
C ASN A 61 -10.93 6.64 2.91
N THR A 62 -10.04 6.19 3.80
CA THR A 62 -10.36 5.29 4.92
C THR A 62 -9.72 5.75 6.22
N GLU A 63 -9.99 5.06 7.33
CA GLU A 63 -9.61 5.43 8.68
C GLU A 63 -8.85 4.29 9.38
N MET A 64 -7.89 4.67 10.22
CA MET A 64 -6.95 3.76 10.90
C MET A 64 -6.47 4.31 12.24
N LEU A 65 -6.24 3.39 13.18
CA LEU A 65 -5.74 3.66 14.53
C LEU A 65 -4.24 3.33 14.60
N ILE A 66 -3.51 4.15 15.35
CA ILE A 66 -2.05 4.02 15.55
C ILE A 66 -1.68 3.89 17.03
N ALA A 67 -0.48 4.31 17.44
CA ALA A 67 0.00 4.29 18.83
C ALA A 67 -0.84 5.09 19.84
N GLY A 68 -1.72 5.99 19.39
CA GLY A 68 -2.60 6.79 20.25
C GLY A 68 -3.55 7.78 19.55
N PHE A 69 -3.78 7.63 18.24
CA PHE A 69 -4.49 8.60 17.39
C PHE A 69 -5.22 7.92 16.23
N LEU A 70 -6.29 8.56 15.76
CA LEU A 70 -7.00 8.22 14.52
C LEU A 70 -6.42 9.07 13.39
N TYR A 71 -5.95 8.42 12.33
CA TYR A 71 -5.55 9.05 11.08
C TYR A 71 -6.49 8.65 9.93
N VAL A 72 -6.97 9.65 9.18
CA VAL A 72 -7.72 9.51 7.94
C VAL A 72 -6.71 9.40 6.81
N ALA A 73 -6.65 8.24 6.16
CA ALA A 73 -5.84 8.01 4.97
C ALA A 73 -6.65 8.37 3.73
N ASP A 74 -6.29 9.47 3.08
CA ASP A 74 -6.88 9.96 1.84
C ASP A 74 -6.24 9.26 0.64
N LEU A 75 -7.05 8.47 -0.08
CA LEU A 75 -6.65 7.70 -1.25
C LEU A 75 -6.73 8.51 -2.55
N GLU A 76 -7.38 9.69 -2.55
CA GLU A 76 -7.40 10.60 -3.69
C GLU A 76 -6.00 11.17 -4.00
N ASN A 77 -5.39 11.79 -2.99
CA ASN A 77 -4.12 12.52 -3.08
C ASN A 77 -2.92 11.70 -2.55
N MET A 78 -3.20 10.52 -1.98
CA MET A 78 -2.25 9.64 -1.27
C MET A 78 -1.58 10.38 -0.10
N VAL A 79 -2.37 10.74 0.91
CA VAL A 79 -1.88 11.40 2.15
C VAL A 79 -2.61 10.87 3.38
N GLN A 80 -2.16 11.22 4.59
CA GLN A 80 -2.78 10.84 5.85
C GLN A 80 -2.71 11.97 6.89
N TYR A 81 -3.82 12.20 7.61
CA TYR A 81 -4.03 13.33 8.54
C TYR A 81 -5.01 13.03 9.68
N ARG A 82 -5.01 13.84 10.75
CA ARG A 82 -6.00 13.76 11.84
C ARG A 82 -7.37 14.30 11.40
N ARG A 83 -8.45 13.74 11.96
CA ARG A 83 -9.85 14.10 11.63
C ARG A 83 -10.18 15.60 11.81
N ASN A 84 -9.44 16.33 12.65
CA ASN A 84 -9.70 17.75 12.93
C ASN A 84 -9.41 18.69 11.75
N GLU A 85 -8.44 18.36 10.88
CA GLU A 85 -7.94 19.25 9.83
C GLU A 85 -7.10 18.52 8.77
N HIS A 86 -7.44 18.73 7.49
CA HIS A 86 -6.69 18.19 6.35
C HIS A 86 -5.26 18.75 6.20
N GLY A 87 -4.96 19.86 6.88
CA GLY A 87 -3.64 20.53 6.91
C GLY A 87 -2.60 19.80 7.75
N ARG A 88 -3.01 18.89 8.63
CA ARG A 88 -2.15 18.02 9.47
C ARG A 88 -1.68 16.77 8.69
N ARG A 89 -1.36 16.92 7.39
CA ARG A 89 -1.11 15.82 6.46
C ARG A 89 0.37 15.47 6.21
N ARG A 90 0.60 14.17 5.95
CA ARG A 90 1.86 13.56 5.53
C ARG A 90 1.61 12.65 4.32
N LYS A 91 2.56 12.56 3.39
CA LYS A 91 2.48 11.71 2.19
C LYS A 91 2.47 10.20 2.50
N ILE A 92 1.69 9.43 1.74
CA ILE A 92 1.70 7.94 1.74
C ILE A 92 1.92 7.40 0.32
N LYS A 93 2.20 6.09 0.21
CA LYS A 93 2.32 5.36 -1.05
C LYS A 93 2.05 3.85 -0.90
N ARG A 94 1.86 3.16 -2.05
CA ARG A 94 1.86 1.70 -2.17
C ARG A 94 3.22 1.25 -2.72
N ASP A 95 3.63 0.04 -2.37
CA ASP A 95 4.84 -0.63 -2.88
C ASP A 95 4.70 -2.16 -2.84
N ILE A 96 5.74 -2.86 -3.30
CA ILE A 96 5.79 -4.32 -3.46
C ILE A 96 7.07 -4.88 -2.84
N ILE A 97 6.92 -6.03 -2.18
CA ILE A 97 8.05 -6.82 -1.66
C ILE A 97 8.51 -7.87 -2.68
N ASP A 98 9.82 -8.08 -2.80
CA ASP A 98 10.44 -9.04 -3.73
C ASP A 98 10.96 -10.34 -3.06
N ILE A 99 11.16 -10.31 -1.73
CA ILE A 99 11.60 -11.40 -0.83
C ILE A 99 13.13 -11.68 -0.98
N PRO A 100 13.91 -11.70 0.13
CA PRO A 100 15.36 -11.87 0.08
C PRO A 100 15.76 -13.34 -0.15
N LYS A 101 17.04 -13.55 -0.47
CA LYS A 101 17.64 -14.89 -0.67
C LYS A 101 17.64 -15.78 0.59
N LYS A 102 17.36 -15.22 1.77
CA LYS A 102 17.10 -15.95 3.02
C LYS A 102 15.64 -16.45 3.13
N GLY A 103 14.69 -15.72 2.52
CA GLY A 103 13.26 -16.06 2.47
C GLY A 103 12.90 -16.97 1.29
N VAL A 104 13.50 -16.74 0.12
CA VAL A 104 13.41 -17.65 -1.04
C VAL A 104 14.28 -18.89 -0.76
N SER A 105 13.65 -20.06 -0.67
CA SER A 105 14.28 -21.34 -0.32
C SER A 105 13.36 -22.54 -0.64
N GLY A 106 13.93 -23.76 -0.66
CA GLY A 106 13.22 -25.01 -0.95
C GLY A 106 12.52 -25.62 0.28
N PRO A 107 11.73 -26.70 0.09
CA PRO A 107 11.01 -27.40 1.16
C PRO A 107 11.97 -28.25 2.02
N SER A 108 11.51 -28.61 3.22
CA SER A 108 12.28 -29.42 4.19
C SER A 108 12.51 -30.89 3.76
N SER A 109 11.92 -31.32 2.65
CA SER A 109 12.03 -32.68 2.10
C SER A 109 13.38 -32.98 1.42
N GLY A 110 14.24 -31.96 1.22
CA GLY A 110 15.58 -32.09 0.60
C GLY A 110 16.33 -30.76 0.53
PG ATP B . 1.45 15.87 18.53
O1G ATP B . 1.21 14.42 18.44
O2G ATP B . 2.30 16.28 19.67
O3G ATP B . 0.23 16.69 18.37
PB ATP B . 2.27 16.05 15.75
O1B ATP B . 3.44 16.77 15.19
O2B ATP B . 0.93 16.49 15.27
O3B ATP B . 2.34 16.20 17.30
PA ATP B . 3.61 13.71 15.06
O1A ATP B . 4.65 13.89 16.10
O2A ATP B . 3.99 13.90 13.64
O3A ATP B . 2.35 14.54 15.39
O5' ATP B . 3.07 12.20 15.18
C5' ATP B . 2.54 11.69 16.39
C4' ATP B . 2.81 10.18 16.57
O4' ATP B . 2.07 9.43 15.61
C3' ATP B . 4.30 9.83 16.41
O3' ATP B . 4.64 8.78 17.31
C2' ATP B . 4.34 9.36 14.94
O2' ATP B . 5.43 8.47 14.66
C1' ATP B . 2.98 8.69 14.81
N9 ATP B . 2.51 8.60 13.42
C8 ATP B . 2.23 9.62 12.54
N7 ATP B . 1.83 9.23 11.36
C5 ATP B . 1.82 7.83 11.48
C6 ATP B . 1.42 6.77 10.65
N6 ATP B . 0.96 6.91 9.43
N1 ATP B . 1.45 5.50 11.08
C2 ATP B . 1.87 5.28 12.32
N3 ATP B . 2.27 6.17 13.21
C4 ATP B . 2.22 7.44 12.73
H5'1 ATP B . 2.98 12.22 17.24
H5'2 ATP B . 1.46 11.85 16.42
H4' ATP B . 2.49 9.90 17.56
H3' ATP B . 4.93 10.70 16.56
HO3' ATP B . 5.45 8.35 16.96
H2' ATP B . 4.38 10.23 14.29
HO2' ATP B . 6.27 8.96 14.71
H1' ATP B . 3.07 7.67 15.23
H8 ATP B . 2.30 10.66 12.82
HN61 ATP B . 0.86 7.84 9.06
HN62 ATP B . 0.73 6.09 8.89
H2 ATP B . 1.86 4.25 12.64
N PRO A 1 -2.22 -27.96 -21.21
CA PRO A 1 -0.78 -27.81 -21.50
C PRO A 1 0.06 -29.04 -21.08
N SER A 2 1.38 -29.00 -21.29
CA SER A 2 2.31 -30.05 -20.83
C SER A 2 2.44 -30.12 -19.29
N SER A 3 2.10 -29.04 -18.59
CA SER A 3 1.95 -28.94 -17.13
C SER A 3 0.53 -29.34 -16.65
N GLY A 4 -0.30 -29.92 -17.53
CA GLY A 4 -1.69 -30.30 -17.26
C GLY A 4 -2.61 -29.08 -17.36
N SER A 5 -3.44 -28.89 -16.35
CA SER A 5 -4.39 -27.76 -16.24
C SER A 5 -3.82 -26.56 -15.46
N SER A 6 -2.52 -26.55 -15.14
CA SER A 6 -1.86 -25.52 -14.34
C SER A 6 -1.85 -24.13 -15.03
N GLY A 7 -2.09 -23.07 -14.25
CA GLY A 7 -2.15 -21.68 -14.70
C GLY A 7 -2.67 -20.71 -13.63
N PHE A 8 -2.57 -19.41 -13.89
CA PHE A 8 -2.93 -18.32 -12.99
C PHE A 8 -4.17 -17.54 -13.45
N LEU A 9 -4.74 -16.75 -12.54
CA LEU A 9 -5.93 -15.91 -12.74
C LEU A 9 -5.94 -14.73 -11.75
N ASP A 10 -6.80 -13.74 -12.00
CA ASP A 10 -6.86 -12.46 -11.27
C ASP A 10 -8.30 -11.94 -11.14
N LYS A 11 -8.60 -11.35 -9.98
CA LYS A 11 -9.86 -10.67 -9.67
C LYS A 11 -9.94 -9.24 -10.29
N PRO A 12 -11.15 -8.65 -10.38
CA PRO A 12 -11.36 -7.30 -10.91
C PRO A 12 -10.79 -6.23 -9.97
N THR A 13 -10.81 -4.97 -10.44
CA THR A 13 -10.13 -3.82 -9.83
C THR A 13 -10.63 -2.49 -10.37
N LEU A 14 -10.17 -1.42 -9.73
CA LEU A 14 -10.50 -0.02 -10.01
C LEU A 14 -9.25 0.80 -10.38
N LEU A 15 -8.06 0.17 -10.37
CA LEU A 15 -6.80 0.79 -10.80
C LEU A 15 -6.66 0.87 -12.33
N SER A 16 -5.54 1.43 -12.76
CA SER A 16 -5.13 1.54 -14.15
C SER A 16 -4.37 0.29 -14.63
N PRO A 17 -4.37 0.00 -15.95
CA PRO A 17 -3.66 -1.12 -16.54
C PRO A 17 -2.15 -1.04 -16.32
N GLU A 18 -1.60 0.16 -16.07
CA GLU A 18 -0.17 0.37 -15.81
C GLU A 18 0.22 0.06 -14.35
N GLU A 19 -0.70 0.26 -13.40
CA GLU A 19 -0.49 0.03 -11.96
C GLU A 19 -0.34 -1.47 -11.66
N LEU A 20 -1.27 -2.25 -12.19
CA LEU A 20 -1.39 -3.70 -12.01
C LEU A 20 -0.22 -4.41 -12.69
N LYS A 21 0.10 -4.02 -13.93
CA LYS A 21 1.31 -4.47 -14.63
C LYS A 21 2.60 -4.09 -13.86
N ALA A 22 2.70 -2.89 -13.29
CA ALA A 22 3.87 -2.50 -12.49
C ALA A 22 4.03 -3.34 -11.20
N ALA A 23 2.92 -3.67 -10.53
CA ALA A 23 2.90 -4.59 -9.38
C ALA A 23 3.34 -6.01 -9.78
N SER A 24 2.79 -6.53 -10.88
CA SER A 24 3.09 -7.87 -11.40
C SER A 24 4.55 -8.02 -11.85
N ARG A 25 5.13 -6.97 -12.47
CA ARG A 25 6.53 -6.89 -12.87
C ARG A 25 7.50 -6.77 -11.67
N GLY A 26 7.00 -6.42 -10.48
CA GLY A 26 7.75 -6.50 -9.22
C GLY A 26 7.73 -7.92 -8.68
N ASN A 27 6.53 -8.39 -8.28
CA ASN A 27 6.27 -9.79 -7.91
C ASN A 27 4.76 -10.16 -7.80
N GLY A 28 3.87 -9.17 -7.86
CA GLY A 28 2.43 -9.30 -7.54
C GLY A 28 2.12 -8.99 -6.07
N GLU A 29 3.12 -8.55 -5.31
CA GLU A 29 3.03 -8.10 -3.92
C GLU A 29 2.57 -6.64 -3.80
N TYR A 30 2.52 -6.11 -2.57
CA TYR A 30 2.10 -4.74 -2.23
C TYR A 30 2.38 -4.37 -0.76
N ALA A 31 2.58 -3.08 -0.52
CA ALA A 31 2.78 -2.48 0.79
C ALA A 31 2.39 -0.98 0.79
N TRP A 32 2.10 -0.45 1.97
CA TRP A 32 1.87 0.97 2.21
C TRP A 32 3.01 1.59 3.06
N TYR A 33 3.31 2.87 2.80
CA TYR A 33 4.37 3.63 3.45
C TYR A 33 3.93 5.06 3.80
N TYR A 34 4.57 5.66 4.81
CA TYR A 34 4.40 7.06 5.23
C TYR A 34 5.74 7.79 5.35
N GLU A 35 5.74 9.12 5.18
CA GLU A 35 6.95 9.92 5.43
C GLU A 35 7.19 10.05 6.93
N GLY A 36 8.17 9.29 7.45
CA GLY A 36 8.68 9.42 8.82
C GLY A 36 9.84 10.42 8.91
N ARG A 37 10.35 10.62 10.12
CA ARG A 37 11.36 11.65 10.42
C ARG A 37 12.73 11.38 9.77
N ASN A 38 13.08 10.10 9.56
CA ASN A 38 14.34 9.65 8.96
C ASN A 38 14.21 9.11 7.51
N GLY A 39 12.98 9.01 6.98
CA GLY A 39 12.65 8.55 5.62
C GLY A 39 11.29 7.86 5.55
N TRP A 40 10.97 7.29 4.38
CA TRP A 40 9.78 6.44 4.21
C TRP A 40 9.85 5.17 5.08
N TRP A 41 8.79 4.89 5.84
CA TRP A 41 8.66 3.68 6.68
C TRP A 41 7.34 2.94 6.39
N GLN A 42 7.39 1.60 6.44
CA GLN A 42 6.27 0.73 6.08
C GLN A 42 5.25 0.64 7.23
N TYR A 43 3.96 0.60 6.89
CA TYR A 43 2.85 0.36 7.84
C TYR A 43 2.82 -1.08 8.38
N ASP A 44 2.16 -1.25 9.54
CA ASP A 44 1.85 -2.56 10.13
C ASP A 44 0.86 -3.36 9.25
N GLU A 45 0.97 -4.70 9.29
CA GLU A 45 0.23 -5.61 8.40
C GLU A 45 -1.27 -5.66 8.71
N ARG A 46 -1.70 -5.19 9.89
CA ARG A 46 -3.11 -5.07 10.28
C ARG A 46 -3.66 -3.66 10.01
N THR A 47 -2.78 -2.69 9.71
CA THR A 47 -3.15 -1.33 9.30
C THR A 47 -3.17 -1.21 7.79
N SER A 48 -2.09 -1.57 7.10
CA SER A 48 -1.96 -1.45 5.64
C SER A 48 -3.04 -2.22 4.86
N ARG A 49 -3.52 -3.33 5.43
CA ARG A 49 -4.61 -4.11 4.85
C ARG A 49 -5.92 -3.30 4.77
N GLU A 50 -6.15 -2.36 5.68
CA GLU A 50 -7.36 -1.53 5.68
C GLU A 50 -7.33 -0.56 4.49
N LEU A 51 -6.13 -0.05 4.19
CA LEU A 51 -5.85 0.92 3.14
C LEU A 51 -5.88 0.26 1.75
N GLU A 52 -5.33 -0.96 1.66
CA GLU A 52 -5.43 -1.81 0.47
C GLU A 52 -6.88 -2.22 0.17
N ASP A 53 -7.65 -2.63 1.18
CA ASP A 53 -9.01 -3.15 1.02
C ASP A 53 -9.94 -2.03 0.53
N ALA A 54 -9.70 -0.82 1.03
CA ALA A 54 -10.41 0.39 0.66
C ALA A 54 -10.25 0.77 -0.84
N PHE A 55 -9.03 0.78 -1.40
CA PHE A 55 -8.87 1.02 -2.85
C PHE A 55 -9.45 -0.14 -3.67
N SER A 56 -9.54 -1.32 -3.07
CA SER A 56 -10.11 -2.54 -3.68
C SER A 56 -11.65 -2.60 -3.63
N LYS A 57 -12.28 -1.89 -2.68
CA LYS A 57 -13.74 -1.80 -2.51
C LYS A 57 -14.36 -0.77 -3.45
N GLY A 58 -13.72 0.40 -3.60
CA GLY A 58 -14.19 1.53 -4.40
C GLY A 58 -14.33 2.83 -3.63
N LYS A 59 -14.17 2.82 -2.29
CA LYS A 59 -14.07 4.06 -1.53
C LYS A 59 -12.81 4.87 -1.88
N LYS A 60 -12.85 6.18 -1.65
CA LYS A 60 -11.77 7.12 -1.96
C LYS A 60 -10.98 7.57 -0.71
N ASN A 61 -11.36 7.07 0.46
CA ASN A 61 -10.72 7.32 1.76
C ASN A 61 -11.27 6.38 2.83
N THR A 62 -10.47 6.09 3.86
CA THR A 62 -10.75 5.13 4.93
C THR A 62 -10.09 5.55 6.24
N GLU A 63 -10.34 4.82 7.32
CA GLU A 63 -9.93 5.16 8.69
C GLU A 63 -9.04 4.08 9.31
N MET A 64 -8.08 4.52 10.14
CA MET A 64 -7.07 3.68 10.80
C MET A 64 -6.57 4.28 12.11
N LEU A 65 -6.08 3.43 13.02
CA LEU A 65 -5.52 3.78 14.31
C LEU A 65 -3.99 3.65 14.29
N ILE A 66 -3.32 4.56 15.00
CA ILE A 66 -1.85 4.62 15.13
C ILE A 66 -1.39 4.52 16.60
N ALA A 67 -0.23 5.08 16.94
CA ALA A 67 0.35 5.11 18.29
C ALA A 67 -0.53 5.77 19.37
N GLY A 68 -1.54 6.57 18.99
CA GLY A 68 -2.46 7.24 19.92
C GLY A 68 -3.56 8.10 19.29
N PHE A 69 -3.86 7.91 17.99
CA PHE A 69 -4.73 8.79 17.21
C PHE A 69 -5.44 8.03 16.06
N LEU A 70 -6.64 8.52 15.70
CA LEU A 70 -7.37 8.10 14.50
C LEU A 70 -6.97 9.03 13.34
N TYR A 71 -6.50 8.44 12.24
CA TYR A 71 -6.19 9.14 10.99
C TYR A 71 -7.05 8.63 9.82
N VAL A 72 -7.52 9.56 9.00
CA VAL A 72 -8.25 9.33 7.76
C VAL A 72 -7.22 9.24 6.62
N ALA A 73 -7.06 8.04 6.06
CA ALA A 73 -6.24 7.77 4.90
C ALA A 73 -6.99 8.16 3.62
N ASP A 74 -6.60 9.29 3.04
CA ASP A 74 -7.12 9.83 1.79
C ASP A 74 -6.41 9.12 0.61
N LEU A 75 -7.15 8.29 -0.13
CA LEU A 75 -6.63 7.51 -1.26
C LEU A 75 -6.53 8.34 -2.55
N GLU A 76 -7.09 9.56 -2.57
CA GLU A 76 -7.08 10.46 -3.74
C GLU A 76 -5.81 11.31 -3.79
N ASN A 77 -5.51 11.96 -2.68
CA ASN A 77 -4.42 12.91 -2.48
C ASN A 77 -3.18 12.25 -1.85
N MET A 78 -3.33 11.00 -1.39
CA MET A 78 -2.32 10.16 -0.74
C MET A 78 -1.78 10.80 0.56
N VAL A 79 -2.68 11.06 1.52
CA VAL A 79 -2.34 11.76 2.79
C VAL A 79 -3.14 11.25 4.00
N GLN A 80 -2.59 11.49 5.20
CA GLN A 80 -3.16 11.17 6.50
C GLN A 80 -3.45 12.44 7.30
N TYR A 81 -4.63 12.52 7.93
CA TYR A 81 -5.06 13.62 8.81
C TYR A 81 -6.12 13.15 9.83
N ARG A 82 -6.28 13.85 10.97
CA ARG A 82 -7.36 13.58 11.93
C ARG A 82 -8.72 14.03 11.38
N ARG A 83 -9.82 13.38 11.81
CA ARG A 83 -11.18 13.59 11.27
C ARG A 83 -11.69 15.05 11.33
N ASN A 84 -11.12 15.88 12.21
CA ASN A 84 -11.50 17.27 12.44
C ASN A 84 -10.62 18.32 11.71
N GLU A 85 -9.55 17.91 11.00
CA GLU A 85 -8.55 18.82 10.41
C GLU A 85 -8.12 18.42 8.99
N HIS A 86 -7.50 19.35 8.26
CA HIS A 86 -6.91 19.12 6.93
C HIS A 86 -5.54 19.80 6.70
N GLY A 87 -5.24 20.87 7.44
CA GLY A 87 -4.00 21.68 7.27
C GLY A 87 -2.73 21.02 7.82
N ARG A 88 -2.87 19.99 8.67
CA ARG A 88 -1.77 19.20 9.25
C ARG A 88 -1.47 17.92 8.45
N ARG A 89 -2.10 17.73 7.28
CA ARG A 89 -2.03 16.49 6.48
C ARG A 89 -0.60 16.07 6.11
N ARG A 90 -0.31 14.77 6.19
CA ARG A 90 1.03 14.16 6.07
C ARG A 90 1.06 13.06 5.00
N LYS A 91 2.10 13.04 4.17
CA LYS A 91 2.19 12.20 2.96
C LYS A 91 2.36 10.69 3.21
N ILE A 92 1.71 9.90 2.34
CA ILE A 92 1.82 8.44 2.23
C ILE A 92 2.01 8.03 0.76
N LYS A 93 2.26 6.74 0.53
CA LYS A 93 2.35 6.11 -0.79
C LYS A 93 2.06 4.60 -0.75
N ARG A 94 1.82 4.02 -1.93
CA ARG A 94 1.78 2.57 -2.17
C ARG A 94 3.10 2.13 -2.82
N ASP A 95 3.57 0.94 -2.51
CA ASP A 95 4.81 0.34 -3.05
C ASP A 95 4.68 -1.19 -3.19
N ILE A 96 5.74 -1.84 -3.67
CA ILE A 96 5.77 -3.25 -4.06
C ILE A 96 7.02 -3.92 -3.49
N ILE A 97 6.83 -5.14 -2.97
CA ILE A 97 7.91 -6.02 -2.50
C ILE A 97 8.42 -6.92 -3.64
N ASP A 98 9.73 -7.17 -3.67
CA ASP A 98 10.40 -8.02 -4.66
C ASP A 98 10.64 -9.48 -4.23
N ILE A 99 10.80 -9.71 -2.91
CA ILE A 99 11.01 -11.01 -2.20
C ILE A 99 12.45 -11.55 -2.40
N PRO A 100 13.18 -11.90 -1.31
CA PRO A 100 14.55 -12.42 -1.38
C PRO A 100 14.58 -13.90 -1.75
N LYS A 101 15.78 -14.40 -2.05
CA LYS A 101 16.01 -15.82 -2.37
C LYS A 101 15.57 -16.78 -1.25
N LYS A 102 15.64 -16.35 0.02
CA LYS A 102 15.16 -17.09 1.19
C LYS A 102 13.62 -17.18 1.26
N GLY A 103 12.91 -16.23 0.63
CA GLY A 103 11.45 -16.23 0.48
C GLY A 103 10.98 -16.95 -0.79
N VAL A 104 11.73 -16.83 -1.89
CA VAL A 104 11.47 -17.55 -3.16
C VAL A 104 11.67 -19.07 -3.00
N SER A 105 12.68 -19.49 -2.23
CA SER A 105 12.95 -20.92 -1.94
C SER A 105 11.99 -21.46 -0.86
N GLY A 106 11.27 -22.55 -1.16
CA GLY A 106 10.36 -23.21 -0.22
C GLY A 106 11.11 -24.11 0.78
N PRO A 107 10.59 -24.29 2.02
CA PRO A 107 11.22 -25.13 3.05
C PRO A 107 10.98 -26.63 2.81
N SER A 108 9.99 -27.00 2.01
CA SER A 108 9.55 -28.39 1.75
C SER A 108 8.91 -28.55 0.35
N SER A 109 9.20 -27.63 -0.57
CA SER A 109 8.55 -27.48 -1.87
C SER A 109 9.41 -26.66 -2.86
N GLY A 110 9.09 -26.78 -4.17
CA GLY A 110 9.79 -26.07 -5.26
C GLY A 110 9.29 -26.49 -6.65
PG ATP B . 5.87 15.33 14.05
O1G ATP B . 6.02 16.65 14.71
O2G ATP B . 6.01 14.19 14.99
O3G ATP B . 6.70 15.16 12.85
PB ATP B . 3.23 15.98 12.88
O1B ATP B . 3.16 15.50 11.47
O2B ATP B . 3.31 17.46 13.09
O3B ATP B . 4.41 15.22 13.57
PA ATP B . 1.31 15.51 14.95
O1A ATP B . -0.11 15.91 14.80
O2A ATP B . 2.15 16.28 15.90
O3A ATP B . 1.93 15.44 13.54
O5' ATP B . 1.29 13.98 15.44
C5' ATP B . 2.48 13.21 15.40
C4' ATP B . 2.34 11.81 16.05
O4' ATP B . 1.52 10.95 15.27
C3' ATP B . 3.71 11.14 16.13
O3' ATP B . 3.73 10.17 17.17
C2' ATP B . 3.80 10.50 14.74
O2' ATP B . 4.70 9.40 14.67
C1' ATP B . 2.34 10.05 14.53
N9 ATP B . 1.95 10.02 13.10
C8 ATP B . 1.53 11.04 12.29
N7 ATP B . 1.37 10.71 11.03
C5 ATP B . 1.63 9.33 11.04
C6 ATP B . 1.60 8.30 10.07
N6 ATP B . 1.36 8.49 8.78
N1 ATP B . 1.78 7.03 10.41
C2 ATP B . 2.04 6.76 11.67
N3 ATP B . 2.15 7.61 12.70
C4 ATP B . 1.93 8.90 12.30
H5'1 ATP B . 2.79 13.08 14.35
H5'2 ATP B . 3.27 13.75 15.91
H4' ATP B . 1.92 11.94 17.05
H3' ATP B . 4.51 11.88 16.26
HO3' ATP B . 4.46 9.55 16.98
H2' ATP B . 4.05 11.25 14.00
HO2' ATP B . 5.62 9.74 14.76
H1' ATP B . 2.24 9.05 14.95
H8 ATP B . 1.33 12.04 12.65
HN61 ATP B . 1.21 9.43 8.44
HN62 ATP B . 1.38 7.69 8.18
H2 ATP B . 2.16 5.71 11.94
#